data_6KLB
#
_entry.id   6KLB
#
_cell.length_a   1.00
_cell.length_b   1.00
_cell.length_c   1.00
_cell.angle_alpha   90.00
_cell.angle_beta   90.00
_cell.angle_gamma   90.00
#
_symmetry.space_group_name_H-M   'P 1'
#
loop_
_entity.id
_entity.type
_entity.pdbx_description
1 polymer LbCas12a
2 polymer AcrVA4
3 polymer crRNA
4 non-polymer 'MAGNESIUM ION'
5 water water
#
loop_
_entity_poly.entity_id
_entity_poly.type
_entity_poly.pdbx_seq_one_letter_code
_entity_poly.pdbx_strand_id
1 'polypeptide(L)'
;MSKLEKFTNCYSLSKTLRFKAIPVGKTQENIDNKRLLVEDEKRAEDYKGVKKLLDRYYLSFINDVLHSIKLKNLNNYISL
FRKKTRTEKENKELENLEINLRKEIAKAFKGNEGYKSLFKKDIIETILPEFLDDKDEIALVNSFNGFTTAFTGFFDNREN
MFSEEAKSTSIAFRCINENLTRYISNMDIFEKVDAIFDKHEVQEIKEKILNSDYDVEDFFEGEFFNFVLTQEGIDVYNAI
IGGFVTESGEKIKGLNEYINLYNQKTKQKLPKFKPLYKQVLSDRESLSFYGEGYTSDEEVLEVFRNTLNKNSEIFSSIKK
LEKLFKNFDEYSSAGIFVKNGPAISTISKDIFGEWNVIRDKWNAEYDDIHLKKKAVVTEKYEDDRRKSFKKIGSFSLEQL
QEYADADLSVVEKLKEIIIQKVDEIYKVYGSSEKLFDADFVLEKSLKKNDAVVAIMKDLLDSVKSFENYIKAFFGEGKET
NRDESFYGDFVLAYDILLKVDHIYDAIRNYVTQKPYSKDKFKLYFQNPQFMGGWDKDKETDYRATILRYGSKYYLAIMDK
KYAKCLQKIDKDDVNGNYEKINYKLLPGPNKMLPKVFFSKKWMAYYNPSEDIQKIYKNGTFKKGDMFNLNDCHKLIDFFK
DSISRYPKWSNAYDFNFSETEKYKDIAGFYREVEEQGYKVSFESASKKEVDKLVEEGKLYMFQIYNKDFSDKSHGTPNLH
TMYFKLLFDENNHGQIRLSGGAELFMRRASLKKEELVVHPANSPIANKNPDNPKKTTTLSYDVYKDKRFSEDQYELHIPI
AINKCPKNIFKINTEVRVLLKHDDNPYVIGIDRGERNLLYIVVVDGKGNIVEQYSLNEIINNFNGIRIKTDYHSLLDKKE
KERFEARQNWTSIENIKELKAGYISQVVHKICELVEKYDAVIALEDLNSGFKNSRVKVEKQVYQKFEKMLIDKLNYMVDK
KSNPCATGGALKGYQITNKFESFKSMSTQNGFIFYIPAWLTSKIDPSTGFVNLLKTKYTSIADSKKFISSFDRIMYVPEE
DLFEFALDYKNFSRTDADYIKKWKLYSYGNRIRIFRNPKKNNVFDWEEVCLTSAYKELFNKYGINYQQGDIRALLCEQSD
KAFYSSFMALMSLMLQMRNSITGRTDVDFLISPVKNSDGIFYDSRNYEAQENAILPKNADANGAYNIARKVLWAIGQFKK
AEDEKLDKVKIAISNKEWLEYAQTSVKH
;
A,D
2 'polypeptide(L)'
;MYEIKLNDTLIHQTDDRVNAFVAYRYLLRRGDLPKCENIARMYYDGKVIKTDVIDHDSVHSDEQAKVSNNDIIKMAISEL
GVNNFKSLIKKQGYPFSNGHINSWFTDDPVKSKTMHNDEMYLVVQALIRACIIKEIDLYTEQLYNIIKSLPYDKRPNVVY
SDQPLDPNNLDLSEPELWAEQVGECMRYAHNDQPCFYIGSTKRELRVNYIVPVIGVRDEIERVMTLEEVRNLHK
;
B,C
3 'polyribonucleotide' AAUUUCUACUAAGUGUAGAUCGGUCUCGCAAAGAAUGGAUAU E,G
#
loop_
_chem_comp.id
_chem_comp.type
_chem_comp.name
_chem_comp.formula
A RNA linking ADENOSINE-5'-MONOPHOSPHATE 'C10 H14 N5 O7 P'
C RNA linking CYTIDINE-5'-MONOPHOSPHATE 'C9 H14 N3 O8 P'
G RNA linking GUANOSINE-5'-MONOPHOSPHATE 'C10 H14 N5 O8 P'
MG non-polymer 'MAGNESIUM ION' 'Mg 2'
U RNA linking URIDINE-5'-MONOPHOSPHATE 'C9 H13 N2 O9 P'
#
# COMPACT_ATOMS: atom_id res chain seq x y z
N MET A 1 -50.36 11.52 -14.82
CA MET A 1 -50.16 12.94 -14.50
C MET A 1 -49.56 13.11 -13.11
N SER A 2 -49.38 14.36 -12.71
CA SER A 2 -48.81 14.67 -11.41
C SER A 2 -49.37 16.01 -10.93
N LYS A 3 -49.15 16.30 -9.66
CA LYS A 3 -49.65 17.53 -9.05
C LYS A 3 -48.57 18.58 -8.80
N LEU A 4 -47.30 18.23 -8.98
CA LEU A 4 -46.24 19.20 -8.76
C LEU A 4 -46.07 20.16 -9.94
N GLU A 5 -46.70 19.86 -11.08
CA GLU A 5 -46.53 20.71 -12.26
C GLU A 5 -47.29 22.03 -12.12
N LYS A 6 -48.39 22.04 -11.37
CA LYS A 6 -49.15 23.27 -11.17
C LYS A 6 -48.42 24.22 -10.23
N PHE A 7 -47.59 23.70 -9.34
CA PHE A 7 -46.90 24.50 -8.34
C PHE A 7 -45.52 24.95 -8.79
N THR A 8 -45.22 24.85 -10.08
CA THR A 8 -44.01 25.43 -10.62
C THR A 8 -44.12 26.94 -10.69
N ASN A 9 -42.96 27.61 -10.69
CA ASN A 9 -42.67 29.03 -10.93
C ASN A 9 -43.71 30.03 -10.42
N CYS A 10 -44.14 29.86 -9.17
CA CYS A 10 -45.27 30.63 -8.65
C CYS A 10 -44.86 32.06 -8.27
N TYR A 11 -43.69 32.25 -7.68
CA TYR A 11 -43.33 33.55 -7.12
C TYR A 11 -41.85 33.82 -7.37
N SER A 12 -41.37 34.95 -6.85
CA SER A 12 -40.01 35.40 -7.12
C SER A 12 -39.05 34.96 -6.02
N LEU A 13 -37.79 34.75 -6.40
CA LEU A 13 -36.78 34.44 -5.39
C LEU A 13 -35.43 35.01 -5.83
N SER A 14 -34.80 35.77 -4.95
CA SER A 14 -33.47 36.29 -5.20
C SER A 14 -32.41 35.38 -4.60
N LYS A 15 -31.32 35.20 -5.33
CA LYS A 15 -30.18 34.40 -4.87
C LYS A 15 -28.91 35.19 -5.12
N THR A 16 -27.82 34.70 -4.51
CA THR A 16 -26.51 35.33 -4.64
C THR A 16 -25.47 34.24 -4.90
N LEU A 17 -24.94 34.20 -6.11
CA LEU A 17 -23.95 33.20 -6.46
C LEU A 17 -22.58 33.61 -5.92
N ARG A 18 -21.72 32.61 -5.70
CA ARG A 18 -20.34 32.84 -5.31
C ARG A 18 -19.47 31.96 -6.17
N PHE A 19 -18.38 32.51 -6.72
CA PHE A 19 -17.47 31.73 -7.54
C PHE A 19 -16.03 32.14 -7.28
N LYS A 20 -15.11 31.40 -7.87
CA LYS A 20 -13.68 31.50 -7.64
C LYS A 20 -13.05 32.31 -8.78
N ALA A 21 -12.82 33.59 -8.54
CA ALA A 21 -12.14 34.43 -9.51
C ALA A 21 -10.65 34.46 -9.19
N ILE A 22 -9.84 34.07 -10.18
CA ILE A 22 -8.38 34.06 -10.11
C ILE A 22 -7.87 35.02 -11.18
N PRO A 23 -6.70 35.65 -11.00
CA PRO A 23 -6.20 36.55 -12.04
C PRO A 23 -5.62 35.79 -13.22
N VAL A 24 -5.56 36.47 -14.36
CA VAL A 24 -4.98 35.92 -15.59
C VAL A 24 -3.74 36.73 -15.90
N GLY A 25 -2.58 36.24 -15.48
CA GLY A 25 -1.30 36.81 -15.83
C GLY A 25 -0.98 38.17 -15.26
N LYS A 26 -0.31 39.00 -16.07
CA LYS A 26 0.25 40.29 -15.68
C LYS A 26 -0.79 41.31 -15.25
N THR A 27 -2.08 41.04 -15.48
CA THR A 27 -3.15 41.85 -14.90
C THR A 27 -3.04 41.93 -13.39
N GLN A 28 -2.67 40.81 -12.74
CA GLN A 28 -2.36 40.84 -11.31
C GLN A 28 -1.19 41.75 -11.02
N GLU A 29 -0.16 41.71 -11.89
CA GLU A 29 0.93 42.67 -11.79
C GLU A 29 0.44 44.09 -12.08
N ASN A 30 -0.56 44.24 -12.94
CA ASN A 30 -1.17 45.55 -13.14
C ASN A 30 -2.00 45.98 -11.93
N ILE A 31 -2.35 45.05 -11.05
CA ILE A 31 -2.88 45.43 -9.74
C ILE A 31 -1.73 45.90 -8.85
N ASP A 32 -0.56 45.29 -8.98
CA ASP A 32 0.54 45.58 -8.05
C ASP A 32 1.30 46.83 -8.43
N ASN A 33 1.42 47.12 -9.73
CA ASN A 33 2.25 48.22 -10.20
C ASN A 33 1.48 49.53 -10.38
N LYS A 34 0.33 49.68 -9.71
CA LYS A 34 -0.39 50.95 -9.70
C LYS A 34 -0.70 51.46 -8.30
N ARG A 35 -0.47 50.64 -7.26
CA ARG A 35 -0.63 51.00 -5.85
C ARG A 35 -2.06 51.46 -5.53
N LEU A 36 -3.00 50.51 -5.67
CA LEU A 36 -4.42 50.82 -5.57
C LEU A 36 -5.11 50.24 -4.35
N LEU A 37 -4.45 49.39 -3.58
CA LEU A 37 -5.12 48.65 -2.52
C LEU A 37 -4.66 48.98 -1.10
N VAL A 38 -3.59 49.76 -0.93
CA VAL A 38 -3.25 50.18 0.43
C VAL A 38 -4.21 51.28 0.89
N GLU A 39 -4.75 52.06 -0.04
CA GLU A 39 -5.73 53.09 0.30
C GLU A 39 -7.07 52.49 0.68
N ASP A 40 -7.35 51.26 0.26
CA ASP A 40 -8.59 50.59 0.65
C ASP A 40 -8.48 49.96 2.03
N GLU A 41 -7.29 49.48 2.40
CA GLU A 41 -7.09 48.94 3.74
C GLU A 41 -7.02 50.06 4.76
N LYS A 42 -6.23 51.10 4.47
CA LYS A 42 -6.17 52.27 5.35
C LYS A 42 -7.50 53.00 5.37
N ARG A 43 -8.21 53.00 4.24
CA ARG A 43 -9.55 53.57 4.19
C ARG A 43 -10.56 52.71 4.97
N ALA A 44 -10.29 51.42 5.11
CA ALA A 44 -11.16 50.56 5.89
C ALA A 44 -10.97 50.77 7.39
N GLU A 45 -9.71 50.86 7.85
CA GLU A 45 -9.43 51.18 9.24
C GLU A 45 -9.94 52.58 9.59
N ASP A 46 -9.76 53.53 8.67
CA ASP A 46 -10.36 54.85 8.83
C ASP A 46 -11.87 54.79 8.80
N TYR A 47 -12.46 53.77 8.14
CA TYR A 47 -13.91 53.61 8.17
C TYR A 47 -14.38 53.10 9.53
N LYS A 48 -13.59 52.26 10.21
CA LYS A 48 -13.88 51.98 11.61
C LYS A 48 -13.80 53.24 12.47
N GLY A 49 -12.82 54.10 12.18
CA GLY A 49 -12.77 55.41 12.84
C GLY A 49 -13.98 56.28 12.57
N VAL A 50 -14.50 56.25 11.34
CA VAL A 50 -15.68 57.02 11.00
C VAL A 50 -16.92 56.47 11.69
N LYS A 51 -16.99 55.14 11.84
CA LYS A 51 -18.12 54.55 12.60
C LYS A 51 -18.09 54.97 14.06
N LYS A 52 -16.89 55.01 14.67
CA LYS A 52 -16.80 55.46 16.06
C LYS A 52 -17.14 56.94 16.20
N LEU A 53 -16.67 57.77 15.26
CA LEU A 53 -16.91 59.21 15.39
C LEU A 53 -18.35 59.58 15.04
N LEU A 54 -19.01 58.81 14.17
CA LEU A 54 -20.44 59.03 13.95
C LEU A 54 -21.27 58.51 15.11
N ASP A 55 -20.76 57.50 15.84
CA ASP A 55 -21.41 57.13 17.10
C ASP A 55 -21.30 58.25 18.13
N ARG A 56 -20.15 58.93 18.17
CA ARG A 56 -19.99 60.02 19.13
C ARG A 56 -20.81 61.25 18.74
N TYR A 57 -20.83 61.59 17.44
CA TYR A 57 -21.64 62.71 16.99
C TYR A 57 -23.13 62.43 17.10
N TYR A 58 -23.55 61.18 16.90
CA TYR A 58 -24.95 60.86 17.14
C TYR A 58 -25.27 60.84 18.63
N LEU A 59 -24.28 60.57 19.48
CA LEU A 59 -24.48 60.71 20.92
C LEU A 59 -24.71 62.16 21.30
N SER A 60 -23.90 63.07 20.73
CA SER A 60 -24.13 64.51 20.96
C SER A 60 -25.43 64.99 20.32
N PHE A 61 -25.87 64.31 19.25
CA PHE A 61 -27.16 64.66 18.64
C PHE A 61 -28.32 64.24 19.53
N ILE A 62 -28.20 63.06 20.18
CA ILE A 62 -29.22 62.63 21.14
C ILE A 62 -29.23 63.56 22.36
N ASN A 63 -28.06 64.07 22.76
CA ASN A 63 -28.02 65.06 23.83
C ASN A 63 -28.68 66.37 23.42
N ASP A 64 -28.44 66.81 22.18
CA ASP A 64 -29.02 68.08 21.72
C ASP A 64 -30.52 67.98 21.48
N VAL A 65 -31.01 66.80 21.09
CA VAL A 65 -32.46 66.61 20.95
C VAL A 65 -33.11 66.53 22.32
N LEU A 66 -32.61 65.64 23.18
CA LEU A 66 -33.22 65.41 24.49
C LEU A 66 -32.91 66.50 25.51
N HIS A 67 -32.15 67.54 25.14
CA HIS A 67 -31.92 68.63 26.08
C HIS A 67 -33.18 69.49 26.27
N SER A 68 -33.68 70.08 25.19
CA SER A 68 -34.80 71.02 25.26
C SER A 68 -36.12 70.35 24.90
N ILE A 69 -36.58 69.44 25.76
CA ILE A 69 -37.88 68.80 25.63
C ILE A 69 -38.60 68.90 26.98
N LYS A 70 -39.80 69.47 26.96
CA LYS A 70 -40.65 69.55 28.15
C LYS A 70 -41.93 68.77 27.91
N LEU A 71 -42.60 68.42 29.01
CA LEU A 71 -43.82 67.62 28.97
C LEU A 71 -44.97 68.38 29.61
N LYS A 72 -46.19 68.00 29.22
CA LYS A 72 -47.40 68.68 29.67
C LYS A 72 -48.32 67.79 30.48
N ASN A 73 -48.66 66.60 29.98
CA ASN A 73 -49.59 65.70 30.62
C ASN A 73 -48.89 64.66 31.50
N LEU A 74 -47.76 65.06 32.11
CA LEU A 74 -47.00 64.13 32.93
C LEU A 74 -47.70 63.85 34.25
N ASN A 75 -48.45 64.82 34.77
CA ASN A 75 -49.06 64.70 36.09
C ASN A 75 -50.24 63.74 36.09
N ASN A 76 -50.95 63.59 34.97
CA ASN A 76 -52.09 62.70 34.90
C ASN A 76 -51.71 61.22 34.90
N TYR A 77 -50.63 60.84 34.20
CA TYR A 77 -50.11 59.49 34.24
C TYR A 77 -49.61 59.09 35.62
N ILE A 78 -48.98 60.02 36.33
CA ILE A 78 -48.57 59.77 37.72
C ILE A 78 -49.80 59.63 38.60
N SER A 79 -50.71 60.60 38.53
CA SER A 79 -51.84 60.70 39.45
C SER A 79 -52.99 59.75 39.10
N LEU A 80 -52.84 58.95 38.05
CA LEU A 80 -53.80 57.89 37.78
C LEU A 80 -53.14 56.52 37.74
N PHE A 81 -51.81 56.48 37.65
CA PHE A 81 -51.13 55.19 37.61
C PHE A 81 -50.97 54.58 39.00
N ARG A 82 -50.49 55.35 39.97
CA ARG A 82 -50.14 54.84 41.29
C ARG A 82 -51.28 54.94 42.29
N LYS A 83 -52.46 55.43 41.90
CA LYS A 83 -53.52 55.79 42.82
C LYS A 83 -54.65 54.77 42.85
N LYS A 84 -54.31 53.48 42.80
CA LYS A 84 -55.24 52.34 42.92
C LYS A 84 -56.32 52.40 41.82
N THR A 85 -55.83 52.15 40.60
CA THR A 85 -56.60 52.24 39.36
C THR A 85 -57.88 51.40 39.34
N ARG A 86 -58.76 51.71 38.39
CA ARG A 86 -60.15 51.26 38.38
C ARG A 86 -60.51 50.57 37.06
N THR A 87 -59.66 49.63 36.63
CA THR A 87 -59.60 49.18 35.24
C THR A 87 -60.90 48.55 34.75
N GLU A 88 -61.59 49.31 33.90
CA GLU A 88 -62.81 48.94 33.21
C GLU A 88 -62.59 49.44 31.78
N LYS A 89 -61.43 49.07 31.24
CA LYS A 89 -60.71 49.72 30.14
C LYS A 89 -60.34 51.15 30.55
N GLU A 90 -60.01 51.33 31.83
CA GLU A 90 -59.37 52.54 32.31
C GLU A 90 -57.90 52.56 31.91
N ASN A 91 -57.25 51.40 31.91
CA ASN A 91 -55.90 51.27 31.39
C ASN A 91 -55.81 51.36 29.87
N LYS A 92 -56.95 51.31 29.17
CA LYS A 92 -56.98 51.68 27.76
C LYS A 92 -56.91 53.19 27.58
N GLU A 93 -57.45 53.94 28.54
CA GLU A 93 -57.37 55.40 28.54
C GLU A 93 -56.02 55.88 29.07
N LEU A 94 -55.53 55.26 30.14
CA LEU A 94 -54.21 55.61 30.68
C LEU A 94 -53.11 55.15 29.73
N GLU A 95 -53.22 53.93 29.21
CA GLU A 95 -52.24 53.43 28.26
C GLU A 95 -52.38 54.13 26.91
N ASN A 96 -53.59 54.57 26.55
CA ASN A 96 -53.77 55.38 25.36
C ASN A 96 -53.12 56.74 25.54
N LEU A 97 -53.15 57.28 26.77
CA LEU A 97 -52.39 58.47 27.09
C LEU A 97 -50.89 58.21 27.00
N GLU A 98 -50.45 56.99 27.35
CA GLU A 98 -49.05 56.63 27.18
C GLU A 98 -48.65 56.58 25.71
N ILE A 99 -49.56 56.08 24.85
CA ILE A 99 -49.34 56.12 23.41
C ILE A 99 -49.31 57.56 22.91
N ASN A 100 -50.11 58.45 23.54
CA ASN A 100 -50.05 59.86 23.20
C ASN A 100 -48.72 60.49 23.61
N LEU A 101 -48.12 60.03 24.71
CA LEU A 101 -46.77 60.46 25.04
C LEU A 101 -45.72 59.87 24.10
N ARG A 102 -45.97 58.66 23.58
CA ARG A 102 -45.05 58.08 22.61
C ARG A 102 -45.08 58.83 21.28
N LYS A 103 -46.28 59.26 20.86
CA LYS A 103 -46.38 60.09 19.67
C LYS A 103 -45.97 61.53 19.94
N GLU A 104 -45.94 61.95 21.19
CA GLU A 104 -45.43 63.28 21.52
C GLU A 104 -43.91 63.32 21.47
N ILE A 105 -43.25 62.33 22.09
CA ILE A 105 -41.80 62.32 22.06
C ILE A 105 -41.29 61.85 20.70
N ALA A 106 -42.08 61.04 19.99
CA ALA A 106 -41.74 60.66 18.62
C ALA A 106 -42.03 61.78 17.64
N LYS A 107 -42.99 62.65 17.98
CA LYS A 107 -43.18 63.88 17.22
C LYS A 107 -42.03 64.86 17.47
N ALA A 108 -41.49 64.86 18.69
CA ALA A 108 -40.31 65.67 18.97
C ALA A 108 -39.05 65.07 18.35
N PHE A 109 -39.04 63.78 18.02
CA PHE A 109 -37.90 63.15 17.39
C PHE A 109 -37.95 63.25 15.86
N LYS A 110 -39.12 63.08 15.27
CA LYS A 110 -39.28 63.01 13.83
C LYS A 110 -39.59 64.36 13.20
N GLY A 111 -40.37 65.20 13.88
CA GLY A 111 -40.86 66.44 13.33
C GLY A 111 -39.81 67.50 13.04
N ASN A 112 -39.04 67.88 14.05
CA ASN A 112 -38.08 68.98 13.88
C ASN A 112 -36.68 68.56 14.26
N GLU A 113 -35.77 69.55 14.33
CA GLU A 113 -34.36 69.39 14.70
C GLU A 113 -33.63 68.42 13.78
N GLY A 114 -33.58 68.79 12.51
CA GLY A 114 -32.85 68.02 11.51
C GLY A 114 -33.74 67.03 10.78
N TYR A 115 -33.34 65.75 10.78
CA TYR A 115 -34.05 64.56 10.29
C TYR A 115 -34.11 64.50 8.76
N LYS A 116 -33.69 65.57 8.08
CA LYS A 116 -33.60 65.58 6.63
C LYS A 116 -32.18 65.68 6.11
N SER A 117 -31.23 66.09 6.96
CA SER A 117 -29.81 66.11 6.64
C SER A 117 -29.04 65.18 7.57
N LEU A 118 -29.59 64.00 7.84
CA LEU A 118 -29.03 63.10 8.83
C LEU A 118 -28.62 61.74 8.27
N PHE A 119 -29.28 61.25 7.22
CA PHE A 119 -28.98 59.95 6.63
C PHE A 119 -28.64 60.09 5.16
N LYS A 120 -27.93 61.17 4.80
CA LYS A 120 -27.61 61.44 3.40
C LYS A 120 -26.12 61.69 3.21
N LYS A 121 -25.74 62.19 2.03
CA LYS A 121 -24.33 62.50 1.77
C LYS A 121 -23.87 63.75 2.49
N ASP A 122 -24.80 64.60 2.94
CA ASP A 122 -24.42 65.86 3.57
C ASP A 122 -24.10 65.74 5.06
N ILE A 123 -24.52 64.64 5.70
CA ILE A 123 -24.14 64.42 7.10
C ILE A 123 -22.67 64.00 7.18
N ILE A 124 -22.12 63.47 6.09
CA ILE A 124 -20.74 62.99 6.08
C ILE A 124 -19.81 63.86 5.24
N GLU A 125 -20.34 64.64 4.30
CA GLU A 125 -19.49 65.48 3.46
C GLU A 125 -19.53 66.96 3.81
N THR A 126 -20.58 67.42 4.49
CA THR A 126 -20.66 68.82 4.91
C THR A 126 -20.73 68.98 6.42
N ILE A 127 -21.56 68.19 7.10
CA ILE A 127 -21.76 68.36 8.53
C ILE A 127 -20.63 67.69 9.32
N LEU A 128 -20.11 66.58 8.84
CA LEU A 128 -18.99 65.91 9.50
C LEU A 128 -17.65 66.64 9.35
N PRO A 129 -17.25 67.23 8.21
CA PRO A 129 -15.99 68.00 8.21
C PRO A 129 -16.03 69.32 8.97
N GLU A 130 -17.20 69.81 9.40
CA GLU A 130 -17.25 70.99 10.25
C GLU A 130 -17.41 70.65 11.72
N PHE A 131 -17.57 69.37 12.05
CA PHE A 131 -17.49 68.87 13.42
C PHE A 131 -16.04 68.40 13.61
N LEU A 132 -15.75 67.67 14.69
CA LEU A 132 -14.49 66.95 14.93
C LEU A 132 -13.29 67.91 15.01
N ASP A 133 -13.29 68.69 16.11
CA ASP A 133 -12.12 69.46 16.50
C ASP A 133 -10.91 68.56 16.73
N ASP A 134 -9.70 69.15 16.66
CA ASP A 134 -8.43 68.43 16.44
C ASP A 134 -8.53 67.63 15.13
N LYS A 135 -8.56 68.40 14.03
CA LYS A 135 -8.97 68.10 12.66
C LYS A 135 -8.05 67.11 11.93
N ASP A 136 -7.09 66.43 12.56
CA ASP A 136 -6.37 65.36 11.88
C ASP A 136 -7.28 64.18 11.59
N GLU A 137 -8.35 64.03 12.38
CA GLU A 137 -9.38 63.03 12.08
C GLU A 137 -10.13 63.38 10.79
N ILE A 138 -10.32 64.68 10.53
CA ILE A 138 -11.01 65.11 9.31
C ILE A 138 -10.19 64.79 8.08
N ALA A 139 -8.85 64.82 8.22
CA ALA A 139 -7.94 64.41 7.15
C ALA A 139 -8.06 62.92 6.82
N LEU A 140 -8.66 62.13 7.70
CA LEU A 140 -9.02 60.75 7.40
C LEU A 140 -10.43 60.62 6.84
N VAL A 141 -11.26 61.66 6.97
CA VAL A 141 -12.62 61.65 6.46
C VAL A 141 -12.68 61.96 4.96
N ASN A 142 -11.75 62.79 4.46
CA ASN A 142 -11.76 63.25 3.08
C ASN A 142 -11.51 62.15 2.05
N SER A 143 -11.14 60.95 2.48
CA SER A 143 -11.02 59.79 1.59
C SER A 143 -12.35 59.04 1.43
N PHE A 144 -13.48 59.67 1.74
CA PHE A 144 -14.77 59.02 1.63
C PHE A 144 -15.72 59.85 0.77
N ASN A 145 -15.25 60.28 -0.39
CA ASN A 145 -16.02 61.14 -1.27
C ASN A 145 -16.99 60.27 -2.06
N GLY A 146 -18.11 59.91 -1.44
CA GLY A 146 -19.16 59.20 -2.13
C GLY A 146 -18.97 57.70 -2.24
N PHE A 147 -18.78 57.03 -1.11
CA PHE A 147 -18.62 55.58 -1.09
C PHE A 147 -19.67 54.97 -0.16
N THR A 148 -20.92 55.38 -0.32
CA THR A 148 -21.90 55.24 0.76
C THR A 148 -22.69 53.93 0.70
N THR A 149 -22.01 52.81 0.51
CA THR A 149 -22.67 51.50 0.57
C THR A 149 -22.62 50.93 1.98
N ALA A 150 -21.42 50.87 2.57
CA ALA A 150 -21.32 50.59 3.99
C ALA A 150 -21.88 51.74 4.83
N PHE A 151 -21.86 52.96 4.28
CA PHE A 151 -22.50 54.07 4.97
C PHE A 151 -24.02 53.97 4.91
N THR A 152 -24.59 53.51 3.78
CA THR A 152 -26.04 53.33 3.81
C THR A 152 -26.45 52.10 4.58
N GLY A 153 -25.55 51.12 4.77
CA GLY A 153 -25.85 50.00 5.65
C GLY A 153 -25.83 50.41 7.11
N PHE A 154 -24.78 51.15 7.50
CA PHE A 154 -24.66 51.65 8.86
C PHE A 154 -25.75 52.67 9.17
N PHE A 155 -26.21 53.41 8.16
CA PHE A 155 -27.33 54.33 8.34
C PHE A 155 -28.68 53.62 8.31
N ASP A 156 -28.77 52.43 7.71
CA ASP A 156 -29.94 51.58 7.97
C ASP A 156 -29.96 51.12 9.42
N ASN A 157 -28.78 50.76 9.95
CA ASN A 157 -28.68 50.35 11.35
C ASN A 157 -28.99 51.52 12.28
N ARG A 158 -28.63 52.74 11.87
CA ARG A 158 -28.92 53.92 12.69
C ARG A 158 -30.27 54.54 12.41
N GLU A 159 -31.00 54.11 11.38
CA GLU A 159 -32.39 54.52 11.26
C GLU A 159 -33.35 53.48 11.82
N ASN A 160 -32.87 52.26 12.06
CA ASN A 160 -33.66 51.29 12.83
C ASN A 160 -33.70 51.61 14.33
N MET A 161 -32.90 52.58 14.78
CA MET A 161 -32.89 52.95 16.20
C MET A 161 -34.16 53.73 16.57
N PHE A 162 -34.38 54.87 15.94
CA PHE A 162 -35.46 55.77 16.31
C PHE A 162 -36.64 55.54 15.36
N SER A 163 -37.68 54.89 15.86
CA SER A 163 -38.90 54.63 15.09
C SER A 163 -40.04 54.45 16.08
N GLU A 164 -41.21 54.08 15.56
CA GLU A 164 -42.37 53.76 16.40
C GLU A 164 -42.43 52.27 16.70
N GLU A 165 -41.34 51.72 17.21
CA GLU A 165 -41.23 50.31 17.52
C GLU A 165 -41.02 50.03 19.01
N ALA A 166 -40.24 50.89 19.70
CA ALA A 166 -40.06 50.90 21.15
C ALA A 166 -39.50 49.57 21.68
N LYS A 167 -38.28 49.27 21.23
CA LYS A 167 -37.54 48.11 21.71
C LYS A 167 -36.56 48.54 22.80
N SER A 168 -35.67 47.63 23.16
CA SER A 168 -34.66 47.90 24.18
C SER A 168 -33.63 48.94 23.73
N THR A 169 -33.43 49.09 22.42
CA THR A 169 -32.51 50.08 21.89
C THR A 169 -33.16 51.44 21.67
N SER A 170 -34.49 51.51 21.66
CA SER A 170 -35.20 52.77 21.47
C SER A 170 -35.16 53.57 22.76
N ILE A 171 -34.89 54.87 22.66
CA ILE A 171 -34.70 55.69 23.84
C ILE A 171 -36.02 56.04 24.52
N ALA A 172 -37.14 56.09 23.78
CA ALA A 172 -38.41 56.49 24.36
C ALA A 172 -38.97 55.38 25.26
N PHE A 173 -38.85 54.13 24.81
CA PHE A 173 -39.21 52.97 25.63
C PHE A 173 -38.38 52.94 26.91
N ARG A 174 -37.08 53.21 26.79
CA ARG A 174 -36.15 53.14 27.91
C ARG A 174 -36.45 54.23 28.95
N CYS A 175 -36.50 55.49 28.50
CA CYS A 175 -36.62 56.60 29.44
C CYS A 175 -38.04 56.71 29.97
N ILE A 176 -39.03 56.63 29.08
CA ILE A 176 -40.42 56.77 29.51
C ILE A 176 -40.85 55.56 30.34
N ASN A 177 -40.66 54.35 29.79
CA ASN A 177 -41.12 53.17 30.51
C ASN A 177 -40.22 52.86 31.70
N GLU A 178 -38.91 52.72 31.46
CA GLU A 178 -37.98 52.39 32.54
C GLU A 178 -37.85 53.54 33.53
N ASN A 179 -37.46 54.72 33.04
CA ASN A 179 -37.18 55.82 33.95
C ASN A 179 -38.45 56.44 34.51
N LEU A 180 -39.57 56.38 33.78
CA LEU A 180 -40.78 56.95 34.33
C LEU A 180 -41.52 56.00 35.28
N THR A 181 -41.53 54.69 35.00
CA THR A 181 -42.18 53.80 35.96
C THR A 181 -41.32 53.58 37.20
N ARG A 182 -39.99 53.54 37.05
CA ARG A 182 -39.14 53.53 38.24
C ARG A 182 -39.15 54.88 38.94
N TYR A 183 -39.44 55.96 38.21
CA TYR A 183 -39.62 57.26 38.82
C TYR A 183 -40.90 57.31 39.65
N ILE A 184 -41.97 56.64 39.18
CA ILE A 184 -43.19 56.50 39.96
C ILE A 184 -42.95 55.62 41.18
N SER A 185 -42.10 54.59 41.03
CA SER A 185 -41.74 53.76 42.18
C SER A 185 -40.93 54.55 43.21
N ASN A 186 -40.07 55.46 42.74
CA ASN A 186 -39.31 56.30 43.67
C ASN A 186 -40.20 57.35 44.33
N MET A 187 -41.23 57.83 43.63
CA MET A 187 -42.18 58.72 44.28
C MET A 187 -43.08 57.96 45.26
N ASP A 188 -43.27 56.66 45.02
CA ASP A 188 -44.01 55.84 45.99
C ASP A 188 -43.17 55.52 47.21
N ILE A 189 -41.85 55.46 47.07
CA ILE A 189 -41.00 55.37 48.24
C ILE A 189 -40.95 56.71 48.97
N PHE A 190 -40.97 57.81 48.20
CA PHE A 190 -40.80 59.14 48.78
C PHE A 190 -42.05 59.61 49.52
N GLU A 191 -43.23 59.34 48.95
CA GLU A 191 -44.46 59.83 49.58
C GLU A 191 -44.86 58.99 50.77
N LYS A 192 -44.60 57.68 50.72
CA LYS A 192 -45.04 56.80 51.80
C LYS A 192 -44.12 56.89 53.01
N VAL A 193 -42.86 56.49 52.88
CA VAL A 193 -41.91 56.48 53.99
C VAL A 193 -40.62 57.15 53.54
N ASP A 194 -40.58 58.48 53.64
CA ASP A 194 -39.32 59.21 53.52
C ASP A 194 -39.26 60.29 54.59
N ALA A 195 -40.42 60.63 55.16
CA ALA A 195 -40.47 61.63 56.22
C ALA A 195 -39.83 61.11 57.50
N ILE A 196 -39.89 59.80 57.70
CA ILE A 196 -39.29 59.16 58.88
C ILE A 196 -37.81 58.84 58.66
N PHE A 197 -37.25 59.30 57.54
CA PHE A 197 -35.87 59.05 57.19
C PHE A 197 -34.94 60.20 57.58
N ASP A 198 -35.15 61.40 57.03
CA ASP A 198 -34.25 62.52 57.27
C ASP A 198 -34.92 63.81 56.81
N LYS A 199 -34.58 64.91 57.50
CA LYS A 199 -34.92 66.25 57.04
C LYS A 199 -33.76 67.23 57.08
N HIS A 200 -32.58 66.82 57.55
CA HIS A 200 -31.45 67.73 57.75
C HIS A 200 -30.21 67.37 56.94
N GLU A 201 -29.93 66.09 56.74
CA GLU A 201 -28.78 65.68 55.93
C GLU A 201 -29.04 66.00 54.46
N VAL A 202 -30.25 65.69 53.98
CA VAL A 202 -30.65 65.68 52.57
C VAL A 202 -30.50 67.04 51.90
N GLN A 203 -31.28 68.03 52.36
CA GLN A 203 -31.30 69.30 51.63
C GLN A 203 -30.13 70.19 52.02
N GLU A 204 -29.80 70.26 53.32
CA GLU A 204 -28.70 71.12 53.76
C GLU A 204 -27.36 70.55 53.34
N ILE A 205 -27.07 69.31 53.74
CA ILE A 205 -25.75 68.77 53.46
C ILE A 205 -25.68 68.21 52.05
N LYS A 206 -26.76 67.58 51.56
CA LYS A 206 -26.70 67.02 50.22
C LYS A 206 -26.96 68.06 49.14
N GLU A 207 -27.73 69.11 49.44
CA GLU A 207 -27.79 70.22 48.48
C GLU A 207 -26.54 71.10 48.60
N LYS A 208 -25.91 71.09 49.77
CA LYS A 208 -24.71 71.91 49.97
C LYS A 208 -23.50 71.31 49.25
N ILE A 209 -23.28 70.01 49.38
CA ILE A 209 -22.04 69.41 48.89
C ILE A 209 -22.18 68.83 47.49
N LEU A 210 -23.24 68.06 47.24
CA LEU A 210 -23.32 67.25 46.03
C LEU A 210 -23.55 68.08 44.77
N ASN A 211 -24.65 68.82 44.72
CA ASN A 211 -25.09 69.32 43.43
C ASN A 211 -25.33 70.82 43.37
N SER A 212 -25.81 71.43 44.47
CA SER A 212 -26.33 72.80 44.53
C SER A 212 -27.44 73.04 43.50
N ASP A 213 -28.23 72.00 43.23
CA ASP A 213 -29.38 72.07 42.35
C ASP A 213 -30.63 72.37 43.18
N TYR A 214 -31.81 72.14 42.62
CA TYR A 214 -33.07 72.34 43.33
C TYR A 214 -33.24 71.33 44.46
N ASP A 215 -34.36 71.43 45.16
CA ASP A 215 -34.61 70.59 46.31
C ASP A 215 -34.93 69.16 45.88
N VAL A 216 -34.66 68.22 46.80
CA VAL A 216 -34.94 66.81 46.54
C VAL A 216 -36.45 66.57 46.55
N GLU A 217 -37.19 67.35 47.35
CA GLU A 217 -38.64 67.32 47.29
C GLU A 217 -39.15 67.82 45.94
N ASP A 218 -38.43 68.76 45.32
CA ASP A 218 -38.74 69.17 43.96
C ASP A 218 -38.28 68.14 42.94
N PHE A 219 -37.40 67.22 43.31
CA PHE A 219 -36.91 66.19 42.40
C PHE A 219 -37.84 64.98 42.32
N PHE A 220 -39.01 65.05 42.95
CA PHE A 220 -40.05 64.06 42.79
C PHE A 220 -41.31 64.71 42.24
N GLU A 221 -41.13 65.62 41.28
CA GLU A 221 -42.22 66.36 40.66
C GLU A 221 -42.00 66.36 39.15
N GLY A 222 -42.78 67.18 38.44
CA GLY A 222 -42.74 67.17 37.00
C GLY A 222 -41.56 67.90 36.40
N GLU A 223 -40.96 68.82 37.15
CA GLU A 223 -39.86 69.62 36.60
C GLU A 223 -38.58 68.82 36.49
N PHE A 224 -38.42 67.78 37.32
CA PHE A 224 -37.18 67.00 37.31
C PHE A 224 -37.18 65.97 36.18
N PHE A 225 -38.34 65.43 35.84
CA PHE A 225 -38.41 64.47 34.74
C PHE A 225 -38.19 65.13 33.38
N ASN A 226 -38.36 66.44 33.30
CA ASN A 226 -37.94 67.23 32.15
C ASN A 226 -36.45 67.55 32.17
N PHE A 227 -35.71 67.07 33.17
CA PHE A 227 -34.30 67.40 33.34
C PHE A 227 -33.45 66.13 33.43
N VAL A 228 -34.05 65.03 33.90
CA VAL A 228 -33.29 63.80 34.12
C VAL A 228 -33.00 63.07 32.82
N LEU A 229 -33.68 63.45 31.72
CA LEU A 229 -33.56 62.75 30.45
C LEU A 229 -32.22 62.94 29.75
N THR A 230 -31.37 63.84 30.25
CA THR A 230 -30.04 64.03 29.70
C THR A 230 -29.02 63.30 30.58
N GLN A 231 -27.74 63.47 30.26
CA GLN A 231 -26.69 62.80 31.03
C GLN A 231 -26.44 63.49 32.36
N GLU A 232 -26.71 64.80 32.45
CA GLU A 232 -26.46 65.51 33.69
C GLU A 232 -27.50 65.20 34.75
N GLY A 233 -28.74 64.92 34.35
CA GLY A 233 -29.75 64.47 35.30
C GLY A 233 -29.50 63.06 35.80
N ILE A 234 -28.80 62.24 35.02
CA ILE A 234 -28.41 60.91 35.46
C ILE A 234 -27.18 61.00 36.36
N ASP A 235 -26.27 61.94 36.09
CA ASP A 235 -25.11 62.13 36.96
C ASP A 235 -25.52 62.72 38.30
N VAL A 236 -26.46 63.67 38.31
CA VAL A 236 -27.00 64.18 39.57
C VAL A 236 -27.86 63.13 40.26
N TYR A 237 -28.65 62.39 39.48
CA TYR A 237 -29.63 61.45 40.04
C TYR A 237 -28.94 60.26 40.70
N ASN A 238 -28.04 59.61 39.98
CA ASN A 238 -27.21 58.58 40.57
C ASN A 238 -26.11 59.14 41.47
N ALA A 239 -25.82 60.43 41.38
CA ALA A 239 -24.99 61.07 42.40
C ALA A 239 -25.71 61.18 43.73
N ILE A 240 -27.05 61.25 43.70
CA ILE A 240 -27.82 61.27 44.93
C ILE A 240 -28.07 59.85 45.44
N ILE A 241 -28.65 58.99 44.59
CA ILE A 241 -29.05 57.67 45.06
C ILE A 241 -27.85 56.74 45.20
N GLY A 242 -27.00 56.66 44.18
CA GLY A 242 -25.88 55.75 44.21
C GLY A 242 -24.66 56.33 44.89
N GLY A 243 -24.58 57.66 44.98
CA GLY A 243 -23.41 58.33 45.49
C GLY A 243 -22.40 58.62 44.40
N PHE A 244 -21.51 59.57 44.68
CA PHE A 244 -20.56 60.02 43.67
C PHE A 244 -19.36 60.62 44.39
N VAL A 245 -18.21 60.61 43.71
CA VAL A 245 -16.95 60.99 44.35
C VAL A 245 -16.85 62.51 44.50
N THR A 246 -17.61 63.26 43.69
CA THR A 246 -17.68 64.74 43.66
C THR A 246 -16.32 65.41 43.43
N GLU A 247 -15.39 64.69 42.79
CA GLU A 247 -14.02 65.14 42.48
C GLU A 247 -13.32 65.61 43.76
N SER A 248 -13.31 64.71 44.75
CA SER A 248 -12.74 65.02 46.05
C SER A 248 -12.40 63.71 46.76
N GLY A 249 -11.70 63.84 47.88
CA GLY A 249 -11.41 62.72 48.76
C GLY A 249 -12.48 62.39 49.75
N GLU A 250 -13.65 63.03 49.65
CA GLU A 250 -14.75 62.74 50.57
C GLU A 250 -15.35 61.37 50.29
N LYS A 251 -15.68 61.09 49.02
CA LYS A 251 -16.30 59.86 48.53
C LYS A 251 -17.61 59.58 49.28
N ILE A 252 -18.55 60.51 49.10
CA ILE A 252 -19.82 60.45 49.80
C ILE A 252 -20.66 59.30 49.24
N LYS A 253 -21.47 58.69 50.11
CA LYS A 253 -22.23 57.51 49.79
C LYS A 253 -23.70 57.87 49.63
N GLY A 254 -24.46 56.96 49.01
CA GLY A 254 -25.86 57.20 48.73
C GLY A 254 -26.75 57.07 49.95
N LEU A 255 -28.06 57.09 49.69
CA LEU A 255 -29.03 57.01 50.78
C LEU A 255 -29.13 55.62 51.38
N ASN A 256 -28.71 54.58 50.64
CA ASN A 256 -28.80 53.22 51.14
C ASN A 256 -27.81 52.96 52.26
N GLU A 257 -26.64 53.61 52.23
CA GLU A 257 -25.71 53.52 53.33
C GLU A 257 -26.18 54.33 54.53
N TYR A 258 -27.08 55.29 54.32
CA TYR A 258 -27.74 55.97 55.44
C TYR A 258 -28.84 55.09 56.05
N ILE A 259 -29.54 54.33 55.20
CA ILE A 259 -30.50 53.34 55.69
C ILE A 259 -29.79 52.26 56.49
N ASN A 260 -28.62 51.83 56.02
CA ASN A 260 -27.77 50.93 56.81
C ASN A 260 -27.25 51.64 58.06
N LEU A 261 -27.00 52.94 57.97
CA LEU A 261 -26.46 53.72 59.08
C LEU A 261 -27.49 53.98 60.18
N TYR A 262 -28.78 53.84 59.87
CA TYR A 262 -29.81 54.15 60.86
C TYR A 262 -29.84 53.10 61.99
N ASN A 263 -29.74 51.82 61.63
CA ASN A 263 -29.57 50.68 62.56
C ASN A 263 -30.73 50.59 63.55
N GLN A 264 -31.93 50.31 63.01
CA GLN A 264 -33.12 50.25 63.84
C GLN A 264 -33.24 48.92 64.59
N LYS A 265 -33.37 47.82 63.84
CA LYS A 265 -33.68 46.53 64.45
C LYS A 265 -32.99 45.36 63.75
N THR A 266 -31.88 45.64 63.03
CA THR A 266 -31.14 44.68 62.18
C THR A 266 -32.08 44.10 61.10
N LYS A 267 -33.02 44.94 60.66
CA LYS A 267 -33.81 44.74 59.46
C LYS A 267 -33.88 46.00 58.60
N GLN A 268 -33.67 47.16 59.21
CA GLN A 268 -33.50 48.53 58.71
C GLN A 268 -34.81 49.16 58.25
N LYS A 269 -35.91 48.42 58.17
CA LYS A 269 -37.30 48.87 58.17
C LYS A 269 -37.69 49.80 57.02
N LEU A 270 -36.79 50.14 56.10
CA LEU A 270 -37.10 51.11 55.06
C LEU A 270 -36.79 50.53 53.69
N PRO A 271 -37.58 50.90 52.67
CA PRO A 271 -37.24 50.53 51.29
C PRO A 271 -35.98 51.22 50.82
N LYS A 272 -35.39 50.65 49.77
CA LYS A 272 -34.19 51.19 49.15
C LYS A 272 -34.57 51.87 47.85
N PHE A 273 -34.05 53.07 47.64
CA PHE A 273 -34.23 53.75 46.36
C PHE A 273 -33.48 53.02 45.26
N LYS A 274 -34.06 53.03 44.07
CA LYS A 274 -33.57 52.21 42.99
C LYS A 274 -32.65 53.00 42.07
N PRO A 275 -31.58 52.38 41.58
CA PRO A 275 -30.83 52.99 40.47
C PRO A 275 -31.54 52.77 39.15
N LEU A 276 -31.40 53.75 38.26
CA LEU A 276 -32.11 53.76 36.99
C LEU A 276 -31.12 53.70 35.83
N TYR A 277 -31.65 53.37 34.66
CA TYR A 277 -30.82 53.07 33.50
C TYR A 277 -30.26 54.35 32.88
N LYS A 278 -29.14 54.19 32.19
CA LYS A 278 -28.46 55.28 31.50
C LYS A 278 -29.04 55.41 30.08
N GLN A 279 -28.36 56.16 29.22
CA GLN A 279 -28.77 56.30 27.84
C GLN A 279 -28.52 55.00 27.07
N VAL A 280 -29.10 54.90 25.87
CA VAL A 280 -28.94 53.68 25.09
C VAL A 280 -27.54 53.59 24.49
N LEU A 281 -26.89 54.72 24.25
CA LEU A 281 -25.48 54.72 23.84
C LEU A 281 -24.61 55.02 25.05
N SER A 282 -24.61 54.06 25.98
CA SER A 282 -23.88 54.09 27.25
C SER A 282 -24.19 55.31 28.10
N GLY A 293 -10.90 39.93 24.26
CA GLY A 293 -10.38 40.99 23.43
C GLY A 293 -10.05 40.56 22.02
N TYR A 294 -10.27 39.26 21.76
CA TYR A 294 -10.06 38.58 20.46
C TYR A 294 -8.70 38.87 19.81
N THR A 295 -7.68 39.13 20.62
CA THR A 295 -6.33 39.32 20.08
C THR A 295 -5.23 38.60 20.86
N SER A 296 -5.46 38.18 22.10
CA SER A 296 -4.41 37.53 22.88
C SER A 296 -5.05 36.63 23.93
N ASP A 297 -4.27 35.66 24.40
CA ASP A 297 -4.73 34.76 25.45
C ASP A 297 -4.74 35.46 26.80
N GLU A 298 -3.75 36.31 27.06
CA GLU A 298 -3.60 36.96 28.35
C GLU A 298 -4.59 38.10 28.57
N GLU A 299 -5.36 38.49 27.55
CA GLU A 299 -6.40 39.50 27.77
C GLU A 299 -7.71 38.83 28.22
N VAL A 300 -8.05 37.69 27.63
CA VAL A 300 -9.18 36.91 28.13
C VAL A 300 -8.86 36.33 29.50
N LEU A 301 -7.61 35.88 29.69
CA LEU A 301 -7.17 35.46 31.01
C LEU A 301 -7.06 36.64 31.96
N GLU A 302 -6.82 37.85 31.43
CA GLU A 302 -6.86 39.05 32.26
C GLU A 302 -8.28 39.35 32.72
N VAL A 303 -9.27 39.10 31.86
CA VAL A 303 -10.67 39.17 32.27
C VAL A 303 -10.97 38.12 33.33
N PHE A 304 -10.37 36.94 33.20
CA PHE A 304 -10.53 35.91 34.22
C PHE A 304 -9.82 36.29 35.54
N ARG A 305 -8.80 37.14 35.46
CA ARG A 305 -8.10 37.64 36.64
C ARG A 305 -8.69 38.94 37.17
N ASN A 306 -9.70 39.50 36.53
CA ASN A 306 -10.34 40.69 37.04
C ASN A 306 -11.87 40.61 37.15
N THR A 307 -12.47 39.45 36.91
CA THR A 307 -13.88 39.25 37.18
C THR A 307 -14.13 38.23 38.27
N LEU A 308 -13.66 36.99 38.10
CA LEU A 308 -14.03 35.88 38.98
C LEU A 308 -12.95 35.56 40.00
N ASN A 309 -12.26 36.58 40.52
CA ASN A 309 -11.20 36.37 41.51
C ASN A 309 -11.81 36.24 42.91
N LYS A 310 -10.94 36.22 43.93
CA LYS A 310 -11.40 36.09 45.31
C LYS A 310 -11.88 37.41 45.91
N ASN A 311 -11.37 38.54 45.42
CA ASN A 311 -11.76 39.86 45.92
C ASN A 311 -12.63 40.52 44.86
N SER A 312 -13.93 40.26 44.94
CA SER A 312 -14.89 40.84 44.02
C SER A 312 -16.26 40.84 44.69
N GLU A 313 -17.14 41.72 44.21
CA GLU A 313 -18.52 41.76 44.65
C GLU A 313 -19.40 40.74 43.94
N ILE A 314 -18.81 39.89 43.11
CA ILE A 314 -19.57 38.85 42.43
C ILE A 314 -19.75 37.64 43.36
N PHE A 315 -18.65 37.19 43.96
CA PHE A 315 -18.74 36.15 44.97
C PHE A 315 -19.36 36.67 46.25
N SER A 316 -19.14 37.96 46.54
CA SER A 316 -19.76 38.60 47.70
C SER A 316 -21.27 38.72 47.53
N SER A 317 -21.76 38.84 46.29
CA SER A 317 -23.19 38.78 46.05
C SER A 317 -23.74 37.40 46.32
N ILE A 318 -22.94 36.36 46.05
CA ILE A 318 -23.35 34.99 46.37
C ILE A 318 -23.38 34.78 47.89
N LYS A 319 -22.45 35.42 48.62
CA LYS A 319 -22.53 35.43 50.07
C LYS A 319 -23.76 36.20 50.57
N LYS A 320 -24.15 37.26 49.85
CA LYS A 320 -25.41 37.94 50.14
C LYS A 320 -26.62 37.10 49.78
N LEU A 321 -26.46 36.10 48.90
CA LEU A 321 -27.54 35.15 48.66
C LEU A 321 -27.61 34.11 49.77
N GLU A 322 -26.46 33.72 50.33
CA GLU A 322 -26.44 32.81 51.46
C GLU A 322 -27.06 33.45 52.70
N LYS A 323 -26.63 34.69 53.01
CA LYS A 323 -27.27 35.46 54.07
C LYS A 323 -28.71 35.80 53.73
N LEU A 324 -29.02 35.94 52.43
CA LEU A 324 -30.37 36.30 52.02
C LEU A 324 -31.33 35.12 52.15
N PHE A 325 -30.82 33.88 52.10
CA PHE A 325 -31.65 32.72 52.38
C PHE A 325 -31.62 32.29 53.85
N LYS A 326 -30.61 32.71 54.62
CA LYS A 326 -30.79 32.61 56.06
C LYS A 326 -31.84 33.58 56.59
N ASN A 327 -31.70 34.87 56.29
CA ASN A 327 -32.73 35.85 56.63
C ASN A 327 -34.05 35.59 55.95
N PHE A 328 -34.05 35.01 54.74
CA PHE A 328 -35.28 34.52 54.13
C PHE A 328 -35.89 33.35 54.87
N ASP A 329 -35.07 32.49 55.48
CA ASP A 329 -35.61 31.42 56.32
C ASP A 329 -36.27 32.02 57.57
N GLU A 330 -35.72 33.10 58.11
CA GLU A 330 -36.40 33.79 59.22
C GLU A 330 -37.07 35.10 58.83
N TYR A 331 -37.64 35.20 57.63
CA TYR A 331 -38.59 36.25 57.24
C TYR A 331 -39.93 35.63 56.84
N SER A 332 -40.82 36.49 56.33
CA SER A 332 -42.15 36.07 55.93
C SER A 332 -42.12 35.38 54.58
N SER A 333 -42.99 34.38 54.40
CA SER A 333 -43.08 33.61 53.17
C SER A 333 -44.31 33.97 52.34
N ALA A 334 -44.64 35.26 52.26
CA ALA A 334 -45.77 35.72 51.47
C ALA A 334 -45.35 36.88 50.58
N GLY A 335 -46.01 36.98 49.42
CA GLY A 335 -45.81 38.08 48.50
C GLY A 335 -44.80 37.82 47.40
N ILE A 336 -43.79 37.00 47.66
CA ILE A 336 -42.74 36.73 46.69
C ILE A 336 -43.24 35.71 45.67
N PHE A 337 -43.26 36.10 44.40
CA PHE A 337 -43.84 35.27 43.36
C PHE A 337 -42.81 34.29 42.80
N VAL A 338 -43.31 33.35 42.00
CA VAL A 338 -42.50 32.37 41.29
C VAL A 338 -42.84 32.46 39.81
N LYS A 339 -41.83 32.58 38.97
CA LYS A 339 -42.07 32.72 37.53
C LYS A 339 -42.50 31.37 36.94
N ASN A 340 -43.55 31.41 36.13
CA ASN A 340 -44.17 30.20 35.60
C ASN A 340 -43.39 29.73 34.38
N GLY A 341 -43.04 28.44 34.38
CA GLY A 341 -42.41 27.81 33.25
C GLY A 341 -42.28 26.32 33.48
N PRO A 342 -41.31 25.68 32.81
CA PRO A 342 -41.01 24.28 33.13
C PRO A 342 -40.21 24.11 34.42
N ALA A 343 -39.72 25.19 35.01
CA ALA A 343 -38.93 25.10 36.22
C ALA A 343 -39.78 24.96 37.48
N ILE A 344 -41.11 24.97 37.35
CA ILE A 344 -41.96 24.73 38.52
C ILE A 344 -41.91 23.26 38.91
N SER A 345 -41.69 22.37 37.93
CA SER A 345 -41.46 20.96 38.25
C SER A 345 -40.04 20.73 38.73
N THR A 346 -39.11 21.59 38.34
CA THR A 346 -37.74 21.53 38.85
C THR A 346 -37.70 21.94 40.31
N ILE A 347 -38.42 23.02 40.66
CA ILE A 347 -38.47 23.45 42.04
C ILE A 347 -39.38 22.54 42.86
N SER A 348 -40.30 21.82 42.21
CA SER A 348 -41.08 20.82 42.92
C SER A 348 -40.27 19.55 43.17
N LYS A 349 -39.33 19.24 42.28
CA LYS A 349 -38.49 18.06 42.45
C LYS A 349 -37.47 18.27 43.57
N ASP A 350 -37.13 19.53 43.85
CA ASP A 350 -36.11 19.83 44.85
C ASP A 350 -36.59 19.49 46.26
N ILE A 351 -37.89 19.63 46.52
CA ILE A 351 -38.46 19.38 47.84
C ILE A 351 -39.36 18.15 47.82
N PHE A 352 -40.32 18.11 46.92
CA PHE A 352 -41.33 17.07 46.90
C PHE A 352 -40.80 15.85 46.13
N GLY A 353 -41.65 14.85 45.92
CA GLY A 353 -41.21 13.61 45.31
C GLY A 353 -40.87 13.66 43.84
N GLU A 354 -41.88 13.88 43.00
CA GLU A 354 -41.72 13.84 41.55
C GLU A 354 -41.69 15.26 40.98
N TRP A 355 -41.74 15.35 39.65
CA TRP A 355 -41.76 16.64 38.98
C TRP A 355 -43.08 17.35 39.19
N ASN A 356 -44.19 16.73 38.78
CA ASN A 356 -45.49 17.39 38.81
C ASN A 356 -46.25 17.07 40.10
N VAL A 357 -45.79 17.69 41.19
CA VAL A 357 -46.43 17.52 42.49
C VAL A 357 -47.17 18.79 42.91
N ILE A 358 -46.53 19.95 42.71
CA ILE A 358 -47.21 21.23 42.94
C ILE A 358 -48.34 21.42 41.94
N ARG A 359 -48.20 20.85 40.73
CA ARG A 359 -49.27 20.86 39.74
C ARG A 359 -50.51 20.11 40.25
N ASP A 360 -50.30 19.04 41.03
CA ASP A 360 -51.43 18.29 41.58
C ASP A 360 -52.14 19.03 42.71
N LYS A 361 -51.42 19.88 43.46
CA LYS A 361 -52.07 20.67 44.50
C LYS A 361 -52.74 21.91 43.92
N TRP A 362 -52.20 22.44 42.82
CA TRP A 362 -52.93 23.43 42.05
C TRP A 362 -54.20 22.80 41.46
N ASN A 363 -54.13 21.52 41.12
CA ASN A 363 -55.34 20.80 40.73
C ASN A 363 -56.24 20.51 41.92
N ALA A 364 -55.69 20.53 43.14
CA ALA A 364 -56.53 20.37 44.31
C ALA A 364 -57.31 21.65 44.61
N GLU A 365 -56.71 22.82 44.40
CA GLU A 365 -57.49 24.05 44.56
C GLU A 365 -58.40 24.30 43.34
N TYR A 366 -57.86 24.14 42.14
CA TYR A 366 -58.60 24.43 40.92
C TYR A 366 -59.71 23.42 40.68
N ASP A 367 -59.51 22.18 41.12
CA ASP A 367 -60.59 21.20 41.14
C ASP A 367 -61.42 21.28 42.41
N ASP A 368 -60.90 21.94 43.45
CA ASP A 368 -61.73 22.24 44.61
C ASP A 368 -62.76 23.32 44.30
N ILE A 369 -62.46 24.21 43.35
CA ILE A 369 -63.39 25.26 42.97
C ILE A 369 -64.31 24.78 41.85
N HIS A 370 -63.74 24.33 40.75
CA HIS A 370 -64.51 24.06 39.54
C HIS A 370 -65.03 22.64 39.43
N LEU A 371 -64.26 21.63 39.83
CA LEU A 371 -64.67 20.24 39.65
C LEU A 371 -65.62 19.84 40.77
N LYS A 372 -66.74 19.23 40.40
CA LYS A 372 -67.80 18.88 41.32
C LYS A 372 -68.06 17.37 41.27
N LYS A 373 -69.14 16.95 41.93
CA LYS A 373 -69.59 15.56 41.88
C LYS A 373 -70.07 15.22 40.46
N LYS A 374 -69.89 13.95 40.07
CA LYS A 374 -70.11 13.43 38.72
C LYS A 374 -69.24 14.18 37.71
N ALA A 375 -67.93 13.94 37.85
CA ALA A 375 -66.92 14.60 37.03
C ALA A 375 -67.09 14.27 35.55
N VAL A 376 -67.16 15.32 34.74
CA VAL A 376 -67.38 15.22 33.30
C VAL A 376 -66.05 15.62 32.64
N VAL A 377 -64.96 15.38 33.36
CA VAL A 377 -63.63 15.85 32.95
C VAL A 377 -63.17 15.14 31.69
N THR A 378 -62.79 15.93 30.69
CA THR A 378 -62.31 15.44 29.40
C THR A 378 -60.98 16.12 29.06
N GLU A 379 -60.55 15.97 27.81
CA GLU A 379 -59.36 16.67 27.33
C GLU A 379 -59.54 18.18 27.31
N LYS A 380 -60.77 18.66 27.10
CA LYS A 380 -61.03 20.10 27.04
C LYS A 380 -60.81 20.76 28.41
N TYR A 381 -61.20 20.07 29.48
CA TYR A 381 -60.96 20.61 30.82
C TYR A 381 -59.48 20.50 31.19
N GLU A 382 -58.75 19.57 30.59
CA GLU A 382 -57.32 19.51 30.80
C GLU A 382 -56.57 20.56 29.99
N ASP A 383 -57.15 20.99 28.87
CA ASP A 383 -56.52 22.05 28.07
C ASP A 383 -56.80 23.41 28.69
N ASP A 384 -58.06 23.66 29.08
CA ASP A 384 -58.38 24.89 29.79
C ASP A 384 -57.77 24.90 31.18
N ARG A 385 -57.51 23.72 31.75
CA ARG A 385 -56.83 23.61 33.02
C ARG A 385 -55.33 23.85 32.88
N ARG A 386 -54.75 23.42 31.76
CA ARG A 386 -53.33 23.67 31.50
C ARG A 386 -53.09 25.14 31.19
N LYS A 387 -53.93 25.72 30.33
CA LYS A 387 -53.82 27.15 30.04
C LYS A 387 -54.27 28.01 31.22
N SER A 388 -55.07 27.46 32.13
CA SER A 388 -55.32 28.15 33.39
C SER A 388 -54.09 28.10 34.28
N PHE A 389 -53.38 26.97 34.27
CA PHE A 389 -52.17 26.82 35.08
C PHE A 389 -51.07 27.75 34.61
N LYS A 390 -50.87 27.86 33.29
CA LYS A 390 -49.96 28.87 32.77
C LYS A 390 -50.54 30.27 32.95
N LYS A 391 -51.86 30.39 32.95
CA LYS A 391 -52.53 31.68 33.04
C LYS A 391 -52.40 32.30 34.44
N ILE A 392 -52.14 31.49 35.47
CA ILE A 392 -51.89 32.05 36.81
C ILE A 392 -50.59 32.86 36.81
N GLY A 393 -49.47 32.18 36.59
CA GLY A 393 -48.18 32.85 36.42
C GLY A 393 -47.57 33.56 37.62
N SER A 394 -48.29 33.65 38.73
CA SER A 394 -47.88 34.45 39.87
C SER A 394 -48.04 33.67 41.17
N PHE A 395 -47.53 32.43 41.18
CA PHE A 395 -47.62 31.56 42.33
C PHE A 395 -46.81 32.09 43.50
N SER A 396 -47.48 32.55 44.54
CA SER A 396 -46.81 33.06 45.73
C SER A 396 -46.28 31.92 46.57
N LEU A 397 -45.46 32.27 47.57
CA LEU A 397 -44.85 31.27 48.44
C LEU A 397 -45.79 30.82 49.55
N GLU A 398 -46.73 31.68 49.97
CA GLU A 398 -47.78 31.25 50.89
C GLU A 398 -48.73 30.27 50.21
N GLN A 399 -48.96 30.45 48.91
CA GLN A 399 -49.72 29.48 48.13
C GLN A 399 -48.99 28.14 48.05
N LEU A 400 -47.66 28.17 47.95
CA LEU A 400 -46.88 26.95 48.00
C LEU A 400 -46.87 26.34 49.38
N GLN A 401 -46.99 27.16 50.43
CA GLN A 401 -47.14 26.63 51.78
C GLN A 401 -48.49 25.97 51.96
N GLU A 402 -49.54 26.49 51.30
CA GLU A 402 -50.81 25.79 51.25
C GLU A 402 -50.75 24.55 50.35
N TYR A 403 -49.78 24.49 49.44
CA TYR A 403 -49.56 23.30 48.62
C TYR A 403 -48.71 22.25 49.31
N ALA A 404 -48.14 22.57 50.47
CA ALA A 404 -47.30 21.63 51.19
C ALA A 404 -48.15 20.60 51.92
N ASP A 405 -47.67 19.37 51.96
CA ASP A 405 -48.35 18.29 52.67
C ASP A 405 -47.85 18.25 54.11
N ALA A 406 -48.17 17.19 54.85
CA ALA A 406 -47.81 17.11 56.26
C ALA A 406 -46.32 16.86 56.44
N ASP A 407 -45.74 17.57 57.41
CA ASP A 407 -44.33 17.45 57.82
C ASP A 407 -43.36 17.73 56.67
N LEU A 408 -43.65 18.77 55.88
CA LEU A 408 -42.82 19.18 54.75
C LEU A 408 -42.56 20.68 54.86
N SER A 409 -41.43 21.04 55.46
CA SER A 409 -41.02 22.44 55.55
C SER A 409 -40.46 22.86 54.21
N VAL A 410 -41.14 23.80 53.55
CA VAL A 410 -40.74 24.23 52.21
C VAL A 410 -39.48 25.08 52.28
N VAL A 411 -39.44 26.06 53.18
CA VAL A 411 -38.30 26.98 53.25
C VAL A 411 -37.06 26.30 53.85
N GLU A 412 -37.25 25.28 54.68
CA GLU A 412 -36.10 24.62 55.29
C GLU A 412 -35.44 23.64 54.33
N LYS A 413 -36.24 22.81 53.66
CA LYS A 413 -35.69 21.89 52.67
C LYS A 413 -35.18 22.64 51.45
N LEU A 414 -35.89 23.71 51.06
CA LEU A 414 -35.41 24.59 49.99
C LEU A 414 -34.10 25.26 50.36
N LYS A 415 -33.96 25.67 51.63
CA LYS A 415 -32.71 26.26 52.09
C LYS A 415 -31.58 25.24 52.08
N GLU A 416 -31.86 24.02 52.54
CA GLU A 416 -30.81 22.99 52.55
C GLU A 416 -30.42 22.54 51.15
N ILE A 417 -31.32 22.60 50.18
CA ILE A 417 -30.94 22.19 48.84
C ILE A 417 -30.31 23.35 48.04
N ILE A 418 -30.62 24.60 48.40
CA ILE A 418 -29.89 25.68 47.74
C ILE A 418 -28.50 25.86 48.35
N ILE A 419 -28.34 25.51 49.64
CA ILE A 419 -27.00 25.44 50.23
C ILE A 419 -26.29 24.18 49.74
N GLN A 420 -27.06 23.16 49.32
CA GLN A 420 -26.45 22.03 48.61
C GLN A 420 -25.92 22.47 47.24
N LYS A 421 -26.65 23.35 46.55
CA LYS A 421 -26.21 23.80 45.23
C LYS A 421 -25.01 24.73 45.32
N VAL A 422 -25.08 25.75 46.18
CA VAL A 422 -23.94 26.67 46.30
C VAL A 422 -22.80 26.03 47.08
N ASP A 423 -23.06 24.92 47.78
CA ASP A 423 -22.01 24.12 48.37
C ASP A 423 -21.31 23.26 47.32
N GLU A 424 -22.06 22.82 46.30
CA GLU A 424 -21.44 22.19 45.14
C GLU A 424 -20.61 23.22 44.36
N ILE A 425 -21.09 24.46 44.29
CA ILE A 425 -20.30 25.54 43.70
C ILE A 425 -19.07 25.84 44.55
N TYR A 426 -19.18 25.70 45.87
CA TYR A 426 -18.01 25.77 46.74
C TYR A 426 -17.07 24.59 46.54
N LYS A 427 -17.58 23.44 46.10
CA LYS A 427 -16.75 22.29 45.79
C LYS A 427 -16.01 22.49 44.47
N VAL A 428 -16.64 23.15 43.51
CA VAL A 428 -15.94 23.55 42.29
C VAL A 428 -14.88 24.60 42.62
N TYR A 429 -15.20 25.53 43.52
CA TYR A 429 -14.26 26.57 43.90
C TYR A 429 -13.12 26.03 44.75
N GLY A 430 -13.33 24.90 45.43
CA GLY A 430 -12.29 24.34 46.27
C GLY A 430 -11.14 23.74 45.48
N SER A 431 -11.43 23.16 44.31
CA SER A 431 -10.41 22.64 43.43
C SER A 431 -9.95 23.65 42.39
N SER A 432 -10.43 24.90 42.48
CA SER A 432 -10.10 25.93 41.52
C SER A 432 -9.40 27.12 42.16
N GLU A 433 -9.23 27.13 43.49
CA GLU A 433 -8.68 28.29 44.18
C GLU A 433 -7.17 28.40 43.96
N LYS A 434 -6.48 27.28 43.81
CA LYS A 434 -5.04 27.25 43.59
C LYS A 434 -4.66 27.40 42.12
N LEU A 435 -5.60 27.81 41.26
CA LEU A 435 -5.27 28.02 39.85
C LEU A 435 -4.50 29.31 39.65
N PHE A 436 -4.93 30.39 40.30
CA PHE A 436 -4.41 31.73 40.05
C PHE A 436 -4.12 32.43 41.38
N ASP A 437 -3.41 31.71 42.26
CA ASP A 437 -3.26 32.13 43.66
C ASP A 437 -2.42 33.40 43.79
N ALA A 438 -1.14 33.33 43.39
CA ALA A 438 -0.27 34.50 43.54
C ALA A 438 0.19 35.09 42.22
N ASP A 439 0.91 34.32 41.40
CA ASP A 439 1.60 34.84 40.22
C ASP A 439 1.47 33.89 39.04
N PHE A 440 0.27 33.37 38.80
CA PHE A 440 0.07 32.38 37.76
C PHE A 440 0.08 33.03 36.39
N VAL A 441 1.06 32.65 35.57
CA VAL A 441 1.08 32.95 34.14
C VAL A 441 1.11 31.61 33.41
N LEU A 442 0.08 31.33 32.62
CA LEU A 442 -0.06 30.03 31.97
C LEU A 442 0.92 29.96 30.81
N GLU A 443 1.92 29.09 30.93
CA GLU A 443 3.00 29.04 29.95
C GLU A 443 2.62 28.30 28.68
N LYS A 444 1.54 27.51 28.70
CA LYS A 444 1.07 26.84 27.49
C LYS A 444 0.18 27.77 26.69
N SER A 445 -0.50 27.22 25.70
CA SER A 445 -1.52 27.96 24.95
C SER A 445 -2.88 27.77 25.62
N LEU A 446 -3.66 28.85 25.63
CA LEU A 446 -5.00 28.78 26.19
C LEU A 446 -5.93 27.94 25.34
N LYS A 447 -5.66 27.87 24.03
CA LYS A 447 -6.40 27.03 23.10
C LYS A 447 -5.91 25.58 23.09
N LYS A 448 -4.98 25.23 23.97
CA LYS A 448 -4.36 23.90 24.00
C LYS A 448 -4.43 23.24 25.36
N ASN A 449 -4.32 24.01 26.45
CA ASN A 449 -4.26 23.44 27.79
C ASN A 449 -5.64 22.91 28.19
N ASP A 450 -5.66 21.71 28.76
CA ASP A 450 -6.91 20.97 28.92
C ASP A 450 -7.60 21.30 30.24
N ALA A 451 -6.87 21.14 31.36
CA ALA A 451 -7.49 21.14 32.68
C ALA A 451 -7.95 22.53 33.10
N VAL A 452 -7.30 23.58 32.60
CA VAL A 452 -7.74 24.94 32.91
C VAL A 452 -9.09 25.22 32.24
N VAL A 453 -9.27 24.73 31.02
CA VAL A 453 -10.56 24.86 30.33
C VAL A 453 -11.59 23.94 30.96
N ALA A 454 -11.16 22.85 31.61
CA ALA A 454 -12.09 22.07 32.43
C ALA A 454 -12.56 22.87 33.64
N ILE A 455 -11.65 23.64 34.27
CA ILE A 455 -12.01 24.51 35.38
C ILE A 455 -12.99 25.58 34.95
N MET A 456 -12.70 26.25 33.82
CA MET A 456 -13.59 27.31 33.33
C MET A 456 -14.93 26.76 32.88
N LYS A 457 -14.94 25.56 32.29
CA LYS A 457 -16.18 24.96 31.82
C LYS A 457 -17.08 24.56 32.99
N ASP A 458 -16.54 23.80 33.94
CA ASP A 458 -17.36 23.34 35.06
C ASP A 458 -17.76 24.50 35.97
N LEU A 459 -16.88 25.50 36.11
CA LEU A 459 -17.19 26.66 36.94
C LEU A 459 -18.30 27.49 36.32
N LEU A 460 -18.15 27.84 35.03
CA LEU A 460 -19.16 28.68 34.39
C LEU A 460 -20.46 27.93 34.10
N ASP A 461 -20.41 26.59 34.04
CA ASP A 461 -21.66 25.84 33.94
C ASP A 461 -22.36 25.72 35.28
N SER A 462 -21.61 25.67 36.38
CA SER A 462 -22.24 25.71 37.70
C SER A 462 -22.87 27.07 37.97
N VAL A 463 -22.12 28.13 37.68
CA VAL A 463 -22.63 29.50 37.89
C VAL A 463 -23.76 29.80 36.93
N LYS A 464 -23.69 29.27 35.71
CA LYS A 464 -24.76 29.50 34.74
C LYS A 464 -26.01 28.69 35.07
N SER A 465 -25.85 27.47 35.58
CA SER A 465 -27.01 26.69 36.01
C SER A 465 -27.69 27.32 37.23
N PHE A 466 -26.89 27.82 38.18
CA PHE A 466 -27.45 28.58 39.29
C PHE A 466 -28.07 29.90 38.82
N GLU A 467 -27.57 30.44 37.71
CA GLU A 467 -28.19 31.62 37.11
C GLU A 467 -29.57 31.29 36.55
N ASN A 468 -29.71 30.12 35.92
CA ASN A 468 -31.03 29.68 35.47
C ASN A 468 -31.98 29.40 36.63
N TYR A 469 -31.47 28.88 37.75
CA TYR A 469 -32.27 28.64 38.93
C TYR A 469 -32.76 29.95 39.58
N ILE A 470 -31.86 30.92 39.76
CA ILE A 470 -32.24 32.19 40.37
C ILE A 470 -33.05 33.07 39.42
N LYS A 471 -32.90 32.92 38.09
CA LYS A 471 -33.84 33.60 37.22
C LYS A 471 -35.15 32.85 37.13
N ALA A 472 -35.20 31.60 37.58
CA ALA A 472 -36.46 30.94 37.84
C ALA A 472 -37.04 31.32 39.19
N PHE A 473 -36.31 32.09 40.01
CA PHE A 473 -36.92 32.74 41.18
C PHE A 473 -37.42 34.17 40.94
N PHE A 474 -37.68 34.58 39.70
CA PHE A 474 -38.40 35.83 39.47
C PHE A 474 -39.91 35.63 39.55
N GLY A 475 -40.63 36.74 39.36
CA GLY A 475 -42.07 36.74 39.18
C GLY A 475 -42.45 37.25 37.80
N GLU A 476 -43.56 38.01 37.78
CA GLU A 476 -44.02 38.59 36.52
C GLU A 476 -43.52 40.01 36.31
N GLY A 477 -43.52 40.85 37.35
CA GLY A 477 -43.09 42.22 37.19
C GLY A 477 -44.22 43.22 37.07
N LYS A 478 -44.04 44.42 37.64
CA LYS A 478 -45.06 45.46 37.75
C LYS A 478 -46.33 44.93 38.42
N GLU A 479 -46.14 44.13 39.45
CA GLU A 479 -47.19 43.40 40.13
C GLU A 479 -47.55 44.07 41.45
N THR A 480 -48.30 43.35 42.29
CA THR A 480 -48.78 43.83 43.58
C THR A 480 -47.68 43.86 44.64
N ASN A 481 -48.10 43.94 45.91
CA ASN A 481 -47.19 44.14 47.06
C ASN A 481 -46.07 43.10 47.11
N ARG A 482 -44.96 43.52 47.71
CA ARG A 482 -43.67 42.86 47.53
C ARG A 482 -42.76 43.25 48.70
N ASP A 483 -41.79 42.40 48.99
CA ASP A 483 -40.83 42.70 50.04
C ASP A 483 -39.92 43.83 49.60
N GLU A 484 -39.45 44.62 50.56
CA GLU A 484 -38.73 45.84 50.24
C GLU A 484 -37.21 45.65 50.19
N SER A 485 -36.68 44.61 50.82
CA SER A 485 -35.24 44.38 50.84
C SER A 485 -34.80 43.20 49.99
N PHE A 486 -35.71 42.29 49.63
CA PHE A 486 -35.33 41.08 48.91
C PHE A 486 -35.10 41.37 47.43
N TYR A 487 -36.05 42.05 46.79
CA TYR A 487 -35.99 42.27 45.36
C TYR A 487 -34.92 43.26 44.93
N GLY A 488 -34.45 44.13 45.84
CA GLY A 488 -33.38 45.05 45.50
C GLY A 488 -32.06 44.34 45.22
N ASP A 489 -31.56 43.63 46.23
CA ASP A 489 -30.34 42.84 46.07
C ASP A 489 -30.56 41.65 45.14
N PHE A 490 -31.82 41.23 44.97
CA PHE A 490 -32.13 40.19 43.99
C PHE A 490 -31.89 40.69 42.57
N VAL A 491 -32.37 41.90 42.25
CA VAL A 491 -32.16 42.47 40.92
C VAL A 491 -30.69 42.86 40.73
N LEU A 492 -30.03 43.34 41.79
CA LEU A 492 -28.61 43.69 41.69
C LEU A 492 -27.74 42.45 41.41
N ALA A 493 -27.97 41.37 42.17
CA ALA A 493 -27.24 40.12 41.95
C ALA A 493 -27.58 39.51 40.60
N TYR A 494 -28.81 39.71 40.12
CA TYR A 494 -29.16 39.21 38.79
C TYR A 494 -28.47 40.02 37.69
N ASP A 495 -28.26 41.32 37.91
CA ASP A 495 -27.60 42.14 36.91
C ASP A 495 -26.11 41.85 36.83
N ILE A 496 -25.46 41.72 37.99
CA ILE A 496 -24.03 41.39 38.00
C ILE A 496 -23.81 39.95 37.50
N LEU A 497 -24.76 39.06 37.81
CA LEU A 497 -24.70 37.71 37.27
C LEU A 497 -24.97 37.70 35.76
N LEU A 498 -25.71 38.68 35.26
CA LEU A 498 -25.82 38.85 33.81
C LEU A 498 -24.51 39.36 33.21
N LYS A 499 -23.75 40.16 33.98
CA LYS A 499 -22.44 40.60 33.51
C LYS A 499 -21.46 39.42 33.39
N VAL A 500 -21.45 38.51 34.37
CA VAL A 500 -20.59 37.34 34.20
C VAL A 500 -21.17 36.35 33.18
N ASP A 501 -22.46 36.45 32.86
CA ASP A 501 -22.97 35.74 31.69
C ASP A 501 -22.36 36.29 30.39
N HIS A 502 -22.18 37.62 30.31
CA HIS A 502 -21.43 38.18 29.19
C HIS A 502 -19.96 37.77 29.20
N ILE A 503 -19.38 37.55 30.39
CA ILE A 503 -18.01 37.04 30.45
C ILE A 503 -17.95 35.61 29.91
N TYR A 504 -18.96 34.80 30.22
CA TYR A 504 -19.09 33.48 29.61
C TYR A 504 -19.22 33.57 28.09
N ASP A 505 -19.94 34.58 27.60
CA ASP A 505 -20.07 34.77 26.15
C ASP A 505 -18.72 35.11 25.51
N ALA A 506 -17.93 35.94 26.19
CA ALA A 506 -16.64 36.34 25.63
C ALA A 506 -15.63 35.19 25.63
N ILE A 507 -15.60 34.41 26.72
CA ILE A 507 -14.63 33.31 26.80
C ILE A 507 -15.02 32.18 25.86
N ARG A 508 -16.32 31.85 25.79
CA ARG A 508 -16.75 30.78 24.90
C ARG A 508 -16.65 31.21 23.44
N ASN A 509 -16.77 32.51 23.15
CA ASN A 509 -16.51 32.98 21.80
C ASN A 509 -15.03 33.15 21.51
N TYR A 510 -14.16 33.07 22.51
CA TYR A 510 -12.72 33.17 22.26
C TYR A 510 -12.05 31.80 22.08
N VAL A 511 -12.36 30.85 22.96
CA VAL A 511 -11.59 29.59 23.02
C VAL A 511 -11.85 28.72 21.79
N THR A 512 -13.08 28.73 21.26
CA THR A 512 -13.47 27.85 20.17
C THR A 512 -13.19 28.45 18.79
N GLN A 513 -12.19 29.32 18.68
CA GLN A 513 -11.84 29.92 17.39
C GLN A 513 -11.09 28.91 16.53
N LYS A 514 -11.45 28.83 15.25
CA LYS A 514 -10.72 28.01 14.31
C LYS A 514 -9.35 28.64 14.01
N PRO A 515 -8.34 27.83 13.68
CA PRO A 515 -7.00 28.38 13.45
C PRO A 515 -6.79 29.06 12.11
N TYR A 516 -7.85 29.37 11.36
CA TYR A 516 -7.72 30.10 10.10
C TYR A 516 -8.81 31.18 10.04
N SER A 517 -8.43 32.37 9.62
CA SER A 517 -9.31 33.54 9.63
C SER A 517 -9.91 33.79 8.26
N LYS A 518 -11.10 34.38 8.24
CA LYS A 518 -11.82 34.70 7.02
C LYS A 518 -12.11 36.19 6.99
N ASP A 519 -11.42 36.91 6.10
CA ASP A 519 -11.64 38.34 5.91
C ASP A 519 -11.82 38.60 4.43
N LYS A 520 -13.07 38.59 3.97
CA LYS A 520 -13.42 38.97 2.61
C LYS A 520 -13.72 40.45 2.56
N PHE A 521 -13.36 41.10 1.45
CA PHE A 521 -13.66 42.53 1.33
C PHE A 521 -13.89 42.92 -0.12
N LYS A 522 -14.89 43.79 -0.32
CA LYS A 522 -15.18 44.31 -1.65
C LYS A 522 -14.11 45.28 -2.12
N LEU A 523 -13.74 45.16 -3.40
CA LEU A 523 -12.79 46.07 -4.01
C LEU A 523 -13.53 47.28 -4.60
N TYR A 524 -12.80 48.38 -4.75
CA TYR A 524 -13.35 49.63 -5.26
C TYR A 524 -12.91 49.96 -6.68
N PHE A 525 -11.60 49.86 -6.96
CA PHE A 525 -10.97 50.33 -8.21
C PHE A 525 -11.23 51.80 -8.48
N GLN A 526 -11.35 52.59 -7.40
CA GLN A 526 -11.50 54.06 -7.43
C GLN A 526 -12.71 54.52 -8.25
N ASN A 527 -13.78 53.73 -8.23
CA ASN A 527 -14.99 54.09 -8.95
C ASN A 527 -16.21 53.65 -8.14
N PRO A 528 -17.04 54.59 -7.67
CA PRO A 528 -18.28 54.20 -6.98
C PRO A 528 -19.43 53.90 -7.94
N GLN A 529 -19.14 53.25 -9.07
CA GLN A 529 -20.17 52.86 -10.03
C GLN A 529 -19.90 51.46 -10.57
N PHE A 530 -19.21 50.61 -9.82
CA PHE A 530 -18.56 49.41 -10.36
C PHE A 530 -19.60 48.33 -10.65
N MET A 531 -19.83 48.10 -11.95
CA MET A 531 -20.68 47.04 -12.53
C MET A 531 -22.05 46.91 -11.85
N GLY A 532 -22.67 48.06 -11.56
CA GLY A 532 -24.00 48.08 -10.96
C GLY A 532 -25.10 47.56 -11.88
N GLY A 533 -24.86 47.56 -13.20
CA GLY A 533 -25.78 46.96 -14.13
C GLY A 533 -25.11 45.88 -14.96
N TRP A 534 -25.73 45.47 -16.06
CA TRP A 534 -25.18 44.41 -16.91
C TRP A 534 -25.28 44.86 -18.36
N ASP A 535 -24.26 45.59 -18.82
CA ASP A 535 -24.13 46.10 -20.21
C ASP A 535 -25.36 46.91 -20.62
N LYS A 536 -25.55 48.03 -19.94
CA LYS A 536 -26.69 48.90 -20.22
C LYS A 536 -26.32 49.91 -21.31
N ASP A 537 -27.16 50.94 -21.47
CA ASP A 537 -26.95 51.94 -22.52
C ASP A 537 -25.70 52.78 -22.27
N LYS A 538 -25.32 52.99 -21.02
CA LYS A 538 -24.15 53.82 -20.73
C LYS A 538 -22.86 53.06 -21.03
N GLU A 539 -22.63 51.96 -20.30
CA GLU A 539 -21.60 50.93 -20.52
C GLU A 539 -20.17 51.44 -20.29
N THR A 540 -20.01 52.75 -20.07
CA THR A 540 -18.71 53.33 -19.72
C THR A 540 -18.61 53.72 -18.26
N ASP A 541 -19.72 53.69 -17.52
CA ASP A 541 -19.72 53.90 -16.09
C ASP A 541 -19.75 52.59 -15.31
N TYR A 542 -20.17 51.49 -15.95
CA TYR A 542 -20.19 50.19 -15.31
C TYR A 542 -18.97 49.35 -15.67
N ARG A 543 -18.42 49.56 -16.87
CA ARG A 543 -17.09 49.15 -17.36
C ARG A 543 -16.66 47.72 -17.03
N ALA A 544 -17.60 46.78 -17.12
CA ALA A 544 -17.30 45.37 -16.95
C ALA A 544 -18.27 44.55 -17.81
N THR A 545 -17.73 43.56 -18.52
CA THR A 545 -18.56 42.69 -19.34
C THR A 545 -18.04 41.27 -19.21
N ILE A 546 -18.82 40.32 -19.70
CA ILE A 546 -18.56 38.90 -19.51
C ILE A 546 -18.17 38.29 -20.85
N LEU A 547 -16.90 37.91 -20.98
CA LEU A 547 -16.44 37.14 -22.12
C LEU A 547 -16.43 35.65 -21.78
N ARG A 548 -16.55 34.82 -22.82
CA ARG A 548 -16.63 33.39 -22.63
C ARG A 548 -15.59 32.68 -23.50
N TYR A 549 -15.11 31.54 -23.00
CA TYR A 549 -14.24 30.68 -23.79
C TYR A 549 -14.47 29.24 -23.33
N GLY A 550 -15.37 28.54 -24.03
CA GLY A 550 -15.70 27.16 -23.72
C GLY A 550 -16.34 26.99 -22.36
N SER A 551 -15.66 26.28 -21.46
CA SER A 551 -16.08 26.12 -20.09
C SER A 551 -15.28 27.01 -19.14
N LYS A 552 -14.60 28.02 -19.66
CA LYS A 552 -13.82 28.95 -18.84
C LYS A 552 -14.26 30.36 -19.17
N TYR A 553 -14.69 31.11 -18.15
CA TYR A 553 -15.21 32.44 -18.40
C TYR A 553 -14.18 33.49 -18.02
N TYR A 554 -14.31 34.68 -18.60
CA TYR A 554 -13.32 35.74 -18.44
C TYR A 554 -14.02 37.07 -18.27
N LEU A 555 -13.93 37.63 -17.07
CA LEU A 555 -14.51 38.93 -16.75
C LEU A 555 -13.58 40.03 -17.26
N ALA A 556 -14.13 40.91 -18.09
CA ALA A 556 -13.40 42.05 -18.62
C ALA A 556 -13.75 43.29 -17.81
N ILE A 557 -12.78 43.79 -17.05
CA ILE A 557 -12.90 45.01 -16.26
C ILE A 557 -12.01 46.06 -16.90
N MET A 558 -12.59 47.18 -17.29
CA MET A 558 -11.89 48.21 -18.04
C MET A 558 -11.37 49.28 -17.08
N ASP A 559 -10.10 49.65 -17.25
CA ASP A 559 -9.49 50.69 -16.43
C ASP A 559 -10.09 52.05 -16.77
N LYS A 560 -10.05 52.96 -15.79
CA LYS A 560 -10.71 54.26 -15.93
C LYS A 560 -10.01 55.16 -16.95
N LYS A 561 -8.72 54.93 -17.19
CA LYS A 561 -8.01 55.75 -18.18
C LYS A 561 -8.29 55.34 -19.61
N TYR A 562 -8.74 54.10 -19.85
CA TYR A 562 -8.85 53.60 -21.20
C TYR A 562 -10.27 53.21 -21.60
N ALA A 563 -11.21 53.18 -20.67
CA ALA A 563 -12.57 52.72 -20.97
C ALA A 563 -13.34 53.67 -21.88
N LYS A 564 -12.89 54.92 -22.01
CA LYS A 564 -13.57 55.87 -22.88
C LYS A 564 -13.35 55.55 -24.34
N CYS A 565 -12.23 54.92 -24.67
CA CYS A 565 -11.87 54.63 -26.06
C CYS A 565 -11.35 53.20 -26.19
N LEU A 566 -11.98 52.26 -25.48
CA LEU A 566 -11.62 50.86 -25.58
C LEU A 566 -12.58 50.06 -26.46
N GLN A 567 -13.80 50.54 -26.66
CA GLN A 567 -14.83 49.81 -27.41
C GLN A 567 -14.48 49.87 -28.90
N LYS A 568 -13.57 48.99 -29.31
CA LYS A 568 -13.23 48.76 -30.72
C LYS A 568 -13.22 47.25 -30.96
N ILE A 569 -14.41 46.72 -31.24
CA ILE A 569 -14.64 45.27 -31.25
C ILE A 569 -14.44 44.81 -32.70
N ASP A 570 -13.23 44.34 -32.99
CA ASP A 570 -12.96 43.70 -34.27
C ASP A 570 -13.20 42.20 -34.17
N LYS A 571 -13.71 41.62 -35.25
CA LYS A 571 -13.98 40.18 -35.27
C LYS A 571 -12.80 39.39 -35.83
N ASP A 572 -12.20 39.90 -36.91
CA ASP A 572 -10.92 39.49 -37.53
C ASP A 572 -11.00 38.15 -38.27
N ASP A 573 -12.09 37.39 -38.07
CA ASP A 573 -12.44 36.17 -38.80
C ASP A 573 -11.35 35.09 -38.77
N VAL A 574 -10.52 35.04 -37.73
CA VAL A 574 -9.44 34.05 -37.68
C VAL A 574 -9.59 33.15 -36.47
N ASN A 575 -9.50 33.73 -35.27
CA ASN A 575 -9.39 32.93 -34.07
C ASN A 575 -9.93 33.74 -32.88
N GLY A 576 -10.36 33.01 -31.85
CA GLY A 576 -10.80 33.64 -30.61
C GLY A 576 -12.14 34.32 -30.71
N ASN A 577 -13.20 33.54 -30.89
CA ASN A 577 -14.56 34.06 -30.96
C ASN A 577 -15.10 34.22 -29.55
N TYR A 578 -14.64 35.27 -28.88
CA TYR A 578 -15.10 35.61 -27.53
C TYR A 578 -16.47 36.27 -27.65
N GLU A 579 -17.51 35.45 -27.52
CA GLU A 579 -18.88 35.91 -27.69
C GLU A 579 -19.30 36.76 -26.49
N LYS A 580 -19.29 38.08 -26.67
CA LYS A 580 -19.64 38.98 -25.58
C LYS A 580 -21.15 38.98 -25.36
N ILE A 581 -21.56 39.27 -24.12
CA ILE A 581 -22.97 39.32 -23.77
C ILE A 581 -23.52 40.70 -24.09
N ASN A 582 -24.78 40.74 -24.51
CA ASN A 582 -25.47 41.99 -24.82
C ASN A 582 -26.96 41.74 -24.54
N TYR A 583 -27.83 42.61 -25.07
CA TYR A 583 -29.29 42.51 -25.01
C TYR A 583 -29.79 42.47 -23.57
N LYS A 584 -29.54 43.58 -22.88
CA LYS A 584 -29.99 43.74 -21.50
C LYS A 584 -31.49 44.03 -21.47
N LEU A 585 -32.05 44.04 -20.27
CA LEU A 585 -33.44 44.42 -20.07
C LEU A 585 -33.63 45.12 -18.73
N TYR A 678 -36.94 39.73 -22.50
CA TYR A 678 -35.65 39.19 -22.09
C TYR A 678 -35.04 38.34 -23.20
N LYS A 679 -34.09 38.91 -23.92
CA LYS A 679 -33.43 38.25 -25.03
C LYS A 679 -31.97 37.96 -24.69
N VAL A 680 -31.52 36.77 -25.05
CA VAL A 680 -30.13 36.34 -24.83
C VAL A 680 -29.51 36.05 -26.18
N SER A 681 -28.48 36.82 -26.54
CA SER A 681 -27.75 36.60 -27.78
C SER A 681 -26.30 37.02 -27.54
N PHE A 682 -25.47 36.91 -28.58
CA PHE A 682 -24.04 37.14 -28.45
C PHE A 682 -23.51 37.84 -29.68
N GLU A 683 -22.35 38.48 -29.51
CA GLU A 683 -21.61 39.11 -30.60
C GLU A 683 -20.15 38.72 -30.47
N SER A 684 -19.55 38.31 -31.58
CA SER A 684 -18.18 37.80 -31.53
C SER A 684 -17.17 38.94 -31.45
N ALA A 685 -15.91 38.56 -31.24
CA ALA A 685 -14.80 39.50 -31.16
C ALA A 685 -13.52 38.78 -31.58
N SER A 686 -12.38 39.41 -31.32
CA SER A 686 -11.07 38.85 -31.65
C SER A 686 -10.38 38.37 -30.38
N LYS A 687 -9.13 37.92 -30.54
CA LYS A 687 -8.35 37.37 -29.44
C LYS A 687 -7.06 38.13 -29.19
N LYS A 688 -6.27 38.40 -30.22
CA LYS A 688 -4.94 38.93 -30.04
C LYS A 688 -4.95 40.41 -29.68
N GLU A 689 -6.04 41.12 -29.95
CA GLU A 689 -6.11 42.54 -29.62
C GLU A 689 -6.30 42.76 -28.13
N VAL A 690 -7.27 42.06 -27.53
CA VAL A 690 -7.51 42.21 -26.10
C VAL A 690 -6.41 41.53 -25.29
N ASP A 691 -5.77 40.49 -25.85
CA ASP A 691 -4.61 39.91 -25.19
C ASP A 691 -3.39 40.81 -25.32
N LYS A 692 -3.32 41.59 -26.39
CA LYS A 692 -2.31 42.66 -26.46
C LYS A 692 -2.60 43.73 -25.41
N LEU A 693 -3.88 44.00 -25.14
CA LEU A 693 -4.23 44.90 -24.05
C LEU A 693 -3.88 44.31 -22.69
N VAL A 694 -3.92 42.99 -22.56
CA VAL A 694 -3.48 42.33 -21.33
C VAL A 694 -1.96 42.44 -21.18
N GLU A 695 -1.23 42.19 -22.27
CA GLU A 695 0.23 42.25 -22.22
C GLU A 695 0.75 43.67 -22.03
N GLU A 696 -0.02 44.68 -22.47
CA GLU A 696 0.36 46.05 -22.19
C GLU A 696 -0.12 46.49 -20.80
N GLY A 697 -1.29 46.03 -20.39
CA GLY A 697 -1.80 46.38 -19.08
C GLY A 697 -2.97 47.35 -19.13
N LYS A 698 -3.84 47.18 -20.13
CA LYS A 698 -4.97 48.08 -20.33
C LYS A 698 -6.32 47.41 -20.07
N LEU A 699 -6.33 46.16 -19.62
CA LEU A 699 -7.57 45.44 -19.35
C LEU A 699 -7.35 44.46 -18.21
N TYR A 700 -8.39 44.23 -17.43
CA TYR A 700 -8.33 43.34 -16.26
C TYR A 700 -9.30 42.18 -16.47
N MET A 701 -8.79 41.05 -16.96
CA MET A 701 -9.60 39.87 -17.24
C MET A 701 -9.37 38.85 -16.13
N PHE A 702 -10.40 38.62 -15.31
CA PHE A 702 -10.31 37.61 -14.26
C PHE A 702 -11.08 36.35 -14.65
N GLN A 703 -10.47 35.20 -14.40
CA GLN A 703 -11.04 33.93 -14.83
C GLN A 703 -12.13 33.48 -13.88
N ILE A 704 -13.35 33.35 -14.40
CA ILE A 704 -14.46 32.73 -13.68
C ILE A 704 -14.42 31.23 -13.98
N TYR A 705 -14.40 30.45 -12.90
CA TYR A 705 -14.01 29.04 -12.85
C TYR A 705 -14.27 28.56 -11.43
N ASN A 706 -14.50 27.26 -11.28
CA ASN A 706 -14.62 26.68 -9.94
C ASN A 706 -14.10 25.24 -10.00
N LYS A 707 -14.49 24.43 -9.02
CA LYS A 707 -14.13 23.01 -8.98
C LYS A 707 -14.67 22.26 -10.20
N ASP A 708 -15.85 22.64 -10.68
CA ASP A 708 -16.60 21.79 -11.61
C ASP A 708 -16.65 22.35 -13.03
N PHE A 709 -15.77 23.28 -13.39
CA PHE A 709 -15.48 23.51 -14.80
C PHE A 709 -14.20 22.80 -15.24
N SER A 710 -13.67 21.91 -14.41
CA SER A 710 -12.39 21.27 -14.68
C SER A 710 -12.52 20.23 -15.78
N ASP A 711 -11.49 20.14 -16.63
CA ASP A 711 -11.50 19.15 -17.69
C ASP A 711 -11.35 17.74 -17.13
N LYS A 712 -10.57 17.59 -16.07
CA LYS A 712 -10.31 16.29 -15.46
C LYS A 712 -11.34 15.97 -14.38
N SER A 713 -12.60 15.89 -14.80
CA SER A 713 -13.71 15.56 -13.92
C SER A 713 -14.63 14.56 -14.60
N HIS A 714 -14.98 13.50 -13.88
CA HIS A 714 -15.77 12.41 -14.43
C HIS A 714 -17.18 12.33 -13.85
N GLY A 715 -17.60 13.31 -13.05
CA GLY A 715 -18.87 13.21 -12.37
C GLY A 715 -19.83 14.37 -12.55
N THR A 716 -20.67 14.59 -11.54
CA THR A 716 -21.77 15.56 -11.54
C THR A 716 -21.31 16.85 -10.89
N PRO A 717 -21.57 18.02 -11.52
CA PRO A 717 -21.14 19.29 -10.91
C PRO A 717 -21.98 19.72 -9.72
N ASN A 718 -21.72 20.94 -9.22
CA ASN A 718 -22.48 21.49 -8.11
C ASN A 718 -23.82 22.03 -8.60
N LEU A 719 -24.50 22.79 -7.74
CA LEU A 719 -25.76 23.41 -8.12
C LEU A 719 -25.60 24.83 -8.61
N HIS A 720 -24.68 25.60 -8.02
CA HIS A 720 -24.45 26.98 -8.44
C HIS A 720 -23.80 27.03 -9.83
N THR A 721 -23.03 26.00 -10.19
CA THR A 721 -22.48 25.92 -11.53
C THR A 721 -23.58 25.73 -12.56
N MET A 722 -24.58 24.90 -12.24
CA MET A 722 -25.73 24.76 -13.14
C MET A 722 -26.66 25.95 -13.09
N TYR A 723 -26.61 26.75 -12.03
CA TYR A 723 -27.24 28.07 -12.08
C TYR A 723 -26.51 28.99 -13.05
N PHE A 724 -25.18 28.86 -13.12
CA PHE A 724 -24.40 29.80 -13.92
C PHE A 724 -24.34 29.41 -15.39
N LYS A 725 -24.47 28.12 -15.71
CA LYS A 725 -24.45 27.68 -17.10
C LYS A 725 -25.76 28.04 -17.83
N LEU A 726 -26.90 27.89 -17.15
CA LEU A 726 -28.18 28.17 -17.78
C LEU A 726 -28.52 29.65 -17.83
N LEU A 727 -27.63 30.52 -17.36
CA LEU A 727 -27.78 31.95 -17.60
C LEU A 727 -27.55 32.28 -19.07
N PHE A 728 -26.44 31.82 -19.63
CA PHE A 728 -26.06 32.12 -21.00
C PHE A 728 -26.53 31.08 -22.00
N ASP A 729 -27.38 30.16 -21.58
CA ASP A 729 -27.83 29.08 -22.45
C ASP A 729 -28.83 29.61 -23.48
N GLU A 730 -29.04 28.83 -24.54
CA GLU A 730 -29.81 29.29 -25.70
C GLU A 730 -31.28 29.49 -25.38
N ASN A 731 -31.92 28.50 -24.76
CA ASN A 731 -33.35 28.60 -24.47
C ASN A 731 -33.61 29.21 -23.08
N ASN A 732 -32.99 30.36 -22.83
CA ASN A 732 -33.19 31.12 -21.60
C ASN A 732 -34.44 31.98 -21.81
N HIS A 733 -35.60 31.40 -21.47
CA HIS A 733 -36.87 32.04 -21.76
C HIS A 733 -37.16 33.23 -20.83
N GLY A 734 -36.44 33.38 -19.74
CA GLY A 734 -36.71 34.44 -18.80
C GLY A 734 -36.80 33.93 -17.37
N GLN A 735 -36.33 32.71 -17.15
CA GLN A 735 -36.42 32.09 -15.83
C GLN A 735 -35.38 32.69 -14.88
N ILE A 736 -34.11 32.54 -15.20
CA ILE A 736 -33.02 33.05 -14.38
C ILE A 736 -32.46 34.29 -15.06
N ARG A 737 -32.48 35.42 -14.35
CA ARG A 737 -31.97 36.67 -14.91
C ARG A 737 -31.12 37.37 -13.87
N LEU A 738 -30.16 38.17 -14.34
CA LEU A 738 -29.21 38.82 -13.46
C LEU A 738 -29.85 40.00 -12.73
N SER A 739 -29.08 40.60 -11.84
CA SER A 739 -29.53 41.75 -11.06
C SER A 739 -28.32 42.59 -10.70
N GLY A 740 -28.58 43.75 -10.10
CA GLY A 740 -27.51 44.65 -9.68
C GLY A 740 -26.89 44.20 -8.37
N GLY A 741 -25.99 45.05 -7.87
CA GLY A 741 -25.31 44.76 -6.64
C GLY A 741 -24.26 43.67 -6.72
N ALA A 742 -23.65 43.50 -7.89
CA ALA A 742 -22.60 42.50 -8.04
C ALA A 742 -21.33 42.97 -7.34
N GLU A 743 -20.83 42.15 -6.41
CA GLU A 743 -19.73 42.54 -5.55
C GLU A 743 -18.63 41.50 -5.63
N LEU A 744 -17.38 41.95 -5.79
CA LEU A 744 -16.23 41.08 -5.90
C LEU A 744 -15.39 41.22 -4.65
N PHE A 745 -15.16 40.11 -3.95
CA PHE A 745 -14.50 40.07 -2.65
C PHE A 745 -13.12 39.43 -2.80
N MET A 746 -12.10 40.16 -2.35
CA MET A 746 -10.76 39.61 -2.25
C MET A 746 -10.57 39.05 -0.84
N ARG A 747 -9.82 37.96 -0.75
CA ARG A 747 -9.52 37.30 0.52
C ARG A 747 -8.02 37.06 0.63
N ARG A 748 -7.49 37.38 1.81
CA ARG A 748 -6.07 37.33 2.11
C ARG A 748 -5.65 35.91 2.51
N ALA A 749 -4.34 35.71 2.53
CA ALA A 749 -3.80 34.43 2.98
C ALA A 749 -3.72 34.40 4.51
N SER A 750 -4.12 33.26 5.09
CA SER A 750 -4.14 33.09 6.54
C SER A 750 -3.12 32.08 7.02
N LEU A 751 -3.13 30.87 6.47
CA LEU A 751 -2.16 29.84 6.86
C LEU A 751 -0.84 30.15 6.18
N LYS A 752 0.20 30.42 6.97
CA LYS A 752 1.50 30.77 6.42
C LYS A 752 2.23 29.50 5.95
N LYS A 753 3.47 29.69 5.50
CA LYS A 753 4.28 28.61 4.94
C LYS A 753 5.00 27.79 6.01
N GLU A 754 4.66 27.97 7.29
CA GLU A 754 5.26 27.19 8.36
C GLU A 754 4.30 26.12 8.90
N GLU A 755 2.99 26.35 8.78
CA GLU A 755 1.99 25.50 9.41
C GLU A 755 1.39 24.46 8.47
N LEU A 756 2.00 24.24 7.30
CA LEU A 756 1.41 23.33 6.33
C LEU A 756 1.61 21.88 6.74
N VAL A 757 0.55 21.08 6.56
CA VAL A 757 0.54 19.66 6.90
C VAL A 757 0.08 18.90 5.66
N VAL A 758 0.82 17.86 5.28
CA VAL A 758 0.71 17.28 3.96
C VAL A 758 0.69 15.75 4.06
N HIS A 759 0.11 15.12 3.03
CA HIS A 759 0.40 13.71 2.73
C HIS A 759 1.49 13.68 1.67
N PRO A 760 2.61 13.01 1.89
CA PRO A 760 3.75 13.13 0.97
C PRO A 760 3.55 12.29 -0.28
N ALA A 761 4.50 12.42 -1.20
CA ALA A 761 4.42 11.75 -2.49
C ALA A 761 4.78 10.28 -2.33
N ASN A 762 3.84 9.41 -2.72
CA ASN A 762 4.01 7.94 -2.73
C ASN A 762 4.35 7.39 -1.33
N SER A 763 3.39 7.57 -0.42
CA SER A 763 3.41 6.96 0.89
C SER A 763 2.07 6.30 1.14
N PRO A 764 2.05 5.12 1.75
CA PRO A 764 0.78 4.43 2.03
C PRO A 764 0.06 5.07 3.22
N ILE A 765 -0.99 5.83 2.92
CA ILE A 765 -1.81 6.47 3.93
C ILE A 765 -3.10 5.69 4.08
N ALA A 766 -3.65 5.68 5.29
CA ALA A 766 -4.75 4.79 5.63
C ALA A 766 -6.07 5.40 5.17
N ASN A 767 -7.18 4.78 5.56
CA ASN A 767 -8.52 5.22 5.20
C ASN A 767 -9.41 5.21 6.43
N LYS A 768 -10.21 6.27 6.59
CA LYS A 768 -10.95 6.50 7.82
C LYS A 768 -12.15 5.57 7.95
N ASN A 769 -12.85 5.31 6.86
CA ASN A 769 -14.14 4.62 6.93
C ASN A 769 -13.93 3.14 7.18
N PRO A 770 -14.53 2.57 8.22
CA PRO A 770 -14.52 1.10 8.36
C PRO A 770 -15.39 0.39 7.34
N ASP A 771 -16.32 1.09 6.70
CA ASP A 771 -17.12 0.53 5.61
C ASP A 771 -16.43 0.67 4.26
N ASN A 772 -15.27 1.29 4.21
CA ASN A 772 -14.48 1.39 2.99
C ASN A 772 -13.85 0.02 2.71
N PRO A 773 -14.10 -0.59 1.55
CA PRO A 773 -13.45 -1.88 1.25
C PRO A 773 -11.94 -1.77 1.08
N LYS A 774 -11.44 -0.65 0.55
CA LYS A 774 -10.01 -0.43 0.59
C LYS A 774 -9.59 0.02 1.99
N LYS A 775 -8.32 -0.21 2.31
N LYS A 775 -8.32 -0.22 2.31
CA LYS A 775 -7.77 0.16 3.60
CA LYS A 775 -7.77 0.16 3.60
C LYS A 775 -6.68 1.21 3.48
C LYS A 775 -6.68 1.21 3.48
N THR A 776 -5.81 1.11 2.48
CA THR A 776 -4.76 2.09 2.25
C THR A 776 -4.91 2.67 0.84
N THR A 777 -4.25 3.79 0.61
CA THR A 777 -4.18 4.40 -0.71
C THR A 777 -2.85 5.13 -0.84
N THR A 778 -2.47 5.40 -2.09
CA THR A 778 -1.17 5.97 -2.39
C THR A 778 -1.29 6.88 -3.60
N LEU A 779 -0.81 8.12 -3.47
CA LEU A 779 -0.87 9.10 -4.54
C LEU A 779 0.53 9.50 -4.96
N SER A 780 0.66 9.88 -6.23
CA SER A 780 1.92 10.29 -6.82
C SER A 780 2.26 11.75 -6.57
N TYR A 781 1.46 12.45 -5.77
CA TYR A 781 1.64 13.87 -5.54
C TYR A 781 1.22 14.19 -4.10
N ASP A 782 1.10 15.47 -3.80
CA ASP A 782 0.91 15.93 -2.43
C ASP A 782 -0.55 16.31 -2.18
N VAL A 783 -1.01 16.06 -0.96
CA VAL A 783 -2.32 16.50 -0.48
C VAL A 783 -2.09 17.29 0.80
N TYR A 784 -2.26 18.61 0.73
CA TYR A 784 -1.98 19.48 1.86
C TYR A 784 -3.15 19.51 2.83
N LYS A 785 -3.05 20.38 3.83
CA LYS A 785 -4.14 20.68 4.76
C LYS A 785 -4.57 22.12 4.56
N ASP A 786 -5.74 22.30 3.94
CA ASP A 786 -6.37 23.60 3.68
C ASP A 786 -5.46 24.51 2.85
N LYS A 787 -5.22 24.06 1.62
CA LYS A 787 -4.38 24.82 0.70
C LYS A 787 -5.06 26.12 0.24
N ARG A 788 -6.39 26.16 0.27
CA ARG A 788 -7.16 27.29 -0.21
C ARG A 788 -7.04 28.53 0.67
N PHE A 789 -6.59 28.40 1.92
CA PHE A 789 -6.42 29.56 2.79
C PHE A 789 -4.99 30.07 2.83
N SER A 790 -4.02 29.30 2.35
CA SER A 790 -2.65 29.80 2.23
C SER A 790 -2.46 30.69 1.01
N GLU A 791 -3.43 30.71 0.10
CA GLU A 791 -3.36 31.48 -1.12
C GLU A 791 -4.28 32.69 -1.05
N ASP A 792 -3.90 33.75 -1.73
CA ASP A 792 -4.77 34.91 -1.91
C ASP A 792 -5.73 34.63 -3.04
N GLN A 793 -7.00 34.99 -2.82
CA GLN A 793 -8.02 34.46 -3.72
C GLN A 793 -9.08 35.52 -3.97
N TYR A 794 -9.65 35.51 -5.18
CA TYR A 794 -10.81 36.33 -5.47
C TYR A 794 -12.05 35.45 -5.47
N GLU A 795 -13.15 35.98 -4.95
CA GLU A 795 -14.44 35.31 -4.97
C GLU A 795 -15.48 36.33 -5.42
N LEU A 796 -16.52 35.85 -6.10
CA LEU A 796 -17.45 36.76 -6.77
C LEU A 796 -18.88 36.44 -6.37
N HIS A 797 -19.62 37.49 -6.01
CA HIS A 797 -21.07 37.40 -5.92
C HIS A 797 -21.70 37.73 -7.27
N ILE A 798 -22.56 36.84 -7.73
CA ILE A 798 -23.36 37.06 -8.92
C ILE A 798 -24.82 37.01 -8.45
N PRO A 799 -25.40 38.15 -8.03
CA PRO A 799 -26.77 38.14 -7.48
C PRO A 799 -27.79 37.95 -8.60
N ILE A 800 -28.38 36.76 -8.64
CA ILE A 800 -29.36 36.44 -9.67
C ILE A 800 -30.76 36.50 -9.07
N ALA A 801 -31.75 36.45 -9.94
CA ALA A 801 -33.15 36.42 -9.56
C ALA A 801 -33.86 35.40 -10.43
N ILE A 802 -34.67 34.56 -9.79
CA ILE A 802 -35.40 33.49 -10.46
C ILE A 802 -36.88 33.83 -10.38
N ASN A 803 -37.55 33.82 -11.54
CA ASN A 803 -38.98 34.04 -11.71
C ASN A 803 -39.39 35.43 -11.21
N LYS A 804 -38.72 36.46 -11.74
CA LYS A 804 -39.05 37.83 -11.39
C LYS A 804 -40.45 38.20 -11.88
N CYS A 805 -40.82 37.74 -13.06
CA CYS A 805 -42.19 37.84 -13.53
C CYS A 805 -42.90 36.51 -13.25
N PRO A 806 -43.88 36.48 -12.35
CA PRO A 806 -44.56 35.21 -12.02
C PRO A 806 -45.44 34.74 -13.17
N LYS A 807 -45.88 33.50 -13.06
CA LYS A 807 -46.66 32.84 -14.10
C LYS A 807 -48.05 32.45 -13.62
N ASN A 808 -48.17 31.87 -12.43
CA ASN A 808 -49.46 31.43 -11.87
C ASN A 808 -49.51 31.91 -10.43
N ILE A 809 -50.18 33.04 -10.21
CA ILE A 809 -50.26 33.67 -8.89
C ILE A 809 -51.51 33.12 -8.20
N PHE A 810 -51.32 32.21 -7.25
CA PHE A 810 -52.41 31.69 -6.46
C PHE A 810 -51.86 31.21 -5.12
N LYS A 811 -52.74 31.14 -4.12
CA LYS A 811 -52.35 30.69 -2.80
C LYS A 811 -52.08 29.19 -2.80
N ILE A 812 -51.00 28.78 -2.12
CA ILE A 812 -50.55 27.39 -2.19
C ILE A 812 -51.50 26.48 -1.41
N ASN A 813 -51.82 26.86 -0.17
CA ASN A 813 -52.36 25.92 0.81
C ASN A 813 -53.77 25.47 0.47
N THR A 814 -54.60 26.40 -0.04
CA THR A 814 -55.96 26.05 -0.43
C THR A 814 -55.96 25.09 -1.61
N GLU A 815 -55.07 25.33 -2.58
CA GLU A 815 -54.97 24.45 -3.74
C GLU A 815 -54.41 23.08 -3.35
N VAL A 816 -53.50 23.04 -2.37
CA VAL A 816 -53.03 21.78 -1.82
C VAL A 816 -54.19 21.00 -1.19
N ARG A 817 -55.05 21.70 -0.44
CA ARG A 817 -56.15 21.00 0.22
C ARG A 817 -57.24 20.55 -0.76
N VAL A 818 -57.49 21.32 -1.82
CA VAL A 818 -58.47 20.91 -2.82
C VAL A 818 -57.94 19.73 -3.63
N LEU A 819 -56.68 19.81 -4.08
CA LEU A 819 -56.11 18.71 -4.86
C LEU A 819 -55.92 17.46 -4.01
N LEU A 820 -55.70 17.62 -2.70
CA LEU A 820 -55.74 16.45 -1.83
C LEU A 820 -57.15 16.01 -1.47
N LYS A 821 -58.17 16.83 -1.73
CA LYS A 821 -59.52 16.28 -1.67
C LYS A 821 -59.81 15.45 -2.92
N HIS A 822 -59.28 15.88 -4.08
CA HIS A 822 -59.48 15.09 -5.30
C HIS A 822 -58.55 13.88 -5.34
N ASP A 823 -57.32 14.00 -4.86
CA ASP A 823 -56.43 12.84 -4.81
C ASP A 823 -56.76 12.00 -3.58
N ASP A 824 -56.50 10.71 -3.69
CA ASP A 824 -56.75 9.76 -2.61
C ASP A 824 -55.51 9.44 -1.78
N ASN A 825 -54.30 9.80 -2.25
CA ASN A 825 -53.05 9.28 -1.69
C ASN A 825 -52.03 10.39 -1.50
N PRO A 826 -51.99 11.01 -0.32
CA PRO A 826 -50.86 11.86 0.08
C PRO A 826 -49.79 10.99 0.75
N TYR A 827 -48.70 11.62 1.20
CA TYR A 827 -47.61 10.84 1.74
C TYR A 827 -47.13 11.34 3.10
N VAL A 828 -46.65 10.41 3.92
CA VAL A 828 -46.15 10.74 5.24
C VAL A 828 -44.70 10.28 5.32
N ILE A 829 -43.78 11.23 5.55
CA ILE A 829 -42.38 10.92 5.80
C ILE A 829 -42.19 10.80 7.30
N GLY A 830 -41.63 9.68 7.74
CA GLY A 830 -41.55 9.42 9.16
C GLY A 830 -40.28 9.99 9.72
N ILE A 831 -40.39 11.20 10.29
CA ILE A 831 -39.28 11.93 10.87
C ILE A 831 -39.54 12.04 12.36
N ASP A 832 -38.75 11.32 13.15
CA ASP A 832 -38.91 11.33 14.59
C ASP A 832 -37.54 11.25 15.23
N ARG A 833 -37.25 12.18 16.15
CA ARG A 833 -36.05 12.09 16.96
C ARG A 833 -36.13 10.88 17.89
N GLY A 834 -35.14 10.01 17.81
CA GLY A 834 -35.20 8.75 18.51
C GLY A 834 -34.03 8.58 19.46
N GLU A 835 -34.14 7.55 20.30
CA GLU A 835 -33.15 7.29 21.35
C GLU A 835 -31.98 6.49 20.80
N ARG A 836 -32.26 5.34 20.20
CA ARG A 836 -31.21 4.51 19.63
C ARG A 836 -30.82 4.99 18.24
N ASN A 837 -31.78 5.03 17.33
CA ASN A 837 -31.57 5.62 16.01
C ASN A 837 -31.74 7.11 16.11
N LEU A 838 -30.82 7.87 15.51
CA LEU A 838 -30.95 9.33 15.47
C LEU A 838 -32.20 9.75 14.70
N LEU A 839 -32.29 9.33 13.44
CA LEU A 839 -33.50 9.44 12.67
C LEU A 839 -33.88 8.06 12.17
N TYR A 840 -35.19 7.86 11.98
CA TYR A 840 -35.67 6.60 11.42
C TYR A 840 -36.86 6.97 10.54
N ILE A 841 -36.59 7.19 9.26
CA ILE A 841 -37.59 7.66 8.31
C ILE A 841 -38.58 6.55 8.02
N VAL A 842 -39.83 6.78 8.37
CA VAL A 842 -40.88 5.79 8.09
C VAL A 842 -41.70 6.35 6.93
N VAL A 843 -41.32 5.99 5.71
CA VAL A 843 -42.03 6.39 4.51
C VAL A 843 -43.29 5.55 4.49
N VAL A 844 -44.44 6.20 4.44
CA VAL A 844 -45.70 5.49 4.61
C VAL A 844 -46.79 6.16 3.77
N ASP A 845 -47.53 5.35 3.01
CA ASP A 845 -48.80 5.96 2.62
C ASP A 845 -49.94 5.17 3.23
N GLY A 846 -51.15 5.68 2.98
CA GLY A 846 -52.28 5.46 3.85
C GLY A 846 -53.58 5.04 3.22
N LYS A 847 -53.61 3.87 2.56
CA LYS A 847 -54.86 3.14 2.47
C LYS A 847 -55.15 2.41 3.78
N GLY A 848 -54.17 2.41 4.69
CA GLY A 848 -54.09 1.55 5.83
C GLY A 848 -52.72 0.91 5.77
N ASN A 849 -52.04 1.07 4.65
CA ASN A 849 -50.73 0.45 4.50
C ASN A 849 -49.53 1.22 3.99
N ILE A 850 -48.39 0.99 4.63
CA ILE A 850 -47.20 1.81 4.46
C ILE A 850 -46.49 1.57 3.14
N VAL A 851 -45.50 2.41 2.88
CA VAL A 851 -44.68 2.36 1.67
C VAL A 851 -43.33 1.69 1.88
N GLU A 852 -42.47 2.31 2.68
CA GLU A 852 -41.13 1.75 2.92
C GLU A 852 -40.46 2.55 4.02
N GLN A 853 -39.81 1.85 4.96
CA GLN A 853 -39.17 2.53 6.09
C GLN A 853 -37.70 2.14 6.15
N TYR A 854 -36.89 3.05 6.69
CA TYR A 854 -35.44 2.85 6.84
C TYR A 854 -34.94 3.84 7.88
N SER A 855 -33.62 3.92 8.04
CA SER A 855 -32.99 4.80 9.01
C SER A 855 -32.02 5.74 8.30
N LEU A 856 -31.60 6.77 9.02
CA LEU A 856 -30.55 7.67 8.53
C LEU A 856 -29.37 7.67 9.48
N ASN A 857 -29.01 6.50 10.01
CA ASN A 857 -27.76 6.36 10.72
C ASN A 857 -26.58 6.21 9.76
N GLU A 858 -26.84 5.85 8.51
CA GLU A 858 -25.82 5.73 7.49
C GLU A 858 -26.35 6.31 6.19
N ILE A 859 -25.44 6.86 5.39
CA ILE A 859 -25.77 7.50 4.13
C ILE A 859 -25.09 6.73 3.00
N ILE A 860 -25.85 6.42 1.96
CA ILE A 860 -25.36 5.69 0.80
C ILE A 860 -24.95 6.72 -0.24
N ASN A 861 -23.64 6.94 -0.38
CA ASN A 861 -23.14 7.83 -1.42
C ASN A 861 -23.15 7.10 -2.76
N ASN A 862 -23.56 7.81 -3.80
CA ASN A 862 -23.81 7.22 -5.11
C ASN A 862 -22.97 7.96 -6.15
N PHE A 863 -22.03 7.24 -6.78
CA PHE A 863 -21.31 7.80 -7.92
C PHE A 863 -20.79 6.66 -8.79
N ASN A 864 -21.10 6.74 -10.10
CA ASN A 864 -20.65 5.80 -11.14
C ASN A 864 -21.11 4.36 -10.86
N GLY A 865 -22.29 4.22 -10.24
CA GLY A 865 -22.77 2.94 -9.80
C GLY A 865 -22.20 2.45 -8.49
N ILE A 866 -21.07 3.01 -8.04
CA ILE A 866 -20.47 2.67 -6.76
C ILE A 866 -21.30 3.31 -5.65
N ARG A 867 -21.67 2.50 -4.65
CA ARG A 867 -22.50 2.92 -3.54
C ARG A 867 -21.70 2.70 -2.26
N ILE A 868 -21.19 3.78 -1.67
CA ILE A 868 -20.35 3.69 -0.48
C ILE A 868 -21.15 4.18 0.72
N LYS A 869 -21.42 3.28 1.66
CA LYS A 869 -22.15 3.65 2.87
C LYS A 869 -21.21 4.33 3.86
N THR A 870 -21.80 5.16 4.72
CA THR A 870 -21.04 5.81 5.78
C THR A 870 -21.95 5.98 6.99
N ASP A 871 -21.55 5.40 8.12
CA ASP A 871 -22.37 5.40 9.32
C ASP A 871 -22.10 6.64 10.16
N TYR A 872 -23.17 7.20 10.73
CA TYR A 872 -23.08 8.33 11.65
C TYR A 872 -23.41 7.98 13.09
N HIS A 873 -24.00 6.81 13.36
CA HIS A 873 -24.31 6.45 14.73
C HIS A 873 -23.05 6.03 15.48
N SER A 874 -22.18 5.24 14.84
CA SER A 874 -20.93 4.88 15.49
C SER A 874 -19.94 6.04 15.48
N LEU A 875 -20.04 6.92 14.49
CA LEU A 875 -19.14 8.07 14.41
C LEU A 875 -19.46 9.07 15.49
N LEU A 876 -20.74 9.46 15.61
CA LEU A 876 -21.15 10.35 16.69
C LEU A 876 -21.15 9.63 18.03
N ASP A 877 -21.21 8.30 18.04
CA ASP A 877 -21.01 7.55 19.28
C ASP A 877 -19.57 7.65 19.75
N LYS A 878 -18.61 7.66 18.82
CA LYS A 878 -17.23 7.95 19.20
C LYS A 878 -17.03 9.42 19.49
N LYS A 879 -17.88 10.30 18.95
CA LYS A 879 -17.87 11.69 19.38
C LYS A 879 -18.44 11.84 20.79
N GLU A 880 -19.31 10.92 21.21
CA GLU A 880 -19.72 10.86 22.60
C GLU A 880 -18.75 10.08 23.45
N LYS A 881 -17.81 9.35 22.83
CA LYS A 881 -16.65 8.88 23.58
C LYS A 881 -15.68 10.03 23.82
N GLU A 882 -15.51 10.90 22.83
CA GLU A 882 -14.68 12.09 23.03
C GLU A 882 -15.32 13.06 24.00
N ARG A 883 -16.65 13.25 23.92
CA ARG A 883 -17.35 14.02 24.94
C ARG A 883 -17.34 13.28 26.26
N PHE A 884 -17.27 11.95 26.22
CA PHE A 884 -17.20 11.15 27.43
C PHE A 884 -15.80 11.22 28.06
N GLU A 885 -14.76 11.41 27.26
CA GLU A 885 -13.40 11.58 27.80
C GLU A 885 -12.57 12.49 26.89
N ALA A 886 -12.56 13.78 27.23
CA ALA A 886 -11.54 14.70 26.76
C ALA A 886 -11.07 15.70 27.80
N ARG A 887 -11.73 15.77 28.97
CA ARG A 887 -11.58 16.84 29.98
C ARG A 887 -11.88 18.24 29.41
N GLN A 888 -12.61 18.30 28.31
CA GLN A 888 -12.94 19.52 27.59
C GLN A 888 -14.02 19.18 26.59
N ASN A 889 -15.05 20.02 26.51
CA ASN A 889 -16.18 19.69 25.65
C ASN A 889 -16.62 20.81 24.73
N TRP A 890 -16.18 22.06 24.90
CA TRP A 890 -16.67 23.17 24.08
C TRP A 890 -16.33 22.98 22.60
N THR A 891 -15.09 22.60 22.30
CA THR A 891 -14.75 22.18 20.95
C THR A 891 -15.49 20.91 20.56
N SER A 892 -15.68 20.00 21.52
CA SER A 892 -16.38 18.76 21.22
C SER A 892 -17.87 18.98 21.00
N ILE A 893 -18.52 19.82 21.82
CA ILE A 893 -19.94 20.09 21.64
C ILE A 893 -20.18 20.90 20.36
N GLU A 894 -19.28 21.85 20.05
CA GLU A 894 -19.43 22.57 18.79
C GLU A 894 -19.14 21.69 17.57
N ASN A 895 -18.31 20.65 17.73
CA ASN A 895 -18.14 19.70 16.64
C ASN A 895 -19.32 18.75 16.53
N ILE A 896 -20.05 18.53 17.63
CA ILE A 896 -21.31 17.80 17.52
C ILE A 896 -22.37 18.68 16.86
N LYS A 897 -22.34 19.99 17.12
CA LYS A 897 -23.32 20.90 16.51
C LYS A 897 -23.07 21.06 15.02
N GLU A 898 -21.81 21.25 14.62
CA GLU A 898 -21.52 21.41 13.20
C GLU A 898 -21.55 20.07 12.47
N LEU A 899 -21.19 18.99 13.17
CA LEU A 899 -21.35 17.65 12.63
C LEU A 899 -22.81 17.32 12.37
N LYS A 900 -23.68 17.68 13.31
CA LYS A 900 -25.11 17.54 13.07
C LYS A 900 -25.64 18.56 12.08
N ALA A 901 -24.91 19.65 11.82
CA ALA A 901 -25.34 20.59 10.78
C ALA A 901 -25.08 20.03 9.39
N GLY A 902 -23.90 19.42 9.19
CA GLY A 902 -23.69 18.68 7.96
C GLY A 902 -24.60 17.47 7.85
N TYR A 903 -24.90 16.84 8.99
CA TYR A 903 -25.82 15.70 9.01
C TYR A 903 -27.22 16.11 8.57
N ILE A 904 -27.73 17.21 9.10
CA ILE A 904 -29.07 17.65 8.70
C ILE A 904 -29.06 18.24 7.30
N SER A 905 -27.92 18.69 6.79
CA SER A 905 -27.87 19.04 5.36
C SER A 905 -28.03 17.80 4.50
N GLN A 906 -27.37 16.69 4.89
CA GLN A 906 -27.56 15.41 4.21
C GLN A 906 -29.01 14.94 4.30
N VAL A 907 -29.64 15.13 5.47
CA VAL A 907 -31.05 14.76 5.65
C VAL A 907 -31.96 15.62 4.78
N VAL A 908 -31.65 16.92 4.64
CA VAL A 908 -32.39 17.81 3.75
C VAL A 908 -32.31 17.34 2.30
N HIS A 909 -31.13 16.88 1.87
CA HIS A 909 -31.07 16.31 0.52
C HIS A 909 -31.84 15.00 0.42
N LYS A 910 -31.88 14.20 1.49
CA LYS A 910 -32.68 12.97 1.45
C LYS A 910 -34.18 13.28 1.36
N ILE A 911 -34.63 14.34 2.04
CA ILE A 911 -36.03 14.76 1.94
C ILE A 911 -36.34 15.27 0.54
N CYS A 912 -35.41 16.03 -0.07
CA CYS A 912 -35.61 16.50 -1.43
C CYS A 912 -35.61 15.35 -2.44
N GLU A 913 -34.83 14.29 -2.18
CA GLU A 913 -34.88 13.11 -3.03
C GLU A 913 -36.18 12.35 -2.85
N LEU A 914 -36.78 12.39 -1.65
CA LEU A 914 -38.09 11.77 -1.47
C LEU A 914 -39.20 12.57 -2.14
N VAL A 915 -39.15 13.90 -2.09
CA VAL A 915 -40.15 14.74 -2.74
C VAL A 915 -40.04 14.62 -4.26
N GLU A 916 -38.82 14.69 -4.78
CA GLU A 916 -38.63 14.54 -6.23
C GLU A 916 -38.81 13.11 -6.71
N LYS A 917 -38.71 12.13 -5.82
CA LYS A 917 -38.80 10.73 -6.20
C LYS A 917 -40.23 10.19 -6.18
N TYR A 918 -41.00 10.50 -5.14
CA TYR A 918 -42.29 9.86 -4.95
C TYR A 918 -43.48 10.67 -5.42
N ASP A 919 -43.23 11.90 -5.91
CA ASP A 919 -44.26 12.90 -6.26
C ASP A 919 -45.20 13.11 -5.06
N ALA A 920 -44.52 13.36 -3.95
CA ALA A 920 -45.16 13.38 -2.66
C ALA A 920 -45.42 14.65 -1.84
N VAL A 921 -46.65 14.77 -1.35
CA VAL A 921 -47.01 15.89 -0.49
C VAL A 921 -46.33 15.66 0.88
N ILE A 922 -46.32 16.68 1.74
CA ILE A 922 -45.65 16.58 3.04
C ILE A 922 -46.44 16.02 4.25
N ALA A 923 -45.68 15.50 5.21
CA ALA A 923 -46.17 14.92 6.47
C ALA A 923 -44.92 14.65 7.31
N LEU A 924 -44.72 15.46 8.35
CA LEU A 924 -43.55 15.40 9.22
C LEU A 924 -43.91 15.99 10.58
N GLU A 925 -42.88 16.24 11.40
CA GLU A 925 -43.01 16.43 12.84
C GLU A 925 -42.92 17.91 13.21
N ASP A 926 -43.60 18.28 14.30
CA ASP A 926 -43.78 19.67 14.72
C ASP A 926 -43.12 19.95 16.07
N LEU A 927 -42.57 21.15 16.21
CA LEU A 927 -41.86 21.57 17.41
C LEU A 927 -42.67 22.48 18.32
N ASN A 928 -43.99 22.59 18.10
CA ASN A 928 -44.79 23.41 19.00
C ASN A 928 -45.92 22.61 19.65
N SER A 929 -45.68 21.34 19.96
CA SER A 929 -46.63 20.53 20.72
C SER A 929 -46.35 20.57 22.21
N GLY A 930 -45.22 21.15 22.63
CA GLY A 930 -44.81 21.11 24.02
C GLY A 930 -44.24 19.79 24.47
N PHE A 931 -43.82 18.94 23.55
CA PHE A 931 -43.32 17.61 23.88
C PHE A 931 -41.92 17.71 24.48
N LYS A 932 -41.63 16.81 25.43
CA LYS A 932 -40.32 16.77 26.06
C LYS A 932 -40.06 15.37 26.57
N ASN A 933 -38.97 14.77 26.15
CA ASN A 933 -38.58 13.42 26.59
C ASN A 933 -37.17 13.36 27.15
N SER A 934 -36.22 14.12 26.58
CA SER A 934 -34.85 14.27 27.07
C SER A 934 -34.10 12.93 27.14
N ARG A 935 -34.25 12.13 26.08
CA ARG A 935 -33.54 10.86 25.97
C ARG A 935 -32.85 10.74 24.62
N VAL A 936 -33.33 11.49 23.64
CA VAL A 936 -32.91 11.35 22.25
C VAL A 936 -31.52 11.95 22.04
N LYS A 937 -30.90 11.63 20.90
CA LYS A 937 -29.57 12.12 20.59
C LYS A 937 -29.59 13.52 19.98
N VAL A 938 -30.64 13.87 19.25
CA VAL A 938 -30.74 15.15 18.55
C VAL A 938 -31.54 16.11 19.42
N GLU A 939 -30.92 17.21 19.81
CA GLU A 939 -31.55 18.15 20.73
C GLU A 939 -32.53 19.06 19.99
N LYS A 940 -33.06 20.07 20.68
CA LYS A 940 -34.11 20.93 20.16
C LYS A 940 -33.58 21.98 19.19
N GLN A 941 -32.49 22.67 19.57
CA GLN A 941 -31.97 23.78 18.77
C GLN A 941 -31.44 23.32 17.42
N VAL A 942 -30.78 22.17 17.38
CA VAL A 942 -30.25 21.62 16.14
C VAL A 942 -31.38 21.23 15.20
N TYR A 943 -32.49 20.73 15.75
CA TYR A 943 -33.62 20.36 14.91
C TYR A 943 -34.42 21.59 14.47
N GLN A 944 -34.38 22.67 15.27
CA GLN A 944 -34.87 23.96 14.79
C GLN A 944 -34.02 24.46 13.62
N LYS A 945 -32.71 24.22 13.67
CA LYS A 945 -31.86 24.52 12.52
C LYS A 945 -32.19 23.63 11.33
N PHE A 946 -32.65 22.41 11.59
CA PHE A 946 -33.12 21.55 10.50
C PHE A 946 -34.35 22.12 9.83
N GLU A 947 -35.32 22.56 10.62
CA GLU A 947 -36.52 23.16 10.00
C GLU A 947 -36.23 24.53 9.39
N LYS A 948 -35.24 25.25 9.90
CA LYS A 948 -34.81 26.49 9.25
C LYS A 948 -34.16 26.22 7.91
N MET A 949 -33.35 25.15 7.82
CA MET A 949 -32.82 24.75 6.52
C MET A 949 -33.89 24.16 5.61
N LEU A 950 -35.00 23.67 6.18
CA LEU A 950 -36.16 23.35 5.34
C LEU A 950 -36.82 24.61 4.80
N ILE A 951 -36.81 25.70 5.57
CA ILE A 951 -37.36 26.95 5.05
C ILE A 951 -36.45 27.53 3.97
N ASP A 952 -35.14 27.57 4.23
CA ASP A 952 -34.21 28.17 3.28
C ASP A 952 -33.92 27.28 2.08
N LYS A 953 -34.21 25.98 2.17
CA LYS A 953 -34.02 25.09 1.04
C LYS A 953 -35.23 25.02 0.12
N LEU A 954 -36.42 24.85 0.67
CA LEU A 954 -37.61 24.54 -0.11
C LEU A 954 -38.26 25.78 -0.74
N ASN A 955 -37.55 26.90 -0.79
CA ASN A 955 -38.03 28.06 -1.54
C ASN A 955 -38.00 27.80 -3.05
N TYR A 956 -36.94 27.16 -3.54
CA TYR A 956 -36.84 26.81 -4.95
C TYR A 956 -36.02 25.55 -5.05
N MET A 957 -36.68 24.41 -5.25
CA MET A 957 -36.07 23.10 -5.22
C MET A 957 -35.67 22.68 -6.63
N VAL A 958 -34.40 22.31 -6.79
CA VAL A 958 -33.82 22.01 -8.09
C VAL A 958 -33.29 20.59 -8.10
N ASP A 959 -33.76 19.78 -9.03
CA ASP A 959 -33.12 18.51 -9.30
C ASP A 959 -31.89 18.74 -10.17
N LYS A 960 -30.83 17.98 -9.91
CA LYS A 960 -29.53 18.24 -10.51
C LYS A 960 -29.21 17.32 -11.68
N LYS A 961 -29.64 16.07 -11.65
CA LYS A 961 -29.40 15.11 -12.72
C LYS A 961 -30.56 15.01 -13.70
N SER A 962 -31.29 16.10 -13.93
CA SER A 962 -32.41 16.11 -14.84
C SER A 962 -32.09 16.91 -16.10
N ASN A 963 -33.09 16.99 -16.98
CA ASN A 963 -32.97 17.72 -18.25
C ASN A 963 -33.21 19.20 -17.97
N PRO A 964 -32.27 20.09 -18.30
CA PRO A 964 -32.52 21.53 -18.11
C PRO A 964 -33.63 22.09 -19.00
N CYS A 965 -33.90 21.46 -20.15
CA CYS A 965 -35.01 21.89 -20.98
C CYS A 965 -36.35 21.49 -20.40
N ALA A 966 -36.39 20.39 -19.66
CA ALA A 966 -37.62 19.89 -19.06
C ALA A 966 -37.77 20.49 -17.65
N THR A 967 -38.72 19.96 -16.88
CA THR A 967 -38.95 20.42 -15.53
C THR A 967 -37.95 19.79 -14.56
N GLY A 968 -37.89 20.35 -13.36
CA GLY A 968 -37.00 19.88 -12.32
C GLY A 968 -35.62 20.51 -12.32
N GLY A 969 -35.18 21.06 -13.45
CA GLY A 969 -33.86 21.65 -13.56
C GLY A 969 -33.77 23.02 -12.89
N ALA A 970 -32.66 23.70 -13.17
CA ALA A 970 -32.44 25.02 -12.60
C ALA A 970 -33.35 26.08 -13.22
N LEU A 971 -33.83 25.86 -14.43
CA LEU A 971 -34.80 26.79 -15.02
C LEU A 971 -36.20 26.56 -14.49
N LYS A 972 -36.60 25.31 -14.32
CA LYS A 972 -37.99 24.99 -13.99
C LYS A 972 -38.07 24.27 -12.65
N GLY A 973 -37.36 24.77 -11.65
CA GLY A 973 -37.40 24.20 -10.33
C GLY A 973 -38.72 24.47 -9.63
N TYR A 974 -38.91 23.77 -8.51
CA TYR A 974 -40.18 23.77 -7.80
C TYR A 974 -40.16 24.77 -6.66
N GLN A 975 -41.17 25.64 -6.62
CA GLN A 975 -41.37 26.59 -5.53
C GLN A 975 -42.46 26.03 -4.64
N ILE A 976 -42.06 25.47 -3.49
CA ILE A 976 -42.94 24.64 -2.68
C ILE A 976 -43.10 25.13 -1.25
N THR A 977 -42.45 26.23 -0.85
CA THR A 977 -42.54 26.73 0.51
C THR A 977 -42.38 28.25 0.49
N ASN A 978 -43.23 28.95 1.26
CA ASN A 978 -43.22 30.40 1.30
C ASN A 978 -41.99 30.94 2.03
N LYS A 979 -41.93 32.26 2.17
CA LYS A 979 -40.74 32.95 2.64
C LYS A 979 -40.56 32.79 4.14
N PHE A 980 -39.54 33.44 4.68
CA PHE A 980 -39.16 33.32 6.09
C PHE A 980 -39.45 34.63 6.82
N GLU A 981 -40.23 34.53 7.90
CA GLU A 981 -40.50 35.66 8.78
C GLU A 981 -39.99 35.45 10.19
N SER A 982 -40.39 34.37 10.85
CA SER A 982 -40.01 34.13 12.24
C SER A 982 -40.13 32.64 12.53
N PHE A 983 -39.71 32.25 13.74
CA PHE A 983 -39.78 30.85 14.15
C PHE A 983 -41.16 30.49 14.68
N LYS A 984 -41.87 31.47 15.26
CA LYS A 984 -43.14 31.21 15.92
C LYS A 984 -44.30 31.01 14.96
N SER A 985 -44.09 31.14 13.65
CA SER A 985 -45.14 30.95 12.66
C SER A 985 -45.19 29.51 12.14
N MET A 986 -44.63 28.56 12.90
CA MET A 986 -44.68 27.15 12.54
C MET A 986 -45.94 26.51 13.14
N SER A 987 -47.09 27.00 12.68
CA SER A 987 -48.39 26.62 13.23
C SER A 987 -49.18 25.85 12.18
N THR A 988 -48.95 24.53 12.14
CA THR A 988 -49.78 23.49 11.53
C THR A 988 -49.72 23.51 9.99
N GLN A 989 -49.15 24.56 9.40
CA GLN A 989 -49.16 24.67 7.94
C GLN A 989 -48.16 25.70 7.43
N ASN A 990 -47.30 25.29 6.49
CA ASN A 990 -46.47 26.23 5.74
C ASN A 990 -46.17 25.58 4.39
N GLY A 991 -46.95 25.91 3.37
CA GLY A 991 -46.78 25.30 2.06
C GLY A 991 -47.29 23.88 2.01
N PHE A 992 -46.49 22.97 1.43
CA PHE A 992 -46.85 21.55 1.45
C PHE A 992 -46.67 20.95 2.83
N ILE A 993 -45.87 21.58 3.69
CA ILE A 993 -45.57 21.07 5.03
C ILE A 993 -46.83 21.06 5.89
N PHE A 994 -47.27 19.87 6.27
CA PHE A 994 -48.29 19.71 7.31
C PHE A 994 -47.59 19.49 8.65
N TYR A 995 -47.35 20.57 9.39
CA TYR A 995 -46.83 20.46 10.75
C TYR A 995 -47.85 19.74 11.64
N ILE A 996 -47.47 18.58 12.16
CA ILE A 996 -48.39 17.78 12.98
C ILE A 996 -47.90 17.77 14.42
N PRO A 997 -48.53 18.51 15.32
CA PRO A 997 -48.27 18.31 16.75
C PRO A 997 -48.82 16.96 17.19
N ALA A 998 -48.07 16.30 18.06
CA ALA A 998 -48.42 14.93 18.35
C ALA A 998 -48.12 14.59 19.80
N TRP A 999 -49.12 14.03 20.46
CA TRP A 999 -48.98 13.40 21.76
C TRP A 999 -49.43 11.94 21.66
N LEU A 1000 -48.97 11.16 22.63
CA LEU A 1000 -49.39 9.76 22.85
C LEU A 1000 -49.06 8.88 21.64
N THR A 1001 -47.83 9.01 21.13
CA THR A 1001 -47.39 8.30 19.94
C THR A 1001 -46.33 7.25 20.22
N SER A 1002 -45.42 7.50 21.15
CA SER A 1002 -44.36 6.54 21.43
C SER A 1002 -44.87 5.36 22.22
N LYS A 1003 -45.48 5.62 23.38
CA LYS A 1003 -45.89 4.56 24.31
C LYS A 1003 -47.32 4.11 24.06
N ILE A 1004 -47.64 3.73 22.83
CA ILE A 1004 -48.96 3.25 22.47
C ILE A 1004 -48.79 2.06 21.52
N ASP A 1005 -49.75 1.14 21.61
CA ASP A 1005 -49.75 -0.07 20.79
C ASP A 1005 -49.97 0.30 19.32
N PRO A 1006 -49.05 -0.06 18.41
CA PRO A 1006 -49.32 0.20 16.99
C PRO A 1006 -50.36 -0.72 16.38
N SER A 1007 -50.67 -1.85 17.02
CA SER A 1007 -51.66 -2.78 16.49
C SER A 1007 -53.08 -2.41 16.95
N THR A 1008 -53.29 -2.31 18.26
CA THR A 1008 -54.61 -1.99 18.79
C THR A 1008 -54.76 -0.49 19.04
N GLY A 1009 -53.93 0.07 19.91
CA GLY A 1009 -53.99 1.50 20.19
C GLY A 1009 -54.20 1.86 21.65
N PHE A 1010 -53.82 0.97 22.56
CA PHE A 1010 -53.93 1.28 23.97
C PHE A 1010 -52.70 2.05 24.47
N VAL A 1011 -52.95 3.08 25.26
CA VAL A 1011 -51.90 3.96 25.77
C VAL A 1011 -52.03 3.98 27.30
N ASN A 1012 -50.97 4.41 27.98
CA ASN A 1012 -50.96 4.48 29.42
C ASN A 1012 -51.86 5.61 29.90
N LEU A 1013 -53.14 5.30 30.14
CA LEU A 1013 -54.07 6.24 30.74
C LEU A 1013 -54.22 6.05 32.24
N LEU A 1014 -53.80 4.90 32.77
CA LEU A 1014 -53.89 4.64 34.19
C LEU A 1014 -52.77 5.36 34.93
N LYS A 1015 -52.96 5.52 36.24
CA LYS A 1015 -51.96 6.12 37.11
C LYS A 1015 -51.62 5.08 38.18
N THR A 1016 -50.58 4.29 37.92
CA THR A 1016 -50.25 3.12 38.74
C THR A 1016 -49.11 3.40 39.71
N LYS A 1017 -49.05 4.62 40.23
CA LYS A 1017 -48.12 4.92 41.30
C LYS A 1017 -48.67 4.41 42.63
N TYR A 1018 -47.79 3.84 43.45
CA TYR A 1018 -48.18 3.35 44.76
C TYR A 1018 -48.48 4.53 45.67
N THR A 1019 -49.76 4.81 45.89
CA THR A 1019 -50.21 5.92 46.72
C THR A 1019 -50.60 5.47 48.12
N SER A 1020 -51.53 4.51 48.21
CA SER A 1020 -51.99 4.01 49.50
C SER A 1020 -52.53 2.61 49.32
N ILE A 1021 -52.63 1.89 50.44
CA ILE A 1021 -53.17 0.53 50.39
C ILE A 1021 -54.69 0.58 50.24
N ALA A 1022 -55.32 1.68 50.65
CA ALA A 1022 -56.76 1.85 50.44
C ALA A 1022 -57.07 2.08 48.97
N ASP A 1023 -56.20 2.81 48.28
CA ASP A 1023 -56.33 2.96 46.83
C ASP A 1023 -55.87 1.72 46.07
N SER A 1024 -55.14 0.82 46.73
CA SER A 1024 -54.84 -0.48 46.13
C SER A 1024 -56.02 -1.43 46.26
N LYS A 1025 -56.73 -1.37 47.40
CA LYS A 1025 -57.97 -2.12 47.53
C LYS A 1025 -59.05 -1.57 46.62
N LYS A 1026 -59.08 -0.25 46.46
CA LYS A 1026 -59.98 0.36 45.48
C LYS A 1026 -59.56 0.02 44.06
N PHE A 1027 -58.25 -0.14 43.84
CA PHE A 1027 -57.75 -0.44 42.50
C PHE A 1027 -58.08 -1.87 42.10
N ILE A 1028 -57.86 -2.83 43.00
CA ILE A 1028 -58.19 -4.22 42.72
C ILE A 1028 -59.70 -4.42 42.70
N SER A 1029 -60.42 -3.75 43.61
CA SER A 1029 -61.87 -3.80 43.61
C SER A 1029 -62.49 -3.10 42.41
N SER A 1030 -61.72 -2.25 41.71
CA SER A 1030 -62.19 -1.66 40.46
C SER A 1030 -62.25 -2.69 39.33
N PHE A 1031 -61.47 -3.77 39.43
CA PHE A 1031 -61.49 -4.79 38.40
C PHE A 1031 -62.76 -5.64 38.49
N ASP A 1032 -63.34 -5.95 37.33
CA ASP A 1032 -64.51 -6.82 37.26
C ASP A 1032 -64.13 -8.29 37.09
N ARG A 1033 -62.88 -8.59 36.73
CA ARG A 1033 -62.45 -9.97 36.55
C ARG A 1033 -60.92 -10.01 36.67
N ILE A 1034 -60.43 -10.66 37.72
CA ILE A 1034 -59.03 -11.02 37.86
C ILE A 1034 -58.97 -12.52 38.03
N MET A 1035 -58.38 -13.22 37.05
CA MET A 1035 -58.40 -14.67 37.19
C MET A 1035 -57.15 -15.29 36.58
N TYR A 1036 -56.93 -16.55 36.93
CA TYR A 1036 -55.88 -17.39 36.36
C TYR A 1036 -56.47 -18.41 35.42
N VAL A 1037 -55.89 -18.52 34.22
CA VAL A 1037 -56.26 -19.60 33.31
C VAL A 1037 -55.10 -20.58 33.19
N PRO A 1038 -55.31 -21.87 33.51
CA PRO A 1038 -54.23 -22.85 33.40
C PRO A 1038 -54.08 -23.39 31.99
N GLU A 1039 -55.15 -23.30 31.20
CA GLU A 1039 -55.07 -23.74 29.80
C GLU A 1039 -54.21 -22.81 28.98
N GLU A 1040 -54.52 -21.51 29.02
CA GLU A 1040 -53.63 -20.52 28.43
C GLU A 1040 -52.44 -20.21 29.33
N ASP A 1041 -52.54 -20.58 30.62
CA ASP A 1041 -51.54 -20.31 31.66
C ASP A 1041 -51.26 -18.81 31.75
N LEU A 1042 -52.33 -18.02 31.83
CA LEU A 1042 -52.21 -16.57 31.85
C LEU A 1042 -53.04 -15.96 32.97
N PHE A 1043 -53.07 -14.63 33.02
CA PHE A 1043 -53.77 -13.90 34.07
C PHE A 1043 -54.65 -12.85 33.42
N GLU A 1044 -55.96 -13.07 33.51
CA GLU A 1044 -56.95 -12.26 32.80
C GLU A 1044 -57.41 -11.08 33.65
N PHE A 1045 -57.39 -9.90 33.02
CA PHE A 1045 -57.86 -8.62 33.59
C PHE A 1045 -58.81 -8.03 32.54
N ALA A 1046 -60.08 -8.42 32.58
CA ALA A 1046 -61.05 -8.03 31.56
C ALA A 1046 -62.23 -7.35 32.22
N LEU A 1047 -62.53 -6.12 31.80
CA LEU A 1047 -63.49 -5.31 32.55
C LEU A 1047 -64.01 -4.16 31.72
N ASP A 1048 -64.88 -3.37 32.34
CA ASP A 1048 -65.36 -2.10 31.81
C ASP A 1048 -64.47 -0.98 32.33
N TYR A 1049 -64.21 0.02 31.47
CA TYR A 1049 -63.31 1.11 31.80
C TYR A 1049 -64.01 2.28 32.48
N LYS A 1050 -65.29 2.14 32.81
CA LYS A 1050 -66.02 3.21 33.50
C LYS A 1050 -65.79 3.23 35.00
N ASN A 1051 -64.87 2.40 35.52
CA ASN A 1051 -64.58 2.34 36.93
C ASN A 1051 -63.22 2.92 37.28
N PHE A 1052 -62.52 3.51 36.32
CA PHE A 1052 -61.20 4.08 36.56
C PHE A 1052 -61.28 5.60 36.58
N SER A 1053 -60.13 6.22 36.86
CA SER A 1053 -59.97 7.66 36.77
C SER A 1053 -59.18 8.00 35.51
N ARG A 1054 -59.66 9.01 34.78
CA ARG A 1054 -59.02 9.55 33.56
C ARG A 1054 -58.88 8.49 32.47
N THR A 1055 -59.94 7.72 32.26
CA THR A 1055 -60.05 6.79 31.15
C THR A 1055 -61.29 7.08 30.30
N ASP A 1056 -61.66 8.36 30.20
CA ASP A 1056 -62.85 8.75 29.46
C ASP A 1056 -62.61 8.74 27.95
N ALA A 1057 -61.36 8.80 27.51
CA ALA A 1057 -61.04 8.96 26.10
C ALA A 1057 -61.10 7.65 25.30
N ASP A 1058 -61.56 6.56 25.90
CA ASP A 1058 -61.73 5.31 25.17
C ASP A 1058 -63.12 5.29 24.53
N TYR A 1059 -63.31 4.40 23.56
CA TYR A 1059 -64.57 4.33 22.82
C TYR A 1059 -65.42 3.12 23.20
N ILE A 1060 -64.83 1.92 23.18
CA ILE A 1060 -65.61 0.71 23.47
C ILE A 1060 -65.87 0.58 24.97
N LYS A 1061 -64.88 0.93 25.79
CA LYS A 1061 -64.81 0.92 27.26
C LYS A 1061 -64.78 -0.48 27.88
N LYS A 1062 -64.96 -1.56 27.12
CA LYS A 1062 -65.06 -2.90 27.68
C LYS A 1062 -64.04 -3.78 26.96
N TRP A 1063 -63.02 -4.24 27.68
CA TRP A 1063 -61.92 -4.93 27.00
C TRP A 1063 -61.40 -6.10 27.84
N LYS A 1064 -60.30 -6.67 27.34
CA LYS A 1064 -59.84 -8.02 27.63
C LYS A 1064 -58.32 -7.97 27.75
N LEU A 1065 -57.82 -7.90 28.98
CA LEU A 1065 -56.39 -7.75 29.24
C LEU A 1065 -55.78 -9.08 29.67
N TYR A 1066 -54.50 -9.23 29.38
CA TYR A 1066 -53.73 -10.41 29.79
C TYR A 1066 -52.35 -9.95 30.27
N SER A 1067 -51.44 -10.89 30.42
CA SER A 1067 -50.04 -10.61 30.73
C SER A 1067 -49.20 -11.57 29.89
N TYR A 1068 -48.72 -11.10 28.74
CA TYR A 1068 -48.07 -11.93 27.75
C TYR A 1068 -46.63 -11.46 27.58
N GLY A 1069 -45.67 -12.32 27.92
CA GLY A 1069 -44.27 -12.03 27.68
C GLY A 1069 -43.44 -11.85 28.94
N ASN A 1070 -42.41 -11.01 28.85
CA ASN A 1070 -41.54 -10.73 29.99
C ASN A 1070 -40.98 -9.32 29.84
N ARG A 1071 -40.60 -8.73 30.97
CA ARG A 1071 -40.18 -7.33 30.99
C ARG A 1071 -38.86 -7.20 31.75
N ILE A 1072 -38.35 -5.98 31.83
CA ILE A 1072 -37.12 -5.67 32.54
C ILE A 1072 -37.40 -4.49 33.47
N ARG A 1073 -37.54 -4.79 34.76
CA ARG A 1073 -37.50 -3.78 35.81
C ARG A 1073 -36.06 -3.33 35.93
N ILE A 1074 -35.76 -2.11 35.49
CA ILE A 1074 -34.38 -1.78 35.16
C ILE A 1074 -33.55 -1.44 36.41
N PHE A 1075 -34.17 -0.94 37.47
CA PHE A 1075 -33.43 -0.51 38.65
C PHE A 1075 -34.07 -1.10 39.91
N ARG A 1076 -33.27 -1.80 40.69
CA ARG A 1076 -33.74 -2.37 41.95
C ARG A 1076 -33.31 -1.52 43.13
N PHE A 1084 -27.65 0.81 36.66
CA PHE A 1084 -28.85 0.00 36.81
C PHE A 1084 -28.51 -1.42 37.23
N ASP A 1085 -29.52 -2.30 37.22
CA ASP A 1085 -29.37 -3.66 37.70
C ASP A 1085 -29.81 -4.74 36.72
N TRP A 1086 -30.61 -4.38 35.70
CA TRP A 1086 -31.19 -5.29 34.70
C TRP A 1086 -31.98 -6.41 35.38
N GLU A 1087 -33.07 -6.00 36.04
CA GLU A 1087 -33.96 -6.93 36.73
C GLU A 1087 -34.91 -7.53 35.71
N GLU A 1088 -34.41 -8.53 34.98
CA GLU A 1088 -35.23 -9.20 33.98
C GLU A 1088 -36.28 -10.06 34.68
N VAL A 1089 -37.52 -9.61 34.65
CA VAL A 1089 -38.61 -10.23 35.42
C VAL A 1089 -39.68 -10.70 34.45
N CYS A 1090 -40.03 -11.98 34.53
CA CYS A 1090 -41.11 -12.54 33.73
C CYS A 1090 -42.46 -12.21 34.36
N LEU A 1091 -43.54 -12.55 33.65
CA LEU A 1091 -44.88 -12.17 34.09
C LEU A 1091 -45.55 -13.26 34.93
N THR A 1092 -45.70 -14.47 34.37
CA THR A 1092 -46.46 -15.51 35.08
C THR A 1092 -45.69 -16.06 36.27
N SER A 1093 -44.36 -16.00 36.24
CA SER A 1093 -43.56 -16.49 37.37
C SER A 1093 -43.64 -15.56 38.57
N ALA A 1094 -43.94 -14.28 38.36
CA ALA A 1094 -44.03 -13.34 39.46
C ALA A 1094 -45.42 -13.36 40.10
N TYR A 1095 -46.47 -13.48 39.29
CA TYR A 1095 -47.81 -13.64 39.85
C TYR A 1095 -47.99 -15.01 40.48
N LYS A 1096 -47.33 -16.04 39.96
CA LYS A 1096 -47.31 -17.31 40.68
C LYS A 1096 -46.36 -17.25 41.87
N GLU A 1097 -45.36 -16.36 41.84
CA GLU A 1097 -44.49 -16.17 42.98
C GLU A 1097 -45.22 -15.47 44.13
N LEU A 1098 -46.19 -14.62 43.81
CA LEU A 1098 -46.95 -13.90 44.82
C LEU A 1098 -48.18 -14.66 45.27
N PHE A 1099 -48.88 -15.32 44.34
CA PHE A 1099 -50.12 -16.00 44.69
C PHE A 1099 -49.87 -17.30 45.44
N ASN A 1100 -48.67 -17.88 45.32
CA ASN A 1100 -48.31 -19.01 46.17
C ASN A 1100 -47.94 -18.59 47.58
N LYS A 1101 -47.68 -17.31 47.80
CA LYS A 1101 -47.10 -16.80 49.03
C LYS A 1101 -48.16 -15.99 49.78
N TYR A 1102 -47.92 -15.80 51.09
CA TYR A 1102 -48.75 -15.01 52.01
C TYR A 1102 -50.15 -15.61 52.16
N GLY A 1103 -50.25 -16.93 52.05
CA GLY A 1103 -51.44 -17.67 52.47
C GLY A 1103 -52.69 -17.44 51.65
N ILE A 1104 -52.57 -17.30 50.33
CA ILE A 1104 -53.73 -17.09 49.48
C ILE A 1104 -53.81 -18.21 48.45
N ASN A 1105 -55.02 -18.44 47.94
CA ASN A 1105 -55.29 -19.50 46.98
C ASN A 1105 -55.79 -18.86 45.68
N TYR A 1106 -55.46 -19.51 44.55
CA TYR A 1106 -55.75 -18.93 43.25
C TYR A 1106 -56.25 -19.98 42.23
N GLN A 1107 -56.63 -21.16 42.70
CA GLN A 1107 -57.06 -22.25 41.81
C GLN A 1107 -58.57 -22.27 41.60
N GLN A 1108 -59.23 -21.12 41.72
CA GLN A 1108 -60.67 -21.02 41.57
C GLN A 1108 -61.00 -19.88 40.61
N GLY A 1109 -62.15 -19.98 39.95
CA GLY A 1109 -62.59 -18.91 39.07
C GLY A 1109 -63.40 -17.86 39.82
N ASP A 1110 -63.33 -16.63 39.30
CA ASP A 1110 -64.02 -15.44 39.83
C ASP A 1110 -63.62 -15.18 41.29
N ILE A 1111 -62.34 -14.86 41.46
CA ILE A 1111 -61.77 -14.65 42.79
C ILE A 1111 -61.39 -13.18 42.96
N ARG A 1112 -62.14 -12.29 42.31
CA ARG A 1112 -61.90 -10.86 42.45
C ARG A 1112 -62.21 -10.33 43.84
N ALA A 1113 -63.03 -11.03 44.61
CA ALA A 1113 -63.33 -10.63 45.98
C ALA A 1113 -62.44 -11.31 47.00
N LEU A 1114 -61.84 -12.46 46.66
CA LEU A 1114 -60.92 -13.12 47.58
C LEU A 1114 -59.61 -12.36 47.70
N LEU A 1115 -59.22 -11.63 46.66
CA LEU A 1115 -57.98 -10.87 46.70
C LEU A 1115 -58.13 -9.58 47.50
N CYS A 1116 -59.34 -9.04 47.58
CA CYS A 1116 -59.58 -7.80 48.31
C CYS A 1116 -59.69 -8.01 49.81
N GLU A 1117 -59.82 -9.25 50.28
CA GLU A 1117 -59.97 -9.52 51.70
C GLU A 1117 -58.66 -9.46 52.48
N GLN A 1118 -57.52 -9.36 51.79
CA GLN A 1118 -56.24 -9.34 52.47
C GLN A 1118 -55.95 -7.96 53.05
N SER A 1119 -55.17 -7.94 54.13
CA SER A 1119 -54.82 -6.71 54.81
C SER A 1119 -53.32 -6.48 54.91
N ASP A 1120 -52.50 -7.43 54.46
CA ASP A 1120 -51.06 -7.25 54.45
C ASP A 1120 -50.65 -6.25 53.38
N LYS A 1121 -49.42 -5.74 53.50
CA LYS A 1121 -48.96 -4.63 52.68
C LYS A 1121 -48.19 -5.07 51.44
N ALA A 1122 -47.40 -6.14 51.54
CA ALA A 1122 -46.54 -6.56 50.43
C ALA A 1122 -47.33 -7.12 49.26
N PHE A 1123 -48.54 -7.63 49.50
CA PHE A 1123 -49.38 -8.09 48.41
C PHE A 1123 -49.86 -6.93 47.54
N TYR A 1124 -50.32 -5.85 48.18
CA TYR A 1124 -50.81 -4.71 47.42
C TYR A 1124 -49.67 -3.91 46.82
N SER A 1125 -48.57 -3.75 47.55
CA SER A 1125 -47.43 -3.00 47.03
C SER A 1125 -46.74 -3.75 45.90
N SER A 1126 -46.50 -5.04 46.09
CA SER A 1126 -45.90 -5.84 45.03
C SER A 1126 -46.86 -6.06 43.87
N PHE A 1127 -48.18 -6.03 44.13
CA PHE A 1127 -49.14 -6.16 43.04
C PHE A 1127 -49.21 -4.89 42.21
N MET A 1128 -49.11 -3.72 42.85
CA MET A 1128 -48.99 -2.47 42.11
C MET A 1128 -47.65 -2.41 41.35
N ALA A 1129 -46.61 -3.02 41.91
CA ALA A 1129 -45.35 -3.14 41.18
C ALA A 1129 -45.52 -4.01 39.94
N LEU A 1130 -46.30 -5.09 40.05
CA LEU A 1130 -46.54 -5.93 38.88
C LEU A 1130 -47.49 -5.28 37.89
N MET A 1131 -48.33 -4.33 38.36
CA MET A 1131 -49.08 -3.51 37.42
C MET A 1131 -48.16 -2.52 36.69
N SER A 1132 -47.14 -2.01 37.38
CA SER A 1132 -46.19 -1.11 36.74
C SER A 1132 -45.34 -1.83 35.71
N LEU A 1133 -44.85 -3.02 36.05
CA LEU A 1133 -44.11 -3.83 35.06
C LEU A 1133 -45.01 -4.40 33.98
N MET A 1134 -46.30 -4.60 34.26
CA MET A 1134 -47.18 -5.12 33.23
C MET A 1134 -47.57 -4.02 32.25
N LEU A 1135 -47.70 -2.78 32.71
CA LEU A 1135 -48.03 -1.65 31.85
C LEU A 1135 -46.81 -0.90 31.34
N GLN A 1136 -45.61 -1.33 31.69
CA GLN A 1136 -44.40 -0.74 31.12
C GLN A 1136 -44.25 -1.22 29.68
N MET A 1137 -44.70 -0.40 28.73
CA MET A 1137 -44.78 -0.85 27.35
C MET A 1137 -43.42 -0.84 26.66
N ARG A 1138 -42.52 0.05 27.07
CA ARG A 1138 -41.16 0.09 26.50
C ARG A 1138 -40.40 -1.12 27.00
N ASN A 1139 -40.37 -2.17 26.16
CA ASN A 1139 -39.83 -3.47 26.54
C ASN A 1139 -38.39 -3.61 26.04
N SER A 1140 -37.55 -2.65 26.44
CA SER A 1140 -36.19 -2.56 25.96
C SER A 1140 -35.20 -2.87 27.08
N ILE A 1141 -33.92 -2.74 26.76
CA ILE A 1141 -32.84 -2.95 27.72
C ILE A 1141 -32.19 -1.65 28.14
N THR A 1142 -31.95 -0.74 27.18
CA THR A 1142 -31.19 0.52 27.29
C THR A 1142 -29.77 0.30 27.79
N GLY A 1143 -29.22 -0.89 27.58
CA GLY A 1143 -27.81 -1.17 27.80
C GLY A 1143 -27.15 -1.54 26.50
N ARG A 1144 -27.01 -2.84 26.26
CA ARG A 1144 -26.56 -3.33 24.97
C ARG A 1144 -27.72 -3.31 23.97
N THR A 1145 -27.40 -3.62 22.72
CA THR A 1145 -28.36 -3.58 21.62
C THR A 1145 -28.79 -4.98 21.20
N ASP A 1146 -28.97 -5.89 22.16
CA ASP A 1146 -29.30 -7.27 21.83
C ASP A 1146 -30.74 -7.41 21.34
N VAL A 1147 -31.72 -7.12 22.20
CA VAL A 1147 -33.13 -7.19 21.85
C VAL A 1147 -33.81 -5.89 22.27
N ASP A 1148 -33.96 -4.97 21.32
CA ASP A 1148 -34.81 -3.80 21.48
C ASP A 1148 -36.17 -4.12 20.87
N PHE A 1149 -37.13 -4.51 21.71
CA PHE A 1149 -38.38 -5.06 21.21
C PHE A 1149 -39.56 -4.37 21.88
N LEU A 1150 -40.72 -4.52 21.23
CA LEU A 1150 -41.97 -3.90 21.66
C LEU A 1150 -43.06 -4.96 21.59
N ILE A 1151 -43.26 -5.69 22.68
CA ILE A 1151 -44.33 -6.67 22.77
C ILE A 1151 -45.49 -6.06 23.55
N SER A 1152 -46.72 -6.34 23.11
CA SER A 1152 -47.89 -5.69 23.69
C SER A 1152 -48.73 -6.70 24.46
N PRO A 1153 -49.23 -6.33 25.65
CA PRO A 1153 -50.08 -7.24 26.41
C PRO A 1153 -51.54 -7.26 25.98
N VAL A 1154 -51.91 -6.56 24.91
CA VAL A 1154 -53.30 -6.46 24.46
C VAL A 1154 -53.40 -7.12 23.09
N LYS A 1155 -54.28 -8.09 22.97
CA LYS A 1155 -54.51 -8.75 21.69
C LYS A 1155 -55.42 -7.92 20.81
N ASN A 1156 -55.43 -8.24 19.52
CA ASN A 1156 -56.24 -7.53 18.55
C ASN A 1156 -57.65 -8.15 18.49
N SER A 1157 -58.43 -7.75 17.48
CA SER A 1157 -59.77 -8.31 17.31
C SER A 1157 -59.74 -9.75 16.80
N ASP A 1158 -58.64 -10.16 16.15
CA ASP A 1158 -58.53 -11.54 15.71
C ASP A 1158 -58.23 -12.49 16.87
N GLY A 1159 -57.63 -11.97 17.95
CA GLY A 1159 -57.33 -12.78 19.11
C GLY A 1159 -55.86 -13.06 19.32
N ILE A 1160 -54.96 -12.48 18.53
CA ILE A 1160 -53.54 -12.72 18.63
C ILE A 1160 -52.87 -11.46 19.17
N PHE A 1161 -51.77 -11.64 19.91
CA PHE A 1161 -51.02 -10.53 20.47
C PHE A 1161 -50.07 -9.95 19.43
N TYR A 1162 -49.20 -9.06 19.86
CA TYR A 1162 -48.23 -8.40 18.99
C TYR A 1162 -46.84 -8.51 19.61
N ASP A 1163 -45.95 -9.23 18.95
CA ASP A 1163 -44.55 -9.29 19.32
C ASP A 1163 -43.73 -8.73 18.16
N SER A 1164 -42.87 -7.77 18.47
CA SER A 1164 -42.16 -7.03 17.44
C SER A 1164 -40.99 -7.80 16.85
N ARG A 1165 -40.43 -8.76 17.57
CA ARG A 1165 -39.33 -9.56 17.03
C ARG A 1165 -39.85 -10.54 15.98
N ASN A 1166 -41.13 -10.91 16.05
CA ASN A 1166 -41.72 -11.73 15.01
C ASN A 1166 -41.96 -10.94 13.72
N TYR A 1167 -42.04 -9.62 13.81
CA TYR A 1167 -42.25 -8.77 12.63
C TYR A 1167 -41.03 -7.91 12.32
N GLU A 1168 -39.87 -8.26 12.87
CA GLU A 1168 -38.62 -7.55 12.60
C GLU A 1168 -37.78 -8.23 11.53
N ALA A 1169 -37.70 -9.55 11.55
CA ALA A 1169 -36.96 -10.31 10.54
C ALA A 1169 -37.86 -10.72 9.37
N GLN A 1170 -38.50 -9.73 8.76
CA GLN A 1170 -39.41 -9.95 7.65
C GLN A 1170 -39.06 -9.01 6.51
N GLU A 1171 -39.14 -9.51 5.28
CA GLU A 1171 -38.80 -8.70 4.11
C GLU A 1171 -39.88 -7.69 3.77
N ASN A 1172 -41.11 -7.90 4.25
CA ASN A 1172 -42.22 -6.98 4.01
C ASN A 1172 -42.84 -6.64 5.37
N ALA A 1173 -42.31 -5.58 5.99
CA ALA A 1173 -42.76 -5.16 7.32
C ALA A 1173 -44.09 -4.45 7.19
N ILE A 1174 -45.17 -5.23 7.31
CA ILE A 1174 -46.52 -4.68 7.30
C ILE A 1174 -46.86 -3.99 8.61
N LEU A 1175 -46.11 -4.28 9.67
CA LEU A 1175 -46.29 -3.73 10.99
C LEU A 1175 -45.03 -2.96 11.40
N PRO A 1176 -45.15 -1.97 12.29
CA PRO A 1176 -43.96 -1.20 12.71
C PRO A 1176 -42.97 -2.05 13.49
N LYS A 1177 -41.69 -1.79 13.27
CA LYS A 1177 -40.64 -2.60 13.87
C LYS A 1177 -40.41 -2.25 15.32
N ASN A 1178 -40.17 -0.97 15.61
CA ASN A 1178 -39.78 -0.54 16.95
C ASN A 1178 -40.53 0.74 17.30
N ALA A 1179 -40.07 1.42 18.35
CA ALA A 1179 -40.80 2.57 18.91
C ALA A 1179 -40.75 3.77 17.98
N ASP A 1180 -39.68 3.92 17.20
CA ASP A 1180 -39.62 5.02 16.24
C ASP A 1180 -40.60 4.81 15.10
N ALA A 1181 -40.70 3.58 14.61
CA ALA A 1181 -41.73 3.25 13.61
C ALA A 1181 -43.12 3.30 14.21
N ASN A 1182 -43.24 3.05 15.52
CA ASN A 1182 -44.51 3.19 16.21
C ASN A 1182 -44.96 4.65 16.22
N GLY A 1183 -44.08 5.55 16.67
CA GLY A 1183 -44.46 6.95 16.79
C GLY A 1183 -44.66 7.63 15.44
N ALA A 1184 -43.78 7.34 14.48
CA ALA A 1184 -43.96 7.90 13.14
C ALA A 1184 -45.16 7.29 12.44
N TYR A 1185 -45.48 6.03 12.72
CA TYR A 1185 -46.69 5.43 12.17
C TYR A 1185 -47.95 5.99 12.83
N ASN A 1186 -47.81 6.50 14.06
CA ASN A 1186 -48.91 7.19 14.73
C ASN A 1186 -49.11 8.58 14.15
N ILE A 1187 -48.02 9.27 13.82
CA ILE A 1187 -48.11 10.52 13.07
C ILE A 1187 -48.77 10.28 11.72
N ALA A 1188 -48.44 9.15 11.09
CA ALA A 1188 -49.08 8.75 9.85
C ALA A 1188 -50.58 8.54 10.01
N ARG A 1189 -51.01 7.91 11.10
CA ARG A 1189 -52.43 7.71 11.29
C ARG A 1189 -53.14 8.98 11.77
N LYS A 1190 -52.42 9.96 12.32
CA LYS A 1190 -53.01 11.27 12.56
C LYS A 1190 -53.17 12.06 11.27
N VAL A 1191 -52.27 11.90 10.32
CA VAL A 1191 -52.48 12.49 9.00
C VAL A 1191 -53.58 11.73 8.26
N LEU A 1192 -53.74 10.44 8.56
CA LEU A 1192 -54.92 9.70 8.10
C LEU A 1192 -56.21 10.26 8.70
N TRP A 1193 -56.15 10.72 9.96
CA TRP A 1193 -57.29 11.44 10.53
C TRP A 1193 -57.55 12.73 9.78
N ALA A 1194 -56.49 13.42 9.32
CA ALA A 1194 -56.69 14.61 8.49
C ALA A 1194 -57.29 14.26 7.13
N ILE A 1195 -56.94 13.09 6.59
CA ILE A 1195 -57.58 12.60 5.36
C ILE A 1195 -59.05 12.33 5.59
N GLY A 1196 -59.39 11.81 6.78
CA GLY A 1196 -60.80 11.64 7.12
C GLY A 1196 -61.53 12.96 7.29
N GLN A 1197 -60.81 13.98 7.79
CA GLN A 1197 -61.39 15.32 7.85
C GLN A 1197 -61.61 15.90 6.47
N PHE A 1198 -60.72 15.60 5.51
CA PHE A 1198 -60.96 16.03 4.13
C PHE A 1198 -61.99 15.18 3.42
N LYS A 1199 -62.28 13.96 3.91
CA LYS A 1199 -63.44 13.24 3.43
C LYS A 1199 -64.74 13.84 3.96
N LYS A 1200 -64.71 14.32 5.20
CA LYS A 1200 -65.92 14.85 5.83
C LYS A 1200 -66.10 16.35 5.64
N ALA A 1201 -65.18 17.01 4.92
CA ALA A 1201 -65.30 18.44 4.68
C ALA A 1201 -66.17 18.73 3.45
N GLU A 1202 -66.43 20.02 3.25
CA GLU A 1202 -67.15 20.51 2.08
C GLU A 1202 -66.15 21.11 1.09
N ASP A 1203 -66.67 21.80 0.08
CA ASP A 1203 -65.82 22.36 -0.97
C ASP A 1203 -65.03 23.57 -0.47
N GLU A 1204 -65.73 24.61 -0.03
CA GLU A 1204 -65.08 25.83 0.44
C GLU A 1204 -64.71 25.75 1.92
N LYS A 1205 -65.27 24.78 2.64
CA LYS A 1205 -64.93 24.55 4.05
C LYS A 1205 -63.47 24.14 4.22
N LEU A 1206 -62.83 23.67 3.15
CA LEU A 1206 -61.39 23.43 3.06
C LEU A 1206 -60.53 24.66 3.34
N ASP A 1207 -61.12 25.86 3.32
CA ASP A 1207 -60.40 27.05 3.74
C ASP A 1207 -60.03 26.99 5.23
N LYS A 1208 -60.90 26.41 6.08
CA LYS A 1208 -60.65 26.39 7.52
C LYS A 1208 -60.97 25.02 8.13
N VAL A 1209 -60.52 23.93 7.53
CA VAL A 1209 -60.61 22.63 8.18
C VAL A 1209 -59.58 22.55 9.29
N LYS A 1210 -60.03 22.19 10.49
CA LYS A 1210 -59.12 22.02 11.62
C LYS A 1210 -58.25 20.78 11.43
N ILE A 1211 -56.94 20.96 11.54
CA ILE A 1211 -55.99 19.88 11.31
C ILE A 1211 -55.34 19.41 12.62
N ALA A 1212 -55.19 20.30 13.61
CA ALA A 1212 -54.59 19.96 14.90
C ALA A 1212 -55.47 18.96 15.65
N ILE A 1213 -54.95 17.76 15.81
CA ILE A 1213 -55.74 16.65 16.34
C ILE A 1213 -55.79 16.73 17.86
N SER A 1214 -56.92 16.30 18.42
CA SER A 1214 -57.06 16.13 19.85
C SER A 1214 -56.62 14.71 20.22
N ASN A 1215 -56.91 14.27 21.45
CA ASN A 1215 -56.51 12.95 21.90
C ASN A 1215 -57.67 11.99 22.10
N LYS A 1216 -58.91 12.50 22.21
CA LYS A 1216 -60.05 11.62 22.37
C LYS A 1216 -60.40 10.92 21.06
N GLU A 1217 -60.53 11.69 19.98
CA GLU A 1217 -60.79 11.13 18.67
C GLU A 1217 -59.56 10.47 18.06
N TRP A 1218 -58.37 10.74 18.60
CA TRP A 1218 -57.19 9.95 18.25
C TRP A 1218 -57.22 8.55 18.84
N LEU A 1219 -57.76 8.40 20.05
CA LEU A 1219 -57.91 7.04 20.57
C LEU A 1219 -59.14 6.36 19.97
N GLU A 1220 -60.17 7.14 19.65
CA GLU A 1220 -61.37 6.60 19.01
C GLU A 1220 -61.05 6.09 17.61
N TYR A 1221 -60.46 6.95 16.77
CA TYR A 1221 -60.04 6.53 15.44
C TYR A 1221 -58.89 5.53 15.51
N ALA A 1222 -58.06 5.61 16.55
CA ALA A 1222 -56.97 4.65 16.70
C ALA A 1222 -57.48 3.25 17.01
N GLN A 1223 -58.65 3.14 17.66
CA GLN A 1223 -59.23 1.83 17.90
C GLN A 1223 -60.20 1.39 16.81
N THR A 1224 -60.81 2.32 16.09
CA THR A 1224 -61.84 1.97 15.11
C THR A 1224 -61.37 1.99 13.66
N SER A 1225 -60.07 2.02 13.40
CA SER A 1225 -59.56 1.98 12.03
C SER A 1225 -58.62 0.80 11.78
N VAL A 1226 -58.54 -0.14 12.74
CA VAL A 1226 -57.77 -1.36 12.57
C VAL A 1226 -58.64 -2.60 12.57
N LYS A 1227 -59.96 -2.43 12.68
CA LYS A 1227 -60.87 -3.56 12.76
C LYS A 1227 -62.27 -3.17 12.32
N HIS B 116 36.43 26.08 30.63
CA HIS B 116 36.36 24.77 29.99
C HIS B 116 36.10 23.67 31.01
N ASN B 117 36.07 24.04 32.29
CA ASN B 117 35.90 23.05 33.34
C ASN B 117 34.43 22.65 33.49
N ASP B 118 33.53 23.63 33.54
CA ASP B 118 32.12 23.37 33.83
C ASP B 118 31.22 23.49 32.60
N GLU B 119 31.65 24.24 31.58
CA GLU B 119 30.81 24.46 30.41
C GLU B 119 30.76 23.21 29.54
N MET B 120 31.90 22.54 29.38
CA MET B 120 31.96 21.33 28.54
C MET B 120 31.20 20.18 29.19
N TYR B 121 31.04 20.22 30.51
CA TYR B 121 30.23 19.26 31.25
C TYR B 121 28.77 19.30 30.80
N LEU B 122 28.19 20.50 30.74
CA LEU B 122 26.82 20.63 30.27
C LEU B 122 26.73 20.51 28.74
N VAL B 123 27.85 20.70 28.03
CA VAL B 123 27.88 20.36 26.61
C VAL B 123 27.72 18.85 26.42
N VAL B 124 28.46 18.07 27.22
CA VAL B 124 28.33 16.61 27.18
C VAL B 124 26.93 16.16 27.62
N GLN B 125 26.35 16.84 28.62
CA GLN B 125 24.97 16.57 29.01
C GLN B 125 23.99 16.90 27.88
N ALA B 126 24.29 17.95 27.11
CA ALA B 126 23.47 18.26 25.95
C ALA B 126 23.62 17.20 24.86
N LEU B 127 24.79 16.58 24.77
CA LEU B 127 24.97 15.49 23.82
C LEU B 127 24.24 14.22 24.27
N ILE B 128 24.17 14.00 25.60
CA ILE B 128 23.40 12.88 26.12
C ILE B 128 21.92 13.09 25.86
N ARG B 129 21.44 14.32 26.06
CA ARG B 129 20.06 14.66 25.72
C ARG B 129 19.81 14.57 24.22
N ALA B 130 20.85 14.81 23.41
CA ALA B 130 20.74 14.65 21.97
C ALA B 130 20.58 13.17 21.59
N CYS B 131 21.36 12.29 22.21
CA CYS B 131 21.20 10.85 21.98
C CYS B 131 19.84 10.36 22.44
N ILE B 132 19.34 10.89 23.56
CA ILE B 132 18.03 10.51 24.08
C ILE B 132 16.92 10.95 23.12
N ILE B 133 16.98 12.21 22.67
CA ILE B 133 15.92 12.73 21.81
C ILE B 133 15.99 12.11 20.40
N LYS B 134 17.16 11.60 20.01
CA LYS B 134 17.23 10.86 18.75
C LYS B 134 16.73 9.42 18.92
N GLU B 135 16.85 8.85 20.12
CA GLU B 135 16.17 7.59 20.41
C GLU B 135 14.65 7.78 20.35
N ILE B 136 14.16 8.88 20.92
CA ILE B 136 12.73 9.17 20.92
C ILE B 136 12.25 9.45 19.50
N ASP B 137 13.09 10.08 18.68
CA ASP B 137 12.73 10.34 17.29
C ASP B 137 12.74 9.06 16.46
N LEU B 138 13.66 8.14 16.77
CA LEU B 138 13.70 6.86 16.05
C LEU B 138 12.49 6.00 16.39
N TYR B 139 12.17 5.88 17.68
CA TYR B 139 10.99 5.12 18.10
C TYR B 139 9.71 5.81 17.64
N THR B 140 9.76 7.14 17.48
CA THR B 140 8.66 7.87 16.89
C THR B 140 8.53 7.55 15.40
N GLU B 141 9.64 7.23 14.75
CA GLU B 141 9.59 6.91 13.32
C GLU B 141 9.06 5.51 13.08
N GLN B 142 9.62 4.52 13.78
CA GLN B 142 9.14 3.14 13.66
C GLN B 142 7.71 3.01 14.17
N LEU B 143 7.42 3.70 15.27
CA LEU B 143 6.07 3.70 15.82
C LEU B 143 5.11 4.44 14.89
N TYR B 144 5.62 5.45 14.18
CA TYR B 144 4.83 6.14 13.16
C TYR B 144 4.45 5.21 12.02
N ASN B 145 5.39 4.37 11.59
CA ASN B 145 5.07 3.41 10.53
C ASN B 145 4.11 2.32 11.01
N ILE B 146 4.32 1.73 12.18
CA ILE B 146 3.44 0.68 12.67
C ILE B 146 2.06 1.21 13.08
N ILE B 147 1.94 2.50 13.39
CA ILE B 147 0.61 3.06 13.63
C ILE B 147 -0.07 3.44 12.31
N LYS B 148 0.68 3.97 11.34
CA LYS B 148 0.07 4.29 10.05
C LYS B 148 -0.21 3.05 9.20
N SER B 149 0.18 1.85 9.65
CA SER B 149 -0.23 0.61 9.00
C SER B 149 -1.47 -0.01 9.65
N LEU B 150 -2.27 0.78 10.37
CA LEU B 150 -3.42 0.24 11.10
C LEU B 150 -4.71 0.94 10.69
N PRO B 151 -5.82 0.21 10.51
CA PRO B 151 -7.02 0.82 9.89
C PRO B 151 -7.97 1.52 10.86
N TYR B 152 -7.46 2.40 11.72
CA TYR B 152 -8.23 3.35 12.54
C TYR B 152 -9.17 2.74 13.57
N ASP B 153 -9.27 1.42 13.67
CA ASP B 153 -10.16 0.78 14.61
C ASP B 153 -9.43 -0.02 15.68
N LYS B 154 -8.29 -0.62 15.31
CA LYS B 154 -7.46 -1.36 16.25
C LYS B 154 -6.35 -0.50 16.82
N ARG B 155 -6.51 0.82 16.81
CA ARG B 155 -5.46 1.71 17.27
C ARG B 155 -5.31 1.62 18.79
N PRO B 156 -4.09 1.74 19.30
CA PRO B 156 -3.89 1.76 20.76
C PRO B 156 -4.32 3.10 21.32
N ASN B 157 -4.55 3.11 22.63
CA ASN B 157 -4.93 4.33 23.32
C ASN B 157 -3.66 5.04 23.75
N VAL B 158 -3.45 6.25 23.23
CA VAL B 158 -2.12 6.83 23.11
C VAL B 158 -1.99 8.04 24.02
N VAL B 159 -0.99 8.01 24.89
CA VAL B 159 -0.56 9.17 25.65
C VAL B 159 0.13 10.15 24.71
N TYR B 160 -0.29 11.40 24.74
CA TYR B 160 0.17 12.43 23.82
C TYR B 160 0.98 13.48 24.57
N SER B 161 2.05 13.96 23.95
CA SER B 161 2.85 15.04 24.50
C SER B 161 3.66 15.70 23.39
N ASP B 162 4.09 16.92 23.66
CA ASP B 162 4.95 17.70 22.78
C ASP B 162 6.30 17.92 23.47
N GLN B 163 6.72 16.93 24.24
CA GLN B 163 7.90 16.96 25.07
C GLN B 163 8.67 15.66 24.85
N PRO B 164 10.01 15.65 25.12
CA PRO B 164 10.74 14.37 25.07
C PRO B 164 10.20 13.35 26.07
N LEU B 165 9.61 12.28 25.54
CA LEU B 165 8.63 11.48 26.27
C LEU B 165 9.15 10.13 26.73
N ASP B 166 10.22 9.60 26.10
CA ASP B 166 11.16 8.52 26.48
C ASP B 166 10.50 7.33 27.18
N PRO B 167 9.80 6.46 26.43
CA PRO B 167 8.93 5.43 27.04
C PRO B 167 9.64 4.41 27.92
N ASN B 168 10.96 4.24 27.79
CA ASN B 168 11.70 3.39 28.71
C ASN B 168 11.98 4.08 30.04
N ASN B 169 11.90 5.41 30.08
CA ASN B 169 12.10 6.19 31.30
C ASN B 169 10.82 6.93 31.65
N LEU B 170 9.69 6.24 31.59
CA LEU B 170 8.38 6.86 31.78
C LEU B 170 8.01 6.87 33.26
N ASP B 171 7.48 8.01 33.71
CA ASP B 171 7.09 8.20 35.11
C ASP B 171 5.65 8.65 35.14
N LEU B 172 4.78 7.83 35.74
CA LEU B 172 3.35 8.08 35.76
C LEU B 172 2.92 8.74 37.07
N SER B 173 3.53 9.89 37.35
CA SER B 173 3.28 10.63 38.59
C SER B 173 2.39 11.86 38.39
N GLU B 174 2.52 12.53 37.25
CA GLU B 174 1.73 13.70 36.96
C GLU B 174 0.29 13.31 36.62
N PRO B 175 -0.68 14.22 36.75
CA PRO B 175 -2.04 13.95 36.28
C PRO B 175 -2.26 14.18 34.79
N GLU B 176 -1.20 14.32 33.99
CA GLU B 176 -1.31 14.55 32.56
C GLU B 176 -1.51 13.26 31.76
N LEU B 177 -1.68 12.12 32.42
CA LEU B 177 -1.93 10.87 31.73
C LEU B 177 -3.29 10.90 31.06
N TRP B 178 -3.32 10.48 29.79
CA TRP B 178 -4.58 10.43 29.07
C TRP B 178 -4.47 9.37 27.98
N ALA B 179 -5.58 8.69 27.72
CA ALA B 179 -5.57 7.50 26.87
C ALA B 179 -6.70 7.57 25.85
N GLU B 180 -6.78 8.69 25.14
CA GLU B 180 -7.72 8.81 24.03
C GLU B 180 -7.15 8.14 22.79
N GLN B 181 -8.01 7.54 21.99
CA GLN B 181 -7.59 6.76 20.83
C GLN B 181 -7.03 7.67 19.74
N VAL B 182 -5.88 7.30 19.19
CA VAL B 182 -5.13 8.13 18.25
C VAL B 182 -5.76 8.02 16.87
N GLY B 183 -5.50 8.99 16.01
CA GLY B 183 -6.01 8.97 14.65
C GLY B 183 -5.44 10.14 13.88
N GLU B 184 -5.47 9.99 12.55
CA GLU B 184 -5.01 10.99 11.58
C GLU B 184 -3.52 11.32 11.80
N CYS B 185 -2.69 10.33 11.52
CA CYS B 185 -1.25 10.45 11.60
C CYS B 185 -0.69 10.69 10.21
N MET B 186 -0.02 11.82 10.00
CA MET B 186 0.39 12.20 8.65
C MET B 186 1.67 13.04 8.73
N ARG B 187 2.04 13.66 7.61
CA ARG B 187 3.36 14.25 7.44
C ARG B 187 3.32 15.76 7.65
N TYR B 188 4.44 16.29 8.16
CA TYR B 188 4.61 17.66 8.63
C TYR B 188 5.80 18.26 7.90
N ALA B 189 5.71 18.28 6.56
CA ALA B 189 6.80 18.74 5.71
C ALA B 189 6.99 20.25 5.74
N HIS B 190 7.55 20.75 6.84
CA HIS B 190 8.21 22.04 6.88
C HIS B 190 9.57 21.79 7.50
N ASN B 191 9.61 20.76 8.34
CA ASN B 191 10.85 20.15 8.80
C ASN B 191 10.79 18.65 8.60
N ASP B 192 9.81 18.16 7.81
CA ASP B 192 9.56 16.74 7.53
C ASP B 192 9.32 15.93 8.80
N GLN B 193 8.56 16.48 9.74
CA GLN B 193 8.34 15.75 10.99
C GLN B 193 7.02 14.97 10.92
N PRO B 194 6.99 13.78 11.47
CA PRO B 194 5.72 13.03 11.53
C PRO B 194 4.77 13.61 12.57
N CYS B 195 3.60 14.08 12.16
CA CYS B 195 2.65 14.71 13.06
C CYS B 195 1.51 13.76 13.38
N PHE B 196 1.07 13.78 14.63
CA PHE B 196 0.10 12.85 15.18
C PHE B 196 -1.06 13.65 15.77
N TYR B 197 -2.22 13.57 15.14
CA TYR B 197 -3.41 14.07 15.81
C TYR B 197 -3.86 13.07 16.88
N ILE B 198 -4.58 13.58 17.88
CA ILE B 198 -4.98 12.74 19.01
C ILE B 198 -6.49 12.61 19.15
N GLY B 199 -7.28 13.56 18.65
CA GLY B 199 -8.71 13.38 18.68
C GLY B 199 -9.22 12.87 17.35
N SER B 200 -10.29 13.48 16.85
CA SER B 200 -10.72 13.23 15.48
C SER B 200 -9.97 14.17 14.55
N THR B 201 -10.43 14.26 13.30
CA THR B 201 -9.91 15.29 12.41
C THR B 201 -10.25 16.69 12.92
N LYS B 202 -11.48 16.86 13.41
CA LYS B 202 -11.93 18.17 13.91
C LYS B 202 -11.86 18.22 15.43
N ARG B 203 -10.64 18.09 15.95
CA ARG B 203 -10.31 18.55 17.29
C ARG B 203 -9.03 19.36 17.35
N GLU B 204 -8.12 19.18 16.37
CA GLU B 204 -6.97 20.05 16.12
C GLU B 204 -6.05 20.16 17.34
N LEU B 205 -5.58 19.00 17.80
CA LEU B 205 -4.69 18.88 18.94
C LEU B 205 -3.45 18.09 18.53
N ARG B 206 -2.78 18.58 17.48
CA ARG B 206 -1.63 17.89 16.91
C ARG B 206 -0.47 17.84 17.89
N VAL B 207 0.16 16.67 17.99
CA VAL B 207 1.37 16.46 18.79
C VAL B 207 2.34 15.63 17.96
N ASN B 208 3.56 15.47 18.48
CA ASN B 208 4.54 14.64 17.81
C ASN B 208 5.37 13.82 18.81
N TYR B 209 4.81 13.52 19.98
CA TYR B 209 5.43 12.56 20.89
C TYR B 209 4.32 11.70 21.47
N ILE B 210 4.44 10.38 21.32
CA ILE B 210 3.36 9.44 21.60
C ILE B 210 3.88 8.22 22.36
N VAL B 211 3.01 7.67 23.22
CA VAL B 211 3.26 6.40 23.90
C VAL B 211 1.99 5.54 23.85
N PRO B 212 2.03 4.33 23.27
CA PRO B 212 0.82 3.52 23.17
C PRO B 212 0.56 2.62 24.38
N VAL B 213 -0.62 2.75 25.01
CA VAL B 213 -1.06 1.87 26.08
C VAL B 213 -2.48 1.40 25.79
N ILE B 214 -3.06 0.67 26.76
CA ILE B 214 -4.35 0.01 26.59
C ILE B 214 -5.42 0.73 27.40
N GLY B 215 -6.52 1.08 26.74
CA GLY B 215 -7.78 1.26 27.45
C GLY B 215 -8.20 2.70 27.72
N VAL B 216 -9.17 2.77 28.63
CA VAL B 216 -9.84 3.99 29.10
C VAL B 216 -8.88 4.75 30.01
N ARG B 217 -9.37 5.83 30.64
CA ARG B 217 -8.52 6.63 31.54
C ARG B 217 -8.35 6.05 32.96
N ASP B 218 -7.54 6.74 33.79
CA ASP B 218 -7.21 6.43 35.20
C ASP B 218 -6.36 5.18 35.50
N GLU B 219 -5.21 5.40 36.18
CA GLU B 219 -4.17 4.40 36.55
C GLU B 219 -4.17 3.12 35.72
N ILE B 220 -3.82 3.40 34.48
CA ILE B 220 -3.78 2.51 33.32
C ILE B 220 -2.60 1.54 33.40
N GLU B 221 -2.47 0.67 32.39
CA GLU B 221 -1.23 -0.08 32.17
C GLU B 221 -0.08 0.89 31.89
N ARG B 222 1.16 0.44 32.16
CA ARG B 222 2.24 1.40 32.37
C ARG B 222 2.86 1.91 31.05
N VAL B 223 3.45 1.03 30.24
CA VAL B 223 4.21 1.49 29.08
C VAL B 223 3.75 0.79 27.81
N MET B 224 3.82 -0.54 27.80
CA MET B 224 3.59 -1.40 26.63
C MET B 224 4.44 -0.96 25.44
N THR B 225 5.75 -1.15 25.59
CA THR B 225 6.68 -0.87 24.52
C THR B 225 7.07 -2.16 23.80
N LEU B 226 7.36 -2.01 22.50
CA LEU B 226 7.75 -3.10 21.59
C LEU B 226 6.72 -4.23 21.49
N GLU B 227 5.45 -3.94 21.76
CA GLU B 227 4.36 -4.88 21.55
C GLU B 227 3.35 -4.33 20.54
N GLU B 228 3.83 -3.54 19.58
CA GLU B 228 2.94 -2.86 18.66
C GLU B 228 2.41 -3.77 17.56
N VAL B 229 3.16 -4.84 17.26
CA VAL B 229 2.70 -5.81 16.28
C VAL B 229 1.57 -6.66 16.84
N ARG B 230 1.42 -6.71 18.16
CA ARG B 230 0.34 -7.42 18.81
C ARG B 230 -0.95 -6.60 18.92
N ASN B 231 -0.97 -5.40 18.34
CA ASN B 231 -2.20 -4.61 18.30
C ASN B 231 -3.24 -5.26 17.39
N LEU B 232 -2.78 -5.88 16.30
CA LEU B 232 -3.68 -6.55 15.37
C LEU B 232 -3.31 -8.03 15.23
N HIS C 116 38.75 7.38 37.36
CA HIS C 116 37.55 7.56 36.56
C HIS C 116 37.66 8.81 35.69
N ASN C 117 38.86 9.07 35.19
CA ASN C 117 39.08 10.25 34.36
C ASN C 117 39.05 9.92 32.87
N ASP C 118 39.97 9.06 32.42
CA ASP C 118 40.03 8.71 31.01
C ASP C 118 38.99 7.66 30.64
N GLU C 119 38.55 6.87 31.62
CA GLU C 119 37.49 5.89 31.38
C GLU C 119 36.18 6.59 31.02
N MET C 120 35.82 7.63 31.77
CA MET C 120 34.65 8.43 31.44
C MET C 120 34.83 9.20 30.14
N TYR C 121 36.08 9.54 29.80
CA TYR C 121 36.39 10.22 28.55
C TYR C 121 36.11 9.33 27.34
N LEU C 122 36.56 8.08 27.40
CA LEU C 122 36.25 7.15 26.32
C LEU C 122 34.79 6.71 26.35
N VAL C 123 34.13 6.79 27.51
CA VAL C 123 32.68 6.63 27.55
C VAL C 123 31.99 7.77 26.80
N VAL C 124 32.50 9.00 26.94
CA VAL C 124 31.96 10.13 26.20
C VAL C 124 32.18 9.96 24.70
N GLN C 125 33.34 9.41 24.31
CA GLN C 125 33.58 9.08 22.91
C GLN C 125 32.62 8.00 22.42
N ALA C 126 32.29 7.04 23.29
CA ALA C 126 31.32 6.00 22.93
C ALA C 126 29.91 6.57 22.80
N LEU C 127 29.62 7.64 23.55
CA LEU C 127 28.30 8.27 23.44
C LEU C 127 28.22 9.14 22.19
N ILE C 128 29.35 9.76 21.79
CA ILE C 128 29.40 10.46 20.51
C ILE C 128 29.19 9.48 19.37
N ARG C 129 29.85 8.31 19.44
CA ARG C 129 29.61 7.27 18.45
C ARG C 129 28.20 6.69 18.55
N ALA C 130 27.57 6.80 19.72
CA ALA C 130 26.18 6.35 19.86
C ALA C 130 25.23 7.30 19.16
N CYS C 131 25.41 8.61 19.36
CA CYS C 131 24.61 9.60 18.62
C CYS C 131 24.87 9.52 17.11
N ILE C 132 26.11 9.22 16.72
CA ILE C 132 26.44 9.07 15.30
C ILE C 132 25.74 7.85 14.72
N ILE C 133 25.83 6.70 15.41
CA ILE C 133 25.26 5.47 14.88
C ILE C 133 23.73 5.51 14.94
N LYS C 134 23.16 6.36 15.80
CA LYS C 134 21.71 6.51 15.82
C LYS C 134 21.22 7.53 14.80
N GLU C 135 22.07 8.49 14.42
CA GLU C 135 21.76 9.29 13.24
C GLU C 135 21.81 8.44 11.97
N ILE C 136 22.81 7.56 11.89
CA ILE C 136 22.94 6.66 10.74
C ILE C 136 21.78 5.66 10.71
N ASP C 137 21.33 5.22 11.89
CA ASP C 137 20.21 4.28 11.94
C ASP C 137 18.89 4.99 11.63
N LEU C 138 18.76 6.26 12.04
CA LEU C 138 17.56 7.04 11.73
C LEU C 138 17.47 7.32 10.23
N TYR C 139 18.57 7.76 9.63
CA TYR C 139 18.61 7.99 8.19
C TYR C 139 18.50 6.68 7.43
N THR C 140 18.91 5.58 8.05
CA THR C 140 18.69 4.26 7.48
C THR C 140 17.21 3.89 7.50
N GLU C 141 16.49 4.36 8.52
CA GLU C 141 15.06 4.05 8.60
C GLU C 141 14.25 4.88 7.62
N GLN C 142 14.45 6.20 7.60
CA GLN C 142 13.73 7.06 6.66
C GLN C 142 14.15 6.79 5.24
N LEU C 143 15.45 6.59 5.02
CA LEU C 143 15.96 6.20 3.72
C LEU C 143 15.45 4.83 3.31
N TYR C 144 15.22 3.95 4.28
CA TYR C 144 14.58 2.67 4.00
C TYR C 144 13.14 2.86 3.56
N ASN C 145 12.44 3.84 4.13
CA ASN C 145 11.06 4.10 3.70
C ASN C 145 11.01 4.68 2.29
N ILE C 146 11.86 5.65 1.96
CA ILE C 146 11.87 6.21 0.61
C ILE C 146 12.45 5.24 -0.42
N ILE C 147 13.29 4.29 -0.01
CA ILE C 147 13.75 3.24 -0.91
C ILE C 147 12.70 2.15 -1.13
N LYS C 148 12.00 1.73 -0.08
CA LYS C 148 10.92 0.77 -0.26
C LYS C 148 9.68 1.38 -0.91
N SER C 149 9.63 2.72 -1.03
CA SER C 149 8.64 3.37 -1.88
C SER C 149 8.91 3.23 -3.37
N LEU C 150 10.13 2.83 -3.78
CA LEU C 150 10.52 2.80 -5.19
C LEU C 150 10.34 1.40 -5.78
N PRO C 151 9.86 1.29 -7.04
CA PRO C 151 9.61 -0.02 -7.67
C PRO C 151 10.82 -0.66 -8.35
N TYR C 152 11.96 -0.65 -7.64
CA TYR C 152 13.22 -1.32 -8.03
C TYR C 152 13.86 -0.84 -9.33
N ASP C 153 13.31 0.19 -9.97
CA ASP C 153 13.86 0.70 -11.21
C ASP C 153 14.39 2.13 -11.07
N LYS C 154 13.75 2.95 -10.24
CA LYS C 154 14.21 4.28 -9.93
C LYS C 154 15.13 4.30 -8.71
N ARG C 155 15.64 3.15 -8.30
CA ARG C 155 16.55 3.08 -7.16
C ARG C 155 17.89 3.74 -7.51
N PRO C 156 18.53 4.41 -6.57
CA PRO C 156 19.86 4.96 -6.84
C PRO C 156 20.92 3.87 -6.77
N ASN C 157 22.09 4.20 -7.30
CA ASN C 157 23.25 3.33 -7.15
C ASN C 157 23.93 3.69 -5.83
N VAL C 158 23.97 2.73 -4.90
CA VAL C 158 24.19 3.01 -3.50
C VAL C 158 25.52 2.43 -3.04
N VAL C 159 26.31 3.24 -2.33
CA VAL C 159 27.50 2.76 -1.65
C VAL C 159 27.10 1.96 -0.42
N TYR C 160 27.66 0.77 -0.27
CA TYR C 160 27.37 -0.13 0.83
C TYR C 160 28.55 -0.18 1.80
N SER C 161 28.25 -0.49 3.06
CA SER C 161 29.25 -0.71 4.10
C SER C 161 28.61 -1.42 5.28
N ASP C 162 29.46 -2.10 6.04
CA ASP C 162 29.11 -2.71 7.32
C ASP C 162 29.81 -1.97 8.46
N GLN C 163 30.08 -0.69 8.24
CA GLN C 163 30.81 0.19 9.14
C GLN C 163 30.00 1.49 9.24
N PRO C 164 30.16 2.26 10.32
CA PRO C 164 29.46 3.56 10.40
C PRO C 164 29.93 4.51 9.31
N LEU C 165 28.97 4.90 8.46
CA LEU C 165 29.29 5.45 7.15
C LEU C 165 28.94 6.93 6.99
N ASP C 166 28.16 7.51 7.93
CA ASP C 166 27.90 8.93 8.27
C ASP C 166 27.76 9.85 7.05
N PRO C 167 26.59 9.83 6.39
CA PRO C 167 26.42 10.47 5.05
C PRO C 167 26.74 11.96 4.98
N ASN C 168 26.67 12.69 6.09
CA ASN C 168 27.08 14.08 6.12
C ASN C 168 28.59 14.25 6.27
N ASN C 169 29.32 13.16 6.48
CA ASN C 169 30.78 13.19 6.60
C ASN C 169 31.38 12.08 5.75
N LEU C 170 30.95 11.98 4.49
CA LEU C 170 31.40 10.93 3.60
C LEU C 170 32.76 11.27 2.99
N ASP C 171 33.63 10.27 2.95
CA ASP C 171 34.99 10.44 2.43
C ASP C 171 35.11 9.61 1.16
N LEU C 172 35.38 10.28 0.04
CA LEU C 172 35.49 9.62 -1.26
C LEU C 172 36.95 9.28 -1.58
N SER C 173 37.63 8.59 -0.66
CA SER C 173 39.06 8.38 -0.78
C SER C 173 39.42 6.96 -1.22
N GLU C 174 38.94 5.96 -0.48
CA GLU C 174 39.31 4.57 -0.69
C GLU C 174 38.64 4.03 -1.95
N PRO C 175 39.18 2.96 -2.55
CA PRO C 175 38.51 2.31 -3.68
C PRO C 175 37.38 1.37 -3.30
N GLU C 176 36.90 1.39 -2.05
CA GLU C 176 35.77 0.56 -1.65
C GLU C 176 34.43 1.15 -2.09
N LEU C 177 34.44 2.36 -2.63
CA LEU C 177 33.26 3.01 -3.18
C LEU C 177 32.69 2.21 -4.34
N TRP C 178 31.42 1.85 -4.24
CA TRP C 178 30.79 1.05 -5.29
C TRP C 178 29.39 1.59 -5.56
N ALA C 179 28.91 1.36 -6.78
CA ALA C 179 27.72 2.02 -7.29
C ALA C 179 26.80 1.03 -8.00
N GLU C 180 26.47 -0.07 -7.34
CA GLU C 180 25.52 -1.03 -7.89
C GLU C 180 24.15 -0.83 -7.23
N GLN C 181 23.09 -1.08 -8.00
CA GLN C 181 21.74 -0.73 -7.60
C GLN C 181 21.24 -1.64 -6.48
N VAL C 182 20.65 -1.03 -5.45
CA VAL C 182 20.33 -1.73 -4.21
C VAL C 182 18.95 -2.39 -4.32
N GLY C 183 18.67 -3.31 -3.41
CA GLY C 183 17.36 -3.94 -3.35
C GLY C 183 17.25 -4.88 -2.17
N GLU C 184 16.03 -5.35 -1.93
CA GLU C 184 15.68 -6.40 -0.96
C GLU C 184 16.10 -6.00 0.46
N CYS C 185 15.42 -4.97 0.98
CA CYS C 185 15.85 -4.27 2.18
C CYS C 185 15.15 -4.81 3.44
N MET C 186 15.06 -6.13 3.58
CA MET C 186 14.15 -6.72 4.56
C MET C 186 14.82 -6.76 5.94
N ARG C 187 14.24 -7.54 6.86
CA ARG C 187 14.39 -7.37 8.31
C ARG C 187 15.71 -7.89 8.87
N TYR C 188 15.71 -8.26 10.15
CA TYR C 188 16.77 -9.06 10.76
C TYR C 188 16.18 -9.88 11.90
N ALA C 189 15.19 -10.74 11.64
CA ALA C 189 14.19 -11.10 12.64
C ALA C 189 14.70 -11.85 13.86
N HIS C 190 15.58 -11.15 14.57
CA HIS C 190 15.96 -11.28 15.96
C HIS C 190 16.03 -9.83 16.45
N ASN C 191 16.26 -8.91 15.50
CA ASN C 191 16.31 -7.48 15.79
C ASN C 191 15.68 -6.66 14.66
N ASP C 192 15.11 -7.33 13.64
CA ASP C 192 14.22 -6.74 12.63
C ASP C 192 14.78 -5.60 11.77
N GLN C 193 15.72 -5.84 10.83
CA GLN C 193 16.32 -4.63 10.29
C GLN C 193 15.92 -4.38 8.84
N PRO C 194 16.16 -3.16 8.35
CA PRO C 194 16.21 -2.96 6.90
C PRO C 194 17.55 -3.47 6.37
N CYS C 195 17.51 -4.51 5.54
CA CYS C 195 18.75 -5.03 4.96
C CYS C 195 18.80 -4.95 3.45
N PHE C 196 19.97 -4.56 2.95
CA PHE C 196 20.17 -3.95 1.65
C PHE C 196 21.12 -4.82 0.84
N TYR C 197 20.56 -5.78 0.10
CA TYR C 197 21.36 -6.51 -0.85
C TYR C 197 21.77 -5.59 -2.01
N ILE C 198 23.06 -5.57 -2.29
CA ILE C 198 23.63 -4.62 -3.24
C ILE C 198 23.50 -5.11 -4.68
N GLY C 199 23.15 -6.38 -4.89
CA GLY C 199 22.97 -6.86 -6.23
C GLY C 199 21.59 -7.42 -6.46
N SER C 200 21.51 -8.64 -6.98
CA SER C 200 20.23 -9.30 -7.18
C SER C 200 19.81 -10.02 -5.91
N THR C 201 18.84 -10.92 -6.04
CA THR C 201 18.42 -11.74 -4.90
C THR C 201 19.51 -12.74 -4.52
N LYS C 202 20.10 -13.39 -5.51
CA LYS C 202 21.09 -14.45 -5.28
C LYS C 202 22.51 -13.93 -5.40
N ARG C 203 22.85 -12.93 -4.59
CA ARG C 203 24.25 -12.56 -4.42
C ARG C 203 24.70 -12.54 -2.97
N GLU C 204 23.76 -12.53 -2.01
CA GLU C 204 24.02 -12.68 -0.58
C GLU C 204 25.01 -11.65 -0.06
N LEU C 205 24.77 -10.38 -0.38
CA LEU C 205 25.67 -9.31 0.01
C LEU C 205 24.88 -8.38 0.92
N ARG C 206 24.23 -8.96 1.92
CA ARG C 206 23.48 -8.18 2.90
C ARG C 206 24.41 -7.27 3.70
N VAL C 207 23.99 -6.02 3.87
CA VAL C 207 24.69 -5.06 4.70
C VAL C 207 23.66 -4.30 5.53
N ASN C 208 24.14 -3.39 6.36
CA ASN C 208 23.25 -2.56 7.15
C ASN C 208 23.73 -1.11 7.28
N TYR C 209 24.62 -0.66 6.39
CA TYR C 209 24.96 0.76 6.30
C TYR C 209 25.02 1.13 4.83
N ILE C 210 24.25 2.14 4.43
CA ILE C 210 24.18 2.54 3.03
C ILE C 210 24.23 4.06 2.91
N VAL C 211 24.81 4.53 1.81
CA VAL C 211 24.77 5.94 1.39
C VAL C 211 24.52 5.99 -0.11
N PRO C 212 23.40 6.51 -0.58
CA PRO C 212 23.18 6.65 -2.02
C PRO C 212 23.94 7.85 -2.59
N VAL C 213 24.41 7.69 -3.83
CA VAL C 213 25.21 8.69 -4.53
C VAL C 213 24.71 8.82 -5.96
N ILE C 214 25.39 9.66 -6.75
CA ILE C 214 25.00 9.94 -8.12
C ILE C 214 25.57 8.87 -9.05
N GLY C 215 24.70 8.00 -9.54
CA GLY C 215 25.00 7.21 -10.72
C GLY C 215 26.04 6.12 -10.54
N VAL C 216 26.64 5.77 -11.68
CA VAL C 216 27.50 4.61 -11.92
C VAL C 216 28.85 4.83 -11.24
N ARG C 217 29.75 3.85 -11.36
CA ARG C 217 31.08 3.94 -10.74
C ARG C 217 32.03 5.00 -11.29
N ASP C 218 33.31 4.91 -10.88
CA ASP C 218 34.41 5.80 -11.28
C ASP C 218 34.31 7.28 -10.90
N GLU C 219 34.99 7.66 -9.81
CA GLU C 219 35.00 9.03 -9.26
C GLU C 219 33.60 9.63 -9.26
N ILE C 220 32.71 8.98 -8.52
CA ILE C 220 31.33 9.42 -8.44
C ILE C 220 31.25 10.88 -8.04
N GLU C 221 30.05 11.46 -8.11
CA GLU C 221 29.77 12.76 -7.51
C GLU C 221 29.62 12.59 -5.99
N ARG C 222 29.34 13.68 -5.29
CA ARG C 222 29.80 13.76 -3.91
C ARG C 222 28.85 13.12 -2.88
N VAL C 223 27.62 13.63 -2.73
CA VAL C 223 26.82 13.24 -1.58
C VAL C 223 25.44 12.71 -1.99
N MET C 224 24.69 13.55 -2.72
CA MET C 224 23.25 13.37 -3.00
C MET C 224 22.46 13.16 -1.70
N THR C 225 22.43 14.23 -0.89
CA THR C 225 21.68 14.21 0.36
C THR C 225 20.25 14.69 0.13
N LEU C 226 19.29 13.89 0.61
CA LEU C 226 17.86 14.19 0.66
C LEU C 226 17.25 14.54 -0.69
N GLU C 227 17.82 14.05 -1.79
CA GLU C 227 17.24 14.20 -3.10
C GLU C 227 16.54 12.93 -3.56
N GLU C 228 16.18 12.04 -2.62
CA GLU C 228 15.55 10.78 -2.97
C GLU C 228 14.11 10.98 -3.45
N VAL C 229 13.46 12.04 -3.00
CA VAL C 229 12.13 12.36 -3.51
C VAL C 229 12.20 12.91 -4.93
N ARG C 230 13.36 13.41 -5.35
CA ARG C 230 13.57 13.84 -6.72
C ARG C 230 13.91 12.68 -7.65
N ASN C 231 14.16 11.49 -7.10
CA ASN C 231 14.26 10.28 -7.91
C ASN C 231 12.91 9.72 -8.29
N LEU C 232 11.83 10.22 -7.69
CA LEU C 232 10.51 9.68 -7.91
C LEU C 232 9.53 10.79 -8.23
N MET D 1 -7.62 -38.46 -38.14
CA MET D 1 -6.64 -39.14 -37.31
C MET D 1 -5.45 -38.25 -36.98
N SER D 2 -4.54 -38.75 -36.16
CA SER D 2 -3.37 -37.98 -35.74
C SER D 2 -2.18 -38.91 -35.60
N LYS D 3 -0.99 -38.31 -35.52
CA LYS D 3 0.25 -39.07 -35.48
C LYS D 3 0.63 -39.55 -34.09
N LEU D 4 -0.15 -39.21 -33.06
CA LEU D 4 0.16 -39.59 -31.69
C LEU D 4 -0.50 -40.88 -31.24
N GLU D 5 -1.16 -41.61 -32.14
CA GLU D 5 -1.87 -42.81 -31.75
C GLU D 5 -0.95 -44.02 -31.58
N LYS D 6 0.26 -43.98 -32.14
CA LYS D 6 1.15 -45.13 -32.14
C LYS D 6 2.41 -44.93 -31.31
N PHE D 7 2.75 -43.70 -30.94
CA PHE D 7 3.98 -43.42 -30.22
C PHE D 7 3.80 -43.39 -28.71
N THR D 8 2.61 -43.70 -28.20
CA THR D 8 2.41 -43.80 -26.76
C THR D 8 2.94 -45.12 -26.25
N ASN D 9 3.28 -45.14 -24.95
CA ASN D 9 3.63 -46.25 -24.06
C ASN D 9 4.45 -47.40 -24.70
N CYS D 10 5.45 -47.04 -25.50
CA CYS D 10 6.18 -48.04 -26.27
C CYS D 10 7.16 -48.82 -25.40
N TYR D 11 7.77 -48.19 -24.41
CA TYR D 11 8.81 -48.84 -23.62
C TYR D 11 8.75 -48.34 -22.18
N SER D 12 9.66 -48.86 -21.36
CA SER D 12 9.63 -48.65 -19.92
C SER D 12 10.47 -47.44 -19.52
N LEU D 13 10.14 -46.87 -18.37
CA LEU D 13 10.95 -45.82 -17.76
C LEU D 13 10.76 -45.81 -16.26
N SER D 14 11.85 -45.83 -15.52
CA SER D 14 11.81 -45.75 -14.06
C SER D 14 11.97 -44.30 -13.61
N LYS D 15 11.25 -43.95 -12.54
CA LYS D 15 11.33 -42.63 -11.94
C LYS D 15 11.49 -42.78 -10.43
N THR D 16 11.82 -41.67 -9.77
CA THR D 16 11.99 -41.65 -8.32
C THR D 16 11.22 -40.47 -7.76
N LEU D 17 10.09 -40.75 -7.12
CA LEU D 17 9.29 -39.70 -6.50
C LEU D 17 9.95 -39.22 -5.22
N ARG D 18 9.69 -37.96 -4.88
CA ARG D 18 10.21 -37.35 -3.65
C ARG D 18 9.07 -36.60 -2.99
N PHE D 19 8.83 -36.85 -1.70
CA PHE D 19 7.76 -36.17 -0.98
C PHE D 19 8.24 -35.87 0.44
N LYS D 20 7.36 -35.22 1.21
CA LYS D 20 7.70 -34.69 2.52
C LYS D 20 7.09 -35.56 3.60
N ALA D 21 7.93 -36.06 4.51
CA ALA D 21 7.50 -36.85 5.64
C ALA D 21 7.87 -36.11 6.92
N ILE D 22 6.86 -35.86 7.75
CA ILE D 22 7.02 -35.13 9.01
C ILE D 22 6.55 -36.02 10.17
N PRO D 23 7.10 -35.85 11.37
CA PRO D 23 6.67 -36.70 12.49
C PRO D 23 5.31 -36.28 13.03
N VAL D 24 4.49 -37.30 13.34
CA VAL D 24 3.15 -37.10 13.89
C VAL D 24 3.08 -37.82 15.23
N GLY D 25 2.76 -37.09 16.28
CA GLY D 25 2.61 -37.70 17.59
C GLY D 25 3.91 -37.71 18.37
N LYS D 26 4.08 -38.73 19.19
CA LYS D 26 5.23 -38.87 20.07
C LYS D 26 6.35 -39.69 19.45
N THR D 27 6.44 -39.72 18.10
CA THR D 27 7.45 -40.54 17.43
C THR D 27 8.86 -40.02 17.68
N GLN D 28 9.03 -38.69 17.72
CA GLN D 28 10.33 -38.11 18.05
C GLN D 28 10.72 -38.44 19.49
N GLU D 29 9.73 -38.50 20.38
CA GLU D 29 10.00 -38.85 21.77
C GLU D 29 10.41 -40.32 21.90
N ASN D 30 9.83 -41.21 21.09
CA ASN D 30 10.24 -42.60 21.14
C ASN D 30 11.59 -42.85 20.46
N ILE D 31 11.93 -42.09 19.42
CA ILE D 31 13.27 -42.18 18.86
C ILE D 31 14.29 -41.63 19.86
N ASP D 32 13.92 -40.59 20.62
CA ASP D 32 14.80 -40.11 21.68
C ASP D 32 14.91 -41.08 22.84
N ASN D 33 13.85 -41.85 23.12
CA ASN D 33 13.88 -42.82 24.20
C ASN D 33 14.13 -44.26 23.72
N LYS D 34 14.67 -44.42 22.51
CA LYS D 34 15.22 -45.71 22.10
C LYS D 34 16.65 -45.61 21.57
N ARG D 35 17.27 -44.43 21.63
CA ARG D 35 18.69 -44.19 21.35
C ARG D 35 19.06 -44.57 19.91
N LEU D 36 18.42 -43.89 18.96
CA LEU D 36 18.65 -44.14 17.54
C LEU D 36 19.52 -43.08 16.89
N LEU D 37 20.12 -42.17 17.65
CA LEU D 37 20.88 -41.06 17.09
C LEU D 37 22.39 -41.27 17.15
N VAL D 38 22.91 -41.85 18.22
CA VAL D 38 24.36 -42.00 18.34
C VAL D 38 24.89 -43.14 17.49
N GLU D 39 24.07 -44.14 17.19
CA GLU D 39 24.54 -45.28 16.41
C GLU D 39 24.55 -45.00 14.91
N ASP D 40 23.75 -44.04 14.44
CA ASP D 40 23.77 -43.67 13.03
C ASP D 40 24.88 -42.67 12.73
N GLU D 41 25.13 -41.74 13.66
CA GLU D 41 26.26 -40.83 13.53
C GLU D 41 27.58 -41.58 13.69
N LYS D 42 27.69 -42.38 14.76
CA LYS D 42 28.89 -43.17 14.98
C LYS D 42 29.08 -44.22 13.89
N ARG D 43 27.97 -44.82 13.42
CA ARG D 43 28.04 -45.80 12.35
C ARG D 43 28.41 -45.15 11.02
N ALA D 44 28.02 -43.89 10.82
CA ALA D 44 28.38 -43.19 9.59
C ALA D 44 29.84 -42.78 9.58
N GLU D 45 30.34 -42.23 10.71
CA GLU D 45 31.75 -41.89 10.81
C GLU D 45 32.63 -43.12 10.73
N ASP D 46 32.19 -44.22 11.34
CA ASP D 46 32.86 -45.50 11.16
C ASP D 46 32.77 -46.00 9.73
N TYR D 47 31.71 -45.64 8.98
CA TYR D 47 31.66 -46.02 7.57
C TYR D 47 32.68 -45.26 6.74
N LYS D 48 32.89 -43.98 7.04
CA LYS D 48 34.00 -43.27 6.39
C LYS D 48 35.34 -43.87 6.79
N GLY D 49 35.46 -44.33 8.03
CA GLY D 49 36.64 -45.09 8.43
C GLY D 49 36.80 -46.40 7.68
N VAL D 50 35.69 -47.04 7.31
CA VAL D 50 35.76 -48.27 6.53
C VAL D 50 36.20 -47.97 5.10
N LYS D 51 35.73 -46.86 4.51
CA LYS D 51 36.19 -46.50 3.18
C LYS D 51 37.67 -46.14 3.15
N LYS D 52 38.16 -45.45 4.19
CA LYS D 52 39.58 -45.15 4.26
C LYS D 52 40.41 -46.41 4.47
N LEU D 53 40.01 -47.27 5.42
CA LEU D 53 40.81 -48.44 5.73
C LEU D 53 40.66 -49.57 4.71
N LEU D 54 39.66 -49.50 3.82
CA LEU D 54 39.63 -50.40 2.67
C LEU D 54 40.30 -49.81 1.45
N ASP D 55 40.46 -48.48 1.38
CA ASP D 55 41.45 -47.94 0.45
C ASP D 55 42.85 -48.38 0.86
N ARG D 56 43.12 -48.43 2.17
CA ARG D 56 44.43 -48.86 2.66
C ARG D 56 44.60 -50.37 2.52
N TYR D 57 43.53 -51.13 2.80
CA TYR D 57 43.61 -52.58 2.68
C TYR D 57 43.67 -53.03 1.23
N TYR D 58 42.93 -52.36 0.34
CA TYR D 58 43.08 -52.64 -1.08
C TYR D 58 44.42 -52.17 -1.62
N LEU D 59 45.00 -51.13 -0.99
CA LEU D 59 46.37 -50.73 -1.34
C LEU D 59 47.36 -51.83 -0.96
N SER D 60 47.16 -52.46 0.20
CA SER D 60 47.98 -53.60 0.57
C SER D 60 47.70 -54.81 -0.31
N PHE D 61 46.48 -54.91 -0.85
CA PHE D 61 46.16 -55.99 -1.78
C PHE D 61 46.87 -55.80 -3.12
N ILE D 62 46.96 -54.54 -3.58
CA ILE D 62 47.74 -54.24 -4.77
C ILE D 62 49.23 -54.49 -4.50
N ASN D 63 49.68 -54.23 -3.27
CA ASN D 63 51.04 -54.57 -2.89
C ASN D 63 51.26 -56.09 -2.87
N ASP D 64 50.21 -56.86 -2.58
CA ASP D 64 50.37 -58.32 -2.53
C ASP D 64 50.30 -58.95 -3.92
N VAL D 65 49.45 -58.44 -4.80
CA VAL D 65 49.28 -59.06 -6.11
C VAL D 65 50.46 -58.76 -7.03
N LEU D 66 50.79 -57.48 -7.18
CA LEU D 66 51.80 -57.05 -8.15
C LEU D 66 53.23 -57.22 -7.67
N HIS D 67 53.46 -57.98 -6.59
CA HIS D 67 54.82 -58.15 -6.09
C HIS D 67 55.56 -59.25 -6.85
N SER D 68 55.06 -60.48 -6.78
CA SER D 68 55.72 -61.63 -7.40
C SER D 68 55.02 -61.96 -8.72
N ILE D 69 55.29 -61.15 -9.73
CA ILE D 69 54.82 -61.39 -11.10
C ILE D 69 56.00 -61.22 -12.03
N LYS D 70 56.32 -62.28 -12.78
CA LYS D 70 57.37 -62.25 -13.78
C LYS D 70 56.76 -62.25 -15.18
N LEU D 71 57.60 -61.93 -16.16
CA LEU D 71 57.18 -61.86 -17.56
C LEU D 71 58.06 -62.77 -18.40
N LYS D 72 57.50 -63.20 -19.53
CA LYS D 72 58.19 -64.08 -20.47
C LYS D 72 58.40 -63.46 -21.84
N ASN D 73 57.39 -62.78 -22.37
CA ASN D 73 57.47 -62.12 -23.68
C ASN D 73 57.88 -60.67 -23.60
N LEU D 74 58.71 -60.32 -22.61
CA LEU D 74 59.10 -58.92 -22.41
C LEU D 74 60.05 -58.45 -23.49
N ASN D 75 61.06 -59.27 -23.82
CA ASN D 75 62.13 -58.85 -24.72
C ASN D 75 61.64 -58.72 -26.16
N ASN D 76 60.64 -59.50 -26.56
CA ASN D 76 60.09 -59.42 -27.91
C ASN D 76 59.35 -58.11 -28.17
N TYR D 77 58.57 -57.63 -27.20
CA TYR D 77 57.90 -56.34 -27.33
C TYR D 77 58.88 -55.17 -27.34
N ILE D 78 59.95 -55.27 -26.55
CA ILE D 78 61.00 -54.25 -26.55
C ILE D 78 61.70 -54.20 -27.90
N SER D 79 62.26 -55.33 -28.33
CA SER D 79 63.02 -55.43 -29.57
C SER D 79 62.20 -55.11 -30.80
N LEU D 80 61.04 -55.77 -30.98
CA LEU D 80 60.18 -55.50 -32.11
C LEU D 80 59.52 -54.13 -32.00
N PHE D 81 59.51 -53.55 -30.79
CA PHE D 81 59.06 -52.16 -30.67
C PHE D 81 60.11 -51.19 -31.18
N ARG D 82 61.40 -51.53 -31.03
CA ARG D 82 62.46 -50.60 -31.41
C ARG D 82 63.24 -51.03 -32.66
N LYS D 83 62.72 -51.96 -33.46
CA LYS D 83 63.32 -52.26 -34.75
C LYS D 83 62.84 -51.38 -35.89
N LYS D 84 62.21 -50.23 -35.60
CA LYS D 84 61.76 -49.23 -36.60
C LYS D 84 60.80 -49.87 -37.61
N THR D 85 59.59 -50.14 -37.09
CA THR D 85 58.63 -51.13 -37.59
C THR D 85 58.30 -51.11 -39.08
N ARG D 86 57.79 -52.24 -39.55
CA ARG D 86 57.79 -52.66 -40.95
C ARG D 86 56.37 -53.01 -41.42
N THR D 87 55.44 -52.07 -41.24
CA THR D 87 54.02 -52.35 -41.07
C THR D 87 53.37 -52.97 -42.30
N GLU D 88 53.49 -54.29 -42.38
CA GLU D 88 52.83 -55.16 -43.34
C GLU D 88 51.86 -55.95 -42.49
N LYS D 89 51.08 -55.19 -41.70
CA LYS D 89 50.24 -55.64 -40.57
C LYS D 89 51.17 -56.17 -39.47
N GLU D 90 52.21 -55.39 -39.16
CA GLU D 90 53.16 -55.74 -38.12
C GLU D 90 52.73 -55.19 -36.75
N ASN D 91 52.26 -53.93 -36.73
CA ASN D 91 51.87 -53.30 -35.47
C ASN D 91 50.58 -53.88 -34.87
N LYS D 92 49.81 -54.65 -35.64
CA LYS D 92 48.69 -55.38 -35.08
C LYS D 92 49.15 -56.67 -34.41
N GLU D 93 50.31 -57.19 -34.82
CA GLU D 93 50.94 -58.30 -34.12
C GLU D 93 51.70 -57.82 -32.89
N LEU D 94 52.33 -56.65 -32.98
CA LEU D 94 52.95 -56.03 -31.80
C LEU D 94 51.90 -55.65 -30.77
N GLU D 95 50.88 -54.92 -31.20
CA GLU D 95 49.78 -54.52 -30.33
C GLU D 95 48.96 -55.73 -29.87
N ASN D 96 48.86 -56.77 -30.69
CA ASN D 96 48.16 -57.99 -30.28
C ASN D 96 48.97 -58.72 -29.22
N LEU D 97 50.30 -58.68 -29.32
CA LEU D 97 51.15 -59.20 -28.25
C LEU D 97 50.99 -58.37 -26.98
N GLU D 98 50.76 -57.06 -27.13
CA GLU D 98 50.46 -56.22 -25.97
C GLU D 98 49.10 -56.58 -25.35
N ILE D 99 48.14 -56.97 -26.18
CA ILE D 99 46.88 -57.51 -25.68
C ILE D 99 47.11 -58.83 -24.94
N ASN D 100 48.06 -59.63 -25.42
CA ASN D 100 48.44 -60.85 -24.69
C ASN D 100 49.08 -60.52 -23.35
N LEU D 101 49.80 -59.39 -23.26
CA LEU D 101 50.25 -58.92 -21.95
C LEU D 101 49.10 -58.42 -21.09
N ARG D 102 48.06 -57.84 -21.70
CA ARG D 102 46.92 -57.37 -20.93
C ARG D 102 46.11 -58.53 -20.39
N LYS D 103 46.03 -59.63 -21.15
CA LYS D 103 45.40 -60.84 -20.67
C LYS D 103 46.32 -61.67 -19.77
N GLU D 104 47.62 -61.38 -19.79
CA GLU D 104 48.52 -62.02 -18.84
C GLU D 104 48.42 -61.37 -17.47
N ILE D 105 48.47 -60.04 -17.42
CA ILE D 105 48.33 -59.36 -16.13
C ILE D 105 46.87 -59.39 -15.68
N ALA D 106 45.92 -59.47 -16.62
CA ALA D 106 44.52 -59.64 -16.26
C ALA D 106 44.24 -61.08 -15.85
N LYS D 107 45.00 -62.03 -16.37
CA LYS D 107 44.94 -63.40 -15.89
C LYS D 107 45.54 -63.51 -14.48
N ALA D 108 46.56 -62.70 -14.19
CA ALA D 108 47.09 -62.64 -12.83
C ALA D 108 46.12 -61.93 -11.89
N PHE D 109 45.28 -61.03 -12.42
CA PHE D 109 44.31 -60.35 -11.57
C PHE D 109 43.11 -61.25 -11.29
N LYS D 110 42.58 -61.91 -12.32
CA LYS D 110 41.33 -62.65 -12.22
C LYS D 110 41.52 -64.10 -11.78
N GLY D 111 42.61 -64.74 -12.20
CA GLY D 111 42.80 -66.16 -12.00
C GLY D 111 42.99 -66.63 -10.58
N ASN D 112 44.05 -66.14 -9.92
CA ASN D 112 44.40 -66.66 -8.60
C ASN D 112 44.49 -65.54 -7.57
N GLU D 113 45.04 -65.89 -6.39
CA GLU D 113 45.26 -64.98 -5.25
C GLU D 113 43.95 -64.37 -4.77
N GLY D 114 43.06 -65.23 -4.31
CA GLY D 114 41.79 -64.80 -3.71
C GLY D 114 40.69 -64.62 -4.76
N TYR D 115 40.29 -63.36 -4.98
CA TYR D 115 39.38 -62.86 -6.01
C TYR D 115 37.91 -63.25 -5.77
N LYS D 116 37.66 -64.10 -4.78
CA LYS D 116 36.29 -64.48 -4.42
C LYS D 116 35.86 -63.98 -3.06
N SER D 117 36.77 -63.86 -2.10
CA SER D 117 36.47 -63.28 -0.80
C SER D 117 36.90 -61.82 -0.76
N LEU D 118 36.35 -61.03 -1.68
CA LEU D 118 36.77 -59.64 -1.85
C LEU D 118 35.63 -58.64 -1.90
N PHE D 119 34.45 -59.02 -2.36
CA PHE D 119 33.32 -58.11 -2.47
C PHE D 119 32.09 -58.68 -1.80
N LYS D 120 32.29 -59.38 -0.67
CA LYS D 120 31.18 -60.00 0.04
C LYS D 120 31.18 -59.63 1.52
N LYS D 121 30.37 -60.32 2.31
CA LYS D 121 30.33 -60.07 3.75
C LYS D 121 31.52 -60.70 4.49
N ASP D 122 32.25 -61.60 3.85
CA ASP D 122 33.36 -62.28 4.51
C ASP D 122 34.62 -61.42 4.56
N ILE D 123 34.81 -60.54 3.56
CA ILE D 123 35.98 -59.66 3.58
C ILE D 123 35.82 -58.57 4.63
N ILE D 124 34.56 -58.25 4.98
CA ILE D 124 34.31 -57.19 5.95
C ILE D 124 33.98 -57.71 7.34
N GLU D 125 33.56 -58.97 7.47
CA GLU D 125 33.17 -59.49 8.78
C GLU D 125 34.08 -60.58 9.31
N THR D 126 34.92 -61.18 8.47
CA THR D 126 35.86 -62.19 8.93
C THR D 126 37.32 -61.82 8.70
N ILE D 127 37.66 -61.32 7.52
CA ILE D 127 39.04 -61.01 7.18
C ILE D 127 39.44 -59.64 7.72
N LEU D 128 38.51 -58.69 7.72
CA LEU D 128 38.79 -57.36 8.26
C LEU D 128 38.92 -57.31 9.78
N PRO D 129 38.13 -58.04 10.61
CA PRO D 129 38.42 -57.99 12.06
C PRO D 129 39.72 -58.66 12.48
N GLU D 130 40.25 -59.63 11.72
CA GLU D 130 41.57 -60.14 12.08
C GLU D 130 42.68 -59.26 11.55
N PHE D 131 42.37 -58.29 10.70
CA PHE D 131 43.28 -57.26 10.26
C PHE D 131 43.06 -56.05 11.17
N LEU D 132 43.74 -54.93 10.90
CA LEU D 132 43.53 -53.63 11.55
C LEU D 132 43.80 -53.68 13.06
N ASP D 133 45.09 -53.80 13.40
CA ASP D 133 45.53 -53.69 14.79
C ASP D 133 45.25 -52.31 15.39
N ASP D 134 45.54 -52.15 16.69
CA ASP D 134 44.95 -51.13 17.56
C ASP D 134 43.42 -51.28 17.56
N LYS D 135 43.00 -52.37 18.22
CA LYS D 135 41.72 -53.05 18.06
C LYS D 135 40.46 -52.27 18.39
N ASP D 136 40.57 -50.98 18.74
CA ASP D 136 39.40 -50.13 18.85
C ASP D 136 38.67 -50.02 17.50
N GLU D 137 39.44 -49.97 16.41
CA GLU D 137 38.86 -49.96 15.07
C GLU D 137 38.14 -51.25 14.75
N ILE D 138 38.60 -52.37 15.31
CA ILE D 138 37.90 -53.66 15.13
C ILE D 138 36.52 -53.59 15.80
N ALA D 139 36.45 -52.94 16.96
CA ALA D 139 35.16 -52.66 17.57
C ALA D 139 34.35 -51.66 16.76
N LEU D 140 35.01 -50.83 15.97
CA LEU D 140 34.27 -49.95 15.06
C LEU D 140 33.83 -50.66 13.79
N VAL D 141 34.37 -51.84 13.49
CA VAL D 141 33.96 -52.60 12.31
C VAL D 141 32.70 -53.44 12.56
N ASN D 142 32.57 -54.04 13.75
CA ASN D 142 31.49 -55.00 14.00
C ASN D 142 30.12 -54.36 14.18
N SER D 143 29.94 -53.06 13.90
CA SER D 143 28.64 -52.41 13.98
C SER D 143 28.01 -52.20 12.60
N PHE D 144 28.31 -53.08 11.65
CA PHE D 144 27.78 -52.99 10.28
C PHE D 144 27.13 -54.31 9.87
N ASN D 145 26.27 -54.85 10.75
CA ASN D 145 25.69 -56.16 10.53
C ASN D 145 24.59 -56.10 9.48
N GLY D 146 24.93 -56.43 8.23
CA GLY D 146 23.94 -56.61 7.18
C GLY D 146 23.52 -55.35 6.45
N PHE D 147 24.21 -54.23 6.64
CA PHE D 147 23.80 -52.94 6.08
C PHE D 147 24.54 -52.63 4.79
N THR D 148 24.78 -53.62 3.94
CA THR D 148 25.76 -53.49 2.86
C THR D 148 25.20 -52.88 1.59
N THR D 149 24.48 -51.75 1.71
CA THR D 149 23.97 -51.03 0.55
C THR D 149 24.96 -49.98 0.07
N ALA D 150 25.44 -49.15 0.98
CA ALA D 150 26.57 -48.28 0.65
C ALA D 150 27.85 -49.10 0.47
N PHE D 151 27.93 -50.26 1.14
CA PHE D 151 29.05 -51.16 0.92
C PHE D 151 28.99 -51.79 -0.47
N THR D 152 27.79 -52.20 -0.93
CA THR D 152 27.76 -52.70 -2.29
C THR D 152 27.84 -51.61 -3.34
N GLY D 153 27.58 -50.35 -2.97
CA GLY D 153 27.85 -49.25 -3.88
C GLY D 153 29.34 -48.97 -4.00
N PHE D 154 30.05 -49.00 -2.88
CA PHE D 154 31.51 -48.89 -2.90
C PHE D 154 32.14 -50.09 -3.58
N PHE D 155 31.51 -51.26 -3.49
CA PHE D 155 31.98 -52.42 -4.23
C PHE D 155 31.68 -52.28 -5.72
N ASP D 156 30.61 -51.56 -6.09
CA ASP D 156 30.38 -51.25 -7.50
C ASP D 156 31.45 -50.30 -8.03
N ASN D 157 31.90 -49.36 -7.20
CA ASN D 157 33.01 -48.50 -7.59
C ASN D 157 34.31 -49.30 -7.73
N ARG D 158 34.58 -50.18 -6.76
CA ARG D 158 35.81 -50.96 -6.78
C ARG D 158 35.76 -52.15 -7.73
N GLU D 159 34.63 -52.43 -8.36
CA GLU D 159 34.64 -53.33 -9.51
C GLU D 159 34.59 -52.56 -10.82
N ASN D 160 34.19 -51.28 -10.80
CA ASN D 160 34.43 -50.41 -11.94
C ASN D 160 35.90 -50.02 -12.07
N MET D 161 36.67 -50.12 -10.98
CA MET D 161 38.10 -49.86 -11.06
C MET D 161 38.83 -50.96 -11.82
N PHE D 162 38.80 -52.19 -11.30
CA PHE D 162 39.54 -53.30 -11.88
C PHE D 162 38.64 -54.02 -12.89
N SER D 163 38.90 -53.78 -14.18
CA SER D 163 38.18 -54.45 -15.25
C SER D 163 39.08 -54.47 -16.49
N GLU D 164 38.55 -54.99 -17.58
CA GLU D 164 39.25 -55.00 -18.87
C GLU D 164 38.85 -53.78 -19.70
N GLU D 165 39.08 -52.60 -19.11
CA GLU D 165 38.67 -51.34 -19.72
C GLU D 165 39.85 -50.47 -20.12
N ALA D 166 40.96 -50.53 -19.35
CA ALA D 166 42.26 -49.92 -19.68
C ALA D 166 42.17 -48.41 -19.81
N LYS D 167 41.59 -47.76 -18.81
CA LYS D 167 41.58 -46.30 -18.73
C LYS D 167 42.73 -45.85 -17.82
N SER D 168 42.73 -44.56 -17.48
CA SER D 168 43.75 -44.02 -16.58
C SER D 168 43.59 -44.54 -15.16
N THR D 169 42.39 -44.95 -14.77
CA THR D 169 42.17 -45.55 -13.46
C THR D 169 42.64 -47.00 -13.40
N SER D 170 42.74 -47.67 -14.55
CA SER D 170 43.18 -49.05 -14.60
C SER D 170 44.69 -49.12 -14.35
N ILE D 171 45.11 -50.07 -13.51
CA ILE D 171 46.51 -50.18 -13.15
C ILE D 171 47.33 -50.84 -14.27
N ALA D 172 46.71 -51.68 -15.10
CA ALA D 172 47.46 -52.37 -16.16
C ALA D 172 47.82 -51.43 -17.30
N PHE D 173 46.89 -50.53 -17.64
CA PHE D 173 47.18 -49.44 -18.58
C PHE D 173 48.33 -48.58 -18.10
N ARG D 174 48.33 -48.25 -16.81
CA ARG D 174 49.35 -47.36 -16.24
C ARG D 174 50.72 -48.03 -16.20
N CYS D 175 50.79 -49.25 -15.68
CA CYS D 175 52.09 -49.90 -15.50
C CYS D 175 52.63 -50.42 -16.83
N ILE D 176 51.80 -51.14 -17.58
CA ILE D 176 52.25 -51.71 -18.85
C ILE D 176 52.48 -50.60 -19.88
N ASN D 177 51.47 -49.75 -20.11
CA ASN D 177 51.62 -48.72 -21.12
C ASN D 177 52.57 -47.61 -20.67
N GLU D 178 52.30 -47.01 -19.50
CA GLU D 178 53.14 -45.92 -19.02
C GLU D 178 54.52 -46.41 -18.62
N ASN D 179 54.59 -47.39 -17.72
CA ASN D 179 55.89 -47.81 -17.23
C ASN D 179 56.68 -48.64 -18.26
N LEU D 180 55.99 -49.34 -19.16
CA LEU D 180 56.74 -50.12 -20.15
C LEU D 180 57.17 -49.26 -21.34
N THR D 181 56.31 -48.35 -21.83
CA THR D 181 56.76 -47.50 -22.93
C THR D 181 57.76 -46.45 -22.46
N ARG D 182 57.62 -45.95 -21.22
CA ARG D 182 58.68 -45.10 -20.69
C ARG D 182 59.92 -45.89 -20.32
N TYR D 183 59.77 -47.19 -20.03
CA TYR D 183 60.95 -48.02 -19.77
C TYR D 183 61.74 -48.28 -21.04
N ILE D 184 61.04 -48.56 -22.15
CA ILE D 184 61.69 -48.75 -23.44
C ILE D 184 62.24 -47.41 -23.96
N SER D 185 61.55 -46.31 -23.63
CA SER D 185 62.07 -44.99 -23.98
C SER D 185 63.34 -44.67 -23.21
N ASN D 186 63.39 -45.08 -21.93
CA ASN D 186 64.61 -44.90 -21.15
C ASN D 186 65.73 -45.83 -21.60
N MET D 187 65.41 -46.98 -22.21
CA MET D 187 66.48 -47.77 -22.81
C MET D 187 66.92 -47.20 -24.14
N ASP D 188 66.04 -46.53 -24.88
CA ASP D 188 66.45 -45.86 -26.12
C ASP D 188 67.33 -44.66 -25.82
N ILE D 189 67.05 -43.96 -24.72
CA ILE D 189 67.94 -42.88 -24.28
C ILE D 189 69.24 -43.47 -23.73
N PHE D 190 69.15 -44.56 -22.98
CA PHE D 190 70.30 -45.06 -22.23
C PHE D 190 71.29 -45.77 -23.15
N GLU D 191 70.81 -46.40 -24.23
CA GLU D 191 71.74 -47.10 -25.11
C GLU D 191 72.40 -46.15 -26.11
N LYS D 192 71.68 -45.14 -26.58
CA LYS D 192 72.20 -44.20 -27.57
C LYS D 192 73.36 -43.36 -27.02
N VAL D 193 73.09 -42.49 -26.05
CA VAL D 193 74.11 -41.61 -25.49
C VAL D 193 74.02 -41.67 -23.97
N ASP D 194 74.89 -42.50 -23.38
CA ASP D 194 75.09 -42.48 -21.94
C ASP D 194 76.59 -42.53 -21.65
N ALA D 195 77.39 -42.88 -22.66
CA ALA D 195 78.84 -42.94 -22.52
C ALA D 195 79.45 -41.55 -22.34
N ILE D 196 78.78 -40.50 -22.78
CA ILE D 196 79.23 -39.14 -22.50
C ILE D 196 78.96 -38.78 -21.04
N PHE D 197 77.94 -39.38 -20.44
CA PHE D 197 77.44 -38.95 -19.13
C PHE D 197 78.38 -39.32 -17.99
N ASP D 198 78.55 -40.62 -17.71
CA ASP D 198 79.29 -41.05 -16.54
C ASP D 198 79.62 -42.54 -16.66
N LYS D 199 80.78 -42.91 -16.12
CA LYS D 199 81.13 -44.32 -15.92
C LYS D 199 81.72 -44.58 -14.53
N HIS D 200 81.72 -43.59 -13.64
CA HIS D 200 82.33 -43.74 -12.32
C HIS D 200 81.40 -43.44 -11.16
N GLU D 201 80.53 -42.43 -11.29
CA GLU D 201 79.62 -42.09 -10.20
C GLU D 201 78.51 -43.13 -10.06
N VAL D 202 78.08 -43.71 -11.18
CA VAL D 202 76.92 -44.60 -11.26
C VAL D 202 77.16 -45.91 -10.52
N GLN D 203 78.22 -46.63 -10.88
CA GLN D 203 78.38 -47.99 -10.39
C GLN D 203 79.20 -48.07 -9.10
N GLU D 204 80.04 -47.06 -8.83
CA GLU D 204 80.87 -47.10 -7.64
C GLU D 204 80.18 -46.42 -6.46
N ILE D 205 79.83 -45.14 -6.61
CA ILE D 205 79.39 -44.35 -5.47
C ILE D 205 77.87 -44.47 -5.26
N LYS D 206 77.10 -44.32 -6.34
CA LYS D 206 75.64 -44.36 -6.27
C LYS D 206 75.09 -45.73 -5.89
N GLU D 207 75.73 -46.80 -6.37
CA GLU D 207 75.32 -48.15 -5.97
C GLU D 207 75.65 -48.42 -4.51
N LYS D 208 76.76 -47.85 -4.02
CA LYS D 208 77.15 -48.06 -2.63
C LYS D 208 76.25 -47.29 -1.67
N ILE D 209 75.92 -46.05 -2.01
CA ILE D 209 75.07 -45.24 -1.13
C ILE D 209 73.62 -45.70 -1.20
N LEU D 210 73.11 -45.91 -2.42
CA LEU D 210 71.68 -46.11 -2.59
C LEU D 210 71.23 -47.52 -2.19
N ASN D 211 71.73 -48.53 -2.89
CA ASN D 211 71.04 -49.82 -2.77
C ASN D 211 71.94 -50.99 -2.43
N SER D 212 73.15 -51.05 -3.00
CA SER D 212 74.01 -52.24 -3.05
C SER D 212 73.28 -53.46 -3.65
N ASP D 213 72.36 -53.20 -4.56
CA ASP D 213 71.61 -54.17 -5.33
C ASP D 213 72.33 -54.43 -6.66
N TYR D 214 71.62 -54.99 -7.63
CA TYR D 214 72.14 -55.14 -8.99
C TYR D 214 72.49 -53.80 -9.61
N ASP D 215 73.28 -53.84 -10.68
CA ASP D 215 73.85 -52.63 -11.27
C ASP D 215 72.78 -51.79 -11.95
N VAL D 216 73.04 -50.47 -11.99
CA VAL D 216 72.11 -49.53 -12.61
C VAL D 216 72.11 -49.72 -14.13
N GLU D 217 73.25 -50.08 -14.70
CA GLU D 217 73.29 -50.46 -16.11
C GLU D 217 72.55 -51.78 -16.35
N ASP D 218 72.49 -52.64 -15.33
CA ASP D 218 71.71 -53.86 -15.42
C ASP D 218 70.23 -53.65 -15.12
N PHE D 219 69.82 -52.44 -14.74
CA PHE D 219 68.42 -52.10 -14.56
C PHE D 219 67.70 -51.79 -15.86
N PHE D 220 68.36 -51.96 -17.00
CA PHE D 220 67.78 -51.75 -18.31
C PHE D 220 67.64 -53.08 -19.06
N GLU D 221 67.23 -54.11 -18.32
CA GLU D 221 67.07 -55.46 -18.85
C GLU D 221 65.76 -56.05 -18.37
N GLY D 222 65.59 -57.37 -18.54
CA GLY D 222 64.33 -58.00 -18.18
C GLY D 222 64.13 -58.16 -16.69
N GLU D 223 65.22 -58.13 -15.92
CA GLU D 223 65.11 -58.44 -14.49
C GLU D 223 64.52 -57.27 -13.70
N PHE D 224 64.67 -56.05 -14.18
CA PHE D 224 64.25 -54.88 -13.43
C PHE D 224 62.79 -54.52 -13.65
N PHE D 225 62.26 -54.79 -14.85
CA PHE D 225 60.85 -54.52 -15.11
C PHE D 225 59.93 -55.45 -14.32
N ASN D 226 60.44 -56.61 -13.92
CA ASN D 226 59.75 -57.49 -12.98
C ASN D 226 59.87 -57.02 -11.53
N PHE D 227 60.61 -55.95 -11.27
CA PHE D 227 60.88 -55.48 -9.92
C PHE D 227 60.37 -54.06 -9.69
N VAL D 228 60.31 -53.27 -10.77
CA VAL D 228 59.94 -51.87 -10.64
C VAL D 228 58.43 -51.72 -10.43
N LEU D 229 57.65 -52.75 -10.73
CA LEU D 229 56.19 -52.68 -10.62
C LEU D 229 55.70 -52.67 -9.18
N THR D 230 56.57 -52.96 -8.21
CA THR D 230 56.23 -52.81 -6.81
C THR D 230 56.36 -51.35 -6.39
N GLN D 231 55.99 -51.05 -5.15
CA GLN D 231 56.17 -49.69 -4.64
C GLN D 231 57.63 -49.39 -4.33
N GLU D 232 58.39 -50.40 -3.91
CA GLU D 232 59.81 -50.19 -3.63
C GLU D 232 60.64 -50.06 -4.89
N GLY D 233 60.19 -50.65 -6.01
CA GLY D 233 60.87 -50.41 -7.27
C GLY D 233 60.65 -49.01 -7.79
N ILE D 234 59.48 -48.44 -7.50
CA ILE D 234 59.22 -47.04 -7.84
C ILE D 234 60.03 -46.12 -6.93
N ASP D 235 60.16 -46.50 -5.64
CA ASP D 235 60.91 -45.68 -4.70
C ASP D 235 62.41 -45.71 -5.00
N VAL D 236 62.93 -46.86 -5.43
CA VAL D 236 64.34 -46.96 -5.78
C VAL D 236 64.60 -46.31 -7.13
N TYR D 237 63.74 -46.58 -8.11
CA TYR D 237 63.96 -46.07 -9.47
C TYR D 237 63.79 -44.55 -9.54
N ASN D 238 62.86 -44.01 -8.75
CA ASN D 238 62.80 -42.56 -8.60
C ASN D 238 63.74 -42.04 -7.53
N ALA D 239 64.38 -42.93 -6.77
CA ALA D 239 65.42 -42.54 -5.83
C ALA D 239 66.79 -42.45 -6.49
N ILE D 240 66.93 -42.98 -7.70
CA ILE D 240 68.19 -42.92 -8.45
C ILE D 240 68.16 -41.71 -9.39
N ILE D 241 67.13 -41.64 -10.24
CA ILE D 241 67.04 -40.59 -11.23
C ILE D 241 66.52 -39.28 -10.64
N GLY D 242 65.65 -39.33 -9.64
CA GLY D 242 65.17 -38.13 -9.00
C GLY D 242 66.01 -37.70 -7.82
N GLY D 243 66.48 -38.66 -7.04
CA GLY D 243 67.23 -38.41 -5.83
C GLY D 243 66.46 -38.79 -4.59
N PHE D 244 67.21 -38.94 -3.49
CA PHE D 244 66.62 -39.38 -2.23
C PHE D 244 67.54 -38.94 -1.11
N VAL D 245 66.96 -38.80 0.09
CA VAL D 245 67.69 -38.25 1.22
C VAL D 245 68.69 -39.26 1.79
N THR D 246 68.48 -40.56 1.53
CA THR D 246 69.33 -41.69 1.95
C THR D 246 69.50 -41.77 3.48
N GLU D 247 68.51 -41.27 4.21
CA GLU D 247 68.43 -41.29 5.69
C GLU D 247 69.68 -40.61 6.29
N SER D 248 69.96 -39.41 5.82
CA SER D 248 71.10 -38.63 6.26
C SER D 248 70.83 -37.16 5.96
N GLY D 249 71.86 -36.34 6.05
CA GLY D 249 71.76 -34.95 5.65
C GLY D 249 72.41 -34.71 4.31
N GLU D 250 72.43 -35.74 3.47
CA GLU D 250 73.09 -35.64 2.17
C GLU D 250 72.24 -34.86 1.16
N LYS D 251 70.98 -35.29 0.97
CA LYS D 251 70.04 -34.72 0.00
C LYS D 251 70.63 -34.72 -1.41
N ILE D 252 70.97 -35.91 -1.90
CA ILE D 252 71.66 -36.06 -3.18
C ILE D 252 70.65 -35.90 -4.31
N LYS D 253 71.11 -35.40 -5.45
CA LYS D 253 70.29 -35.23 -6.63
C LYS D 253 70.43 -36.46 -7.53
N GLY D 254 69.87 -36.38 -8.74
CA GLY D 254 69.82 -37.50 -9.65
C GLY D 254 70.72 -37.31 -10.86
N LEU D 255 70.32 -37.97 -11.95
CA LEU D 255 71.16 -38.00 -13.15
C LEU D 255 70.96 -36.78 -14.03
N ASN D 256 69.74 -36.22 -14.09
CA ASN D 256 69.49 -35.09 -14.97
C ASN D 256 70.12 -33.81 -14.44
N GLU D 257 70.22 -33.68 -13.11
CA GLU D 257 70.99 -32.59 -12.51
C GLU D 257 72.48 -32.77 -12.73
N TYR D 258 72.94 -34.01 -12.99
CA TYR D 258 74.31 -34.23 -13.40
C TYR D 258 74.51 -33.96 -14.89
N ILE D 259 73.45 -34.11 -15.69
CA ILE D 259 73.49 -33.64 -17.07
C ILE D 259 73.60 -32.12 -17.09
N ASN D 260 72.89 -31.45 -16.19
CA ASN D 260 73.06 -30.00 -16.03
C ASN D 260 74.44 -29.69 -15.44
N LEU D 261 74.98 -30.59 -14.62
CA LEU D 261 76.25 -30.38 -13.94
C LEU D 261 77.45 -30.81 -14.78
N TYR D 262 77.22 -31.46 -15.92
CA TYR D 262 78.33 -31.98 -16.75
C TYR D 262 79.14 -30.85 -17.39
N ASN D 263 78.46 -29.77 -17.80
CA ASN D 263 79.08 -28.54 -18.35
C ASN D 263 79.94 -28.83 -19.59
N GLN D 264 79.27 -29.32 -20.65
CA GLN D 264 79.98 -29.60 -21.90
C GLN D 264 80.23 -28.31 -22.68
N LYS D 265 79.17 -27.58 -22.99
CA LYS D 265 79.29 -26.36 -23.78
C LYS D 265 78.45 -25.21 -23.20
N THR D 266 78.01 -25.35 -21.94
CA THR D 266 77.11 -24.42 -21.23
C THR D 266 75.78 -24.30 -22.00
N LYS D 267 75.39 -25.39 -22.65
CA LYS D 267 74.05 -25.55 -23.22
C LYS D 267 73.43 -26.89 -22.89
N GLN D 268 74.23 -27.96 -22.82
CA GLN D 268 73.83 -29.30 -22.38
C GLN D 268 72.70 -29.87 -23.23
N LYS D 269 72.95 -29.93 -24.55
CA LYS D 269 72.01 -30.57 -25.45
C LYS D 269 72.16 -32.09 -25.37
N LEU D 270 71.63 -32.68 -24.29
CA LEU D 270 71.70 -34.12 -24.05
C LEU D 270 70.32 -34.59 -23.63
N PRO D 271 69.94 -35.83 -23.97
CA PRO D 271 68.61 -36.31 -23.58
C PRO D 271 68.48 -36.55 -22.08
N LYS D 272 67.25 -36.40 -21.60
CA LYS D 272 66.93 -36.60 -20.20
C LYS D 272 65.90 -37.72 -20.06
N PHE D 273 66.01 -38.47 -18.96
CA PHE D 273 65.14 -39.61 -18.75
C PHE D 273 63.77 -39.16 -18.25
N LYS D 274 62.77 -40.02 -18.48
CA LYS D 274 61.40 -39.70 -18.12
C LYS D 274 61.06 -40.29 -16.77
N PRO D 275 60.39 -39.53 -15.88
CA PRO D 275 59.97 -40.09 -14.61
C PRO D 275 58.76 -41.01 -14.79
N LEU D 276 58.76 -42.09 -14.02
CA LEU D 276 57.69 -43.08 -14.07
C LEU D 276 56.76 -42.92 -12.88
N TYR D 277 55.46 -43.11 -13.13
CA TYR D 277 54.43 -42.78 -12.15
C TYR D 277 54.38 -43.82 -11.02
N LYS D 278 53.62 -43.46 -9.99
CA LYS D 278 53.38 -44.32 -8.84
C LYS D 278 52.11 -45.14 -9.08
N GLN D 279 51.62 -45.76 -8.01
CA GLN D 279 50.38 -46.52 -8.07
C GLN D 279 49.18 -45.57 -8.23
N VAL D 280 48.04 -46.14 -8.60
CA VAL D 280 46.85 -45.32 -8.80
C VAL D 280 46.26 -44.85 -7.47
N LEU D 281 46.54 -45.57 -6.38
CA LEU D 281 46.15 -45.13 -5.04
C LEU D 281 47.34 -44.49 -4.36
N SER D 282 47.72 -43.32 -4.90
CA SER D 282 48.86 -42.50 -4.46
C SER D 282 50.18 -43.27 -4.43
N GLY D 293 41.40 -27.47 1.43
CA GLY D 293 40.63 -28.26 2.38
C GLY D 293 39.13 -28.11 2.19
N TYR D 294 38.75 -27.02 1.49
CA TYR D 294 37.35 -26.64 1.18
C TYR D 294 36.41 -26.72 2.38
N THR D 295 36.89 -26.35 3.56
CA THR D 295 36.04 -26.30 4.74
C THR D 295 36.20 -25.06 5.60
N SER D 296 37.21 -24.22 5.37
CA SER D 296 37.37 -22.98 6.13
C SER D 296 38.14 -21.99 5.28
N ASP D 297 38.02 -20.71 5.65
CA ASP D 297 38.67 -19.63 4.91
C ASP D 297 40.18 -19.69 5.09
N GLU D 298 40.64 -19.88 6.32
CA GLU D 298 42.06 -19.85 6.64
C GLU D 298 42.82 -21.05 6.09
N GLU D 299 42.14 -22.17 5.80
CA GLU D 299 42.85 -23.32 5.26
C GLU D 299 43.11 -23.16 3.77
N VAL D 300 42.10 -22.73 3.00
CA VAL D 300 42.29 -22.49 1.58
C VAL D 300 43.18 -21.27 1.37
N LEU D 301 43.06 -20.27 2.23
CA LEU D 301 43.98 -19.14 2.25
C LEU D 301 45.40 -19.59 2.57
N GLU D 302 45.54 -20.61 3.43
CA GLU D 302 46.85 -21.14 3.74
C GLU D 302 47.40 -21.97 2.58
N VAL D 303 46.52 -22.58 1.78
CA VAL D 303 46.93 -23.22 0.53
C VAL D 303 47.44 -22.18 -0.46
N PHE D 304 46.80 -21.01 -0.51
CA PHE D 304 47.34 -19.91 -1.31
C PHE D 304 48.64 -19.38 -0.73
N ARG D 305 48.85 -19.52 0.59
CA ARG D 305 50.14 -19.21 1.18
C ARG D 305 51.14 -20.36 1.06
N ASN D 306 50.75 -21.48 0.46
CA ASN D 306 51.68 -22.56 0.17
C ASN D 306 52.09 -22.64 -1.30
N THR D 307 51.16 -22.39 -2.22
CA THR D 307 51.38 -22.69 -3.63
C THR D 307 51.82 -21.47 -4.43
N LEU D 308 51.03 -20.40 -4.44
CA LEU D 308 51.23 -19.29 -5.36
C LEU D 308 51.89 -18.08 -4.71
N ASN D 309 52.84 -18.30 -3.81
CA ASN D 309 53.57 -17.21 -3.18
C ASN D 309 54.77 -16.81 -4.05
N LYS D 310 55.68 -16.01 -3.49
CA LYS D 310 56.73 -15.40 -4.28
C LYS D 310 57.85 -16.37 -4.63
N ASN D 311 58.21 -17.28 -3.72
CA ASN D 311 59.41 -18.10 -3.88
C ASN D 311 59.09 -19.57 -3.70
N SER D 312 58.06 -20.03 -4.39
CA SER D 312 57.75 -21.46 -4.39
C SER D 312 58.57 -22.18 -5.45
N GLU D 313 58.40 -23.51 -5.49
CA GLU D 313 58.91 -24.29 -6.61
C GLU D 313 58.02 -24.13 -7.85
N ILE D 314 56.79 -23.65 -7.67
CA ILE D 314 55.88 -23.46 -8.79
C ILE D 314 56.29 -22.25 -9.61
N PHE D 315 56.49 -21.10 -8.94
CA PHE D 315 56.98 -19.91 -9.61
C PHE D 315 58.40 -20.10 -10.11
N SER D 316 59.20 -20.90 -9.42
CA SER D 316 60.51 -21.29 -9.94
C SER D 316 60.39 -22.14 -11.19
N SER D 317 59.32 -22.96 -11.30
CA SER D 317 59.09 -23.71 -12.52
C SER D 317 58.59 -22.81 -13.64
N ILE D 318 57.90 -21.71 -13.29
CA ILE D 318 57.55 -20.70 -14.29
C ILE D 318 58.80 -19.99 -14.78
N LYS D 319 59.76 -19.74 -13.88
CA LYS D 319 61.04 -19.19 -14.31
C LYS D 319 61.85 -20.20 -15.12
N LYS D 320 61.64 -21.50 -14.89
CA LYS D 320 62.20 -22.52 -15.78
C LYS D 320 61.46 -22.58 -17.11
N LEU D 321 60.23 -22.08 -17.17
CA LEU D 321 59.56 -21.94 -18.46
C LEU D 321 60.11 -20.75 -19.24
N GLU D 322 60.38 -19.64 -18.55
CA GLU D 322 60.96 -18.47 -19.22
C GLU D 322 62.40 -18.75 -19.67
N LYS D 323 63.18 -19.39 -18.79
CA LYS D 323 64.50 -19.88 -19.18
C LYS D 323 64.41 -20.96 -20.25
N LEU D 324 63.30 -21.71 -20.26
CA LEU D 324 63.11 -22.74 -21.27
C LEU D 324 62.80 -22.14 -22.64
N PHE D 325 62.13 -20.99 -22.70
CA PHE D 325 61.98 -20.30 -23.97
C PHE D 325 63.21 -19.49 -24.35
N LYS D 326 64.06 -19.12 -23.37
CA LYS D 326 65.39 -18.66 -23.75
C LYS D 326 66.22 -19.77 -24.39
N ASN D 327 66.21 -20.98 -23.81
CA ASN D 327 66.80 -22.14 -24.44
C ASN D 327 66.16 -22.47 -25.78
N PHE D 328 64.86 -22.18 -25.95
CA PHE D 328 64.23 -22.25 -27.26
C PHE D 328 64.78 -21.21 -28.22
N ASP D 329 65.18 -20.03 -27.72
CA ASP D 329 65.81 -19.05 -28.59
C ASP D 329 67.20 -19.52 -29.01
N GLU D 330 67.90 -20.27 -28.16
CA GLU D 330 69.15 -20.92 -28.58
C GLU D 330 68.99 -22.41 -28.86
N TYR D 331 67.85 -22.84 -29.41
CA TYR D 331 67.68 -24.15 -30.03
C TYR D 331 67.33 -24.02 -31.50
N SER D 332 67.04 -25.17 -32.12
CA SER D 332 66.64 -25.27 -33.51
C SER D 332 65.13 -25.04 -33.65
N SER D 333 64.65 -25.12 -34.89
CA SER D 333 63.24 -24.93 -35.19
C SER D 333 62.66 -26.10 -35.97
N ALA D 334 63.22 -27.30 -35.82
CA ALA D 334 62.75 -28.48 -36.51
C ALA D 334 62.43 -29.58 -35.51
N GLY D 335 61.37 -30.33 -35.80
CA GLY D 335 60.98 -31.47 -34.99
C GLY D 335 60.01 -31.16 -33.87
N ILE D 336 59.93 -29.92 -33.42
CA ILE D 336 59.01 -29.54 -32.34
C ILE D 336 57.62 -29.45 -32.95
N PHE D 337 56.74 -30.37 -32.56
CA PHE D 337 55.40 -30.44 -33.13
C PHE D 337 54.43 -29.56 -32.37
N VAL D 338 53.35 -29.18 -33.06
CA VAL D 338 52.27 -28.39 -32.50
C VAL D 338 50.98 -29.18 -32.65
N LYS D 339 50.25 -29.35 -31.54
CA LYS D 339 48.99 -30.08 -31.58
C LYS D 339 47.94 -29.27 -32.33
N ASN D 340 47.28 -29.91 -33.29
CA ASN D 340 46.31 -29.23 -34.13
C ASN D 340 44.99 -29.10 -33.38
N GLY D 341 44.50 -27.88 -33.27
CA GLY D 341 43.21 -27.60 -32.67
C GLY D 341 42.73 -26.22 -33.05
N PRO D 342 41.97 -25.57 -32.15
CA PRO D 342 41.56 -24.19 -32.40
C PRO D 342 42.62 -23.16 -32.08
N ALA D 343 43.70 -23.55 -31.39
CA ALA D 343 44.70 -22.58 -30.95
C ALA D 343 45.80 -22.37 -31.98
N ILE D 344 45.88 -23.21 -33.02
CA ILE D 344 46.76 -22.89 -34.14
C ILE D 344 46.20 -21.69 -34.90
N SER D 345 44.89 -21.49 -34.86
CA SER D 345 44.29 -20.25 -35.33
C SER D 345 44.56 -19.10 -34.37
N THR D 346 44.71 -19.39 -33.08
CA THR D 346 45.00 -18.34 -32.12
C THR D 346 46.42 -17.80 -32.29
N ILE D 347 47.39 -18.71 -32.47
CA ILE D 347 48.75 -18.27 -32.78
C ILE D 347 48.84 -17.73 -34.21
N SER D 348 47.92 -18.13 -35.09
CA SER D 348 47.83 -17.49 -36.40
C SER D 348 47.39 -16.04 -36.27
N LYS D 349 46.49 -15.76 -35.32
CA LYS D 349 46.11 -14.39 -35.04
C LYS D 349 47.21 -13.64 -34.29
N ASP D 350 48.03 -14.36 -33.52
CA ASP D 350 49.10 -13.72 -32.77
C ASP D 350 50.23 -13.27 -33.69
N ILE D 351 50.69 -14.15 -34.57
CA ILE D 351 51.85 -13.87 -35.41
C ILE D 351 51.43 -13.29 -36.76
N PHE D 352 50.58 -14.00 -37.50
CA PHE D 352 50.20 -13.57 -38.84
C PHE D 352 48.96 -12.68 -38.76
N GLY D 353 48.35 -12.43 -39.92
CA GLY D 353 47.16 -11.60 -39.98
C GLY D 353 45.90 -12.27 -39.49
N GLU D 354 45.45 -13.32 -40.19
CA GLU D 354 44.21 -14.00 -39.80
C GLU D 354 44.45 -15.48 -39.54
N TRP D 355 43.38 -16.19 -39.19
CA TRP D 355 43.47 -17.57 -38.73
C TRP D 355 43.83 -18.52 -39.88
N ASN D 356 42.90 -18.66 -40.82
CA ASN D 356 42.90 -19.78 -41.78
C ASN D 356 43.94 -19.57 -42.87
N VAL D 357 44.58 -18.39 -42.82
CA VAL D 357 45.80 -18.06 -43.55
C VAL D 357 46.84 -19.16 -43.41
N ILE D 358 47.09 -19.64 -42.18
CA ILE D 358 48.01 -20.77 -42.04
C ILE D 358 47.43 -22.02 -42.69
N ARG D 359 46.11 -22.26 -42.48
CA ARG D 359 45.37 -23.24 -43.25
C ARG D 359 45.52 -23.03 -44.75
N ASP D 360 45.42 -21.77 -45.20
CA ASP D 360 45.62 -21.45 -46.61
C ASP D 360 47.02 -21.80 -47.07
N LYS D 361 48.03 -21.55 -46.23
CA LYS D 361 49.38 -21.95 -46.59
C LYS D 361 49.51 -23.46 -46.62
N TRP D 362 48.85 -24.16 -45.68
CA TRP D 362 48.70 -25.60 -45.79
C TRP D 362 47.98 -25.97 -47.08
N ASN D 363 46.91 -25.25 -47.39
CA ASN D 363 46.19 -25.40 -48.64
C ASN D 363 47.07 -25.12 -49.83
N ALA D 364 48.04 -24.20 -49.69
CA ALA D 364 49.01 -23.97 -50.75
C ALA D 364 49.79 -25.23 -51.07
N GLU D 365 50.29 -25.92 -50.04
CA GLU D 365 50.94 -27.20 -50.25
C GLU D 365 49.95 -28.24 -50.74
N TYR D 366 48.70 -28.12 -50.28
CA TYR D 366 47.66 -29.01 -50.77
C TYR D 366 47.32 -28.68 -52.22
N ASP D 367 47.39 -27.39 -52.59
CA ASP D 367 47.27 -27.02 -53.99
C ASP D 367 48.50 -27.39 -54.79
N ASP D 368 49.62 -27.70 -54.11
CA ASP D 368 50.76 -28.25 -54.82
C ASP D 368 50.53 -29.71 -55.17
N ILE D 369 49.60 -30.39 -54.49
CA ILE D 369 49.46 -31.82 -54.67
C ILE D 369 48.24 -32.16 -55.53
N HIS D 370 47.06 -31.79 -55.06
CA HIS D 370 45.82 -32.26 -55.69
C HIS D 370 45.24 -31.28 -56.71
N LEU D 371 45.41 -29.97 -56.50
CA LEU D 371 44.75 -28.99 -57.34
C LEU D 371 45.51 -28.82 -58.65
N LYS D 372 44.81 -29.01 -59.77
CA LYS D 372 45.37 -28.86 -61.10
C LYS D 372 44.69 -27.70 -61.82
N LYS D 373 45.00 -27.55 -63.11
CA LYS D 373 44.32 -26.59 -63.97
C LYS D 373 42.86 -27.01 -64.15
N LYS D 374 41.98 -26.01 -64.32
CA LYS D 374 40.53 -26.17 -64.39
C LYS D 374 39.99 -26.83 -63.11
N ALA D 375 40.06 -26.02 -62.05
CA ALA D 375 39.78 -26.45 -60.68
C ALA D 375 38.41 -27.10 -60.51
N VAL D 376 38.39 -28.22 -59.82
CA VAL D 376 37.21 -29.08 -59.70
C VAL D 376 36.82 -29.08 -58.22
N VAL D 377 37.07 -27.95 -57.55
CA VAL D 377 36.85 -27.83 -56.12
C VAL D 377 35.35 -27.85 -55.81
N THR D 378 34.95 -28.77 -54.94
CA THR D 378 33.59 -28.92 -54.47
C THR D 378 33.59 -28.94 -52.93
N GLU D 379 32.40 -29.10 -52.37
CA GLU D 379 32.29 -29.16 -50.92
C GLU D 379 32.80 -30.49 -50.38
N LYS D 380 32.69 -31.57 -51.16
CA LYS D 380 33.33 -32.83 -50.81
C LYS D 380 34.84 -32.70 -50.77
N TYR D 381 35.40 -31.88 -51.66
CA TYR D 381 36.83 -31.59 -51.65
C TYR D 381 37.22 -30.72 -50.47
N GLU D 382 36.30 -29.85 -50.01
CA GLU D 382 36.57 -29.01 -48.85
C GLU D 382 36.41 -29.77 -47.54
N ASP D 383 35.58 -30.82 -47.53
CA ASP D 383 35.38 -31.62 -46.34
C ASP D 383 36.44 -32.70 -46.22
N ASP D 384 36.85 -33.31 -47.34
CA ASP D 384 38.01 -34.17 -47.34
C ASP D 384 39.29 -33.36 -47.10
N ARG D 385 39.30 -32.10 -47.50
CA ARG D 385 40.41 -31.23 -47.18
C ARG D 385 40.40 -30.81 -45.71
N ARG D 386 39.22 -30.65 -45.12
CA ARG D 386 39.11 -30.31 -43.71
C ARG D 386 39.48 -31.49 -42.82
N LYS D 387 39.00 -32.68 -43.14
CA LYS D 387 39.42 -33.89 -42.44
C LYS D 387 40.84 -34.31 -42.79
N SER D 388 41.40 -33.77 -43.88
CA SER D 388 42.84 -33.92 -44.11
C SER D 388 43.63 -33.01 -43.19
N PHE D 389 43.10 -31.80 -42.96
CA PHE D 389 43.69 -30.88 -41.98
C PHE D 389 43.61 -31.46 -40.57
N LYS D 390 42.52 -32.15 -40.26
CA LYS D 390 42.47 -32.91 -39.01
C LYS D 390 43.41 -34.11 -39.06
N LYS D 391 43.59 -34.68 -40.25
CA LYS D 391 44.35 -35.92 -40.39
C LYS D 391 45.85 -35.70 -40.21
N ILE D 392 46.37 -34.52 -40.55
CA ILE D 392 47.80 -34.27 -40.39
C ILE D 392 48.17 -34.17 -38.91
N GLY D 393 47.66 -33.15 -38.22
CA GLY D 393 47.84 -32.99 -36.79
C GLY D 393 49.26 -32.75 -36.29
N SER D 394 50.25 -32.65 -37.18
CA SER D 394 51.65 -32.64 -36.78
C SER D 394 52.40 -31.50 -37.48
N PHE D 395 51.82 -30.31 -37.42
CA PHE D 395 52.49 -29.12 -37.93
C PHE D 395 53.69 -28.79 -37.07
N SER D 396 54.89 -28.91 -37.63
CA SER D 396 56.11 -28.60 -36.90
C SER D 396 56.40 -27.10 -37.03
N LEU D 397 57.56 -26.68 -36.53
CA LEU D 397 57.94 -25.27 -36.62
C LEU D 397 58.70 -24.95 -37.88
N GLU D 398 59.39 -25.93 -38.47
CA GLU D 398 59.98 -25.74 -39.79
C GLU D 398 58.90 -25.68 -40.87
N GLN D 399 57.80 -26.40 -40.67
CA GLN D 399 56.68 -26.31 -41.60
C GLN D 399 55.98 -24.96 -41.52
N LEU D 400 55.87 -24.40 -40.31
CA LEU D 400 55.36 -23.04 -40.16
C LEU D 400 56.38 -22.01 -40.65
N GLN D 401 57.66 -22.35 -40.64
CA GLN D 401 58.67 -21.47 -41.22
C GLN D 401 58.56 -21.47 -42.74
N GLU D 402 58.22 -22.62 -43.34
CA GLU D 402 57.91 -22.65 -44.77
C GLU D 402 56.57 -21.97 -45.05
N TYR D 403 55.66 -21.95 -44.07
CA TYR D 403 54.42 -21.21 -44.21
C TYR D 403 54.60 -19.72 -44.00
N ALA D 404 55.74 -19.29 -43.46
CA ALA D 404 56.00 -17.88 -43.24
C ALA D 404 56.47 -17.21 -44.53
N ASP D 405 55.93 -16.04 -44.81
CA ASP D 405 56.34 -15.26 -45.97
C ASP D 405 57.53 -14.38 -45.61
N ALA D 406 57.86 -13.43 -46.47
CA ALA D 406 58.97 -12.53 -46.20
C ALA D 406 58.62 -11.54 -45.10
N ASP D 407 59.65 -11.17 -44.31
CA ASP D 407 59.55 -10.29 -43.15
C ASP D 407 58.54 -10.81 -42.12
N LEU D 408 58.51 -12.13 -41.93
CA LEU D 408 57.65 -12.78 -40.94
C LEU D 408 58.52 -13.76 -40.16
N SER D 409 59.13 -13.28 -39.08
CA SER D 409 59.97 -14.12 -38.22
C SER D 409 59.05 -14.83 -37.22
N VAL D 410 59.06 -16.16 -37.26
CA VAL D 410 58.18 -16.94 -36.39
C VAL D 410 58.69 -16.93 -34.95
N VAL D 411 59.99 -17.18 -34.76
CA VAL D 411 60.54 -17.29 -33.42
C VAL D 411 60.66 -15.90 -32.76
N GLU D 412 60.80 -14.85 -33.55
CA GLU D 412 60.96 -13.51 -32.98
C GLU D 412 59.62 -12.88 -32.61
N LYS D 413 58.63 -12.95 -33.50
CA LYS D 413 57.29 -12.45 -33.17
C LYS D 413 56.63 -13.34 -32.14
N LEU D 414 56.85 -14.65 -32.24
CA LEU D 414 56.43 -15.60 -31.22
C LEU D 414 57.02 -15.28 -29.86
N LYS D 415 58.32 -14.99 -29.83
CA LYS D 415 58.99 -14.70 -28.56
C LYS D 415 58.53 -13.37 -27.98
N GLU D 416 58.37 -12.35 -28.84
CA GLU D 416 57.92 -11.06 -28.35
C GLU D 416 56.48 -11.09 -27.84
N ILE D 417 55.62 -11.89 -28.46
CA ILE D 417 54.23 -11.93 -27.99
C ILE D 417 54.06 -12.89 -26.81
N ILE D 418 54.95 -13.87 -26.65
CA ILE D 418 54.85 -14.69 -25.44
C ILE D 418 55.48 -13.97 -24.25
N ILE D 419 56.47 -13.10 -24.49
CA ILE D 419 56.94 -12.20 -23.43
C ILE D 419 55.91 -11.11 -23.18
N GLN D 420 55.08 -10.79 -24.17
CA GLN D 420 53.93 -9.92 -23.93
C GLN D 420 52.90 -10.60 -23.03
N LYS D 421 52.69 -11.91 -23.23
CA LYS D 421 51.72 -12.64 -22.40
C LYS D 421 52.21 -12.83 -20.97
N VAL D 422 53.44 -13.33 -20.80
CA VAL D 422 53.95 -13.52 -19.44
C VAL D 422 54.35 -12.20 -18.80
N ASP D 423 54.47 -11.14 -19.60
CA ASP D 423 54.64 -9.80 -19.05
C ASP D 423 53.30 -9.23 -18.59
N GLU D 424 52.20 -9.63 -19.22
CA GLU D 424 50.88 -9.31 -18.67
C GLU D 424 50.62 -10.11 -17.40
N ILE D 425 51.13 -11.34 -17.34
CA ILE D 425 51.06 -12.13 -16.11
C ILE D 425 51.93 -11.50 -15.03
N TYR D 426 53.08 -10.95 -15.41
CA TYR D 426 53.88 -10.15 -14.49
C TYR D 426 53.19 -8.85 -14.09
N LYS D 427 52.31 -8.32 -14.94
CA LYS D 427 51.54 -7.14 -14.56
C LYS D 427 50.47 -7.50 -13.54
N VAL D 428 49.90 -8.70 -13.65
CA VAL D 428 48.99 -9.19 -12.62
C VAL D 428 49.76 -9.46 -11.33
N TYR D 429 51.01 -9.95 -11.44
CA TYR D 429 51.82 -10.23 -10.27
C TYR D 429 52.31 -8.96 -9.60
N GLY D 430 52.42 -7.86 -10.36
CA GLY D 430 52.87 -6.61 -9.78
C GLY D 430 51.88 -5.99 -8.81
N SER D 431 50.58 -6.19 -9.06
CA SER D 431 49.56 -5.78 -8.11
C SER D 431 49.28 -6.83 -7.05
N SER D 432 49.95 -7.98 -7.11
CA SER D 432 49.71 -9.09 -6.20
C SER D 432 50.77 -9.22 -5.13
N GLU D 433 51.78 -8.33 -5.11
CA GLU D 433 52.90 -8.48 -4.20
C GLU D 433 52.53 -8.03 -2.78
N LYS D 434 51.74 -6.96 -2.67
CA LYS D 434 51.42 -6.37 -1.38
C LYS D 434 50.19 -7.00 -0.71
N LEU D 435 49.82 -8.21 -1.12
CA LEU D 435 48.64 -8.84 -0.54
C LEU D 435 48.96 -9.57 0.76
N PHE D 436 50.02 -10.37 0.77
CA PHE D 436 50.30 -11.33 1.84
C PHE D 436 51.75 -11.21 2.32
N ASP D 437 52.17 -9.98 2.62
CA ASP D 437 53.57 -9.71 2.89
C ASP D 437 54.00 -10.22 4.28
N ALA D 438 53.48 -9.60 5.35
CA ALA D 438 54.00 -9.86 6.69
C ALA D 438 53.00 -10.51 7.63
N ASP D 439 51.86 -9.89 7.86
CA ASP D 439 50.91 -10.33 8.90
C ASP D 439 49.52 -10.48 8.31
N PHE D 440 49.44 -11.18 7.18
CA PHE D 440 48.17 -11.34 6.47
C PHE D 440 47.29 -12.36 7.20
N VAL D 441 46.54 -11.85 8.16
CA VAL D 441 45.41 -12.56 8.75
C VAL D 441 44.20 -11.67 8.49
N LEU D 442 43.45 -11.99 7.44
CA LEU D 442 42.37 -11.11 6.98
C LEU D 442 41.18 -11.24 7.94
N GLU D 443 40.90 -10.15 8.67
CA GLU D 443 39.94 -10.21 9.77
C GLU D 443 38.50 -10.28 9.26
N LYS D 444 38.25 -9.85 8.03
CA LYS D 444 36.93 -10.00 7.45
C LYS D 444 36.75 -11.43 6.91
N SER D 445 35.61 -11.66 6.28
CA SER D 445 35.38 -12.94 5.63
C SER D 445 35.97 -12.93 4.23
N LEU D 446 36.43 -14.11 3.79
CA LEU D 446 36.88 -14.26 2.42
C LEU D 446 35.72 -14.15 1.45
N LYS D 447 34.53 -14.56 1.87
CA LYS D 447 33.32 -14.45 1.07
C LYS D 447 32.72 -13.05 1.09
N LYS D 448 33.28 -12.14 1.89
CA LYS D 448 32.78 -10.79 2.03
C LYS D 448 33.62 -9.77 1.28
N ASN D 449 34.94 -9.89 1.33
CA ASN D 449 35.81 -8.95 0.64
C ASN D 449 35.75 -9.20 -0.87
N ASP D 450 35.98 -8.14 -1.64
CA ASP D 450 35.75 -8.14 -3.08
C ASP D 450 37.04 -8.03 -3.88
N ALA D 451 37.99 -7.20 -3.43
CA ALA D 451 39.19 -6.92 -4.22
C ALA D 451 40.15 -8.10 -4.25
N VAL D 452 40.27 -8.83 -3.15
CA VAL D 452 41.19 -9.97 -3.07
C VAL D 452 40.71 -11.09 -3.99
N VAL D 453 39.40 -11.27 -4.09
CA VAL D 453 38.82 -12.25 -5.01
C VAL D 453 39.07 -11.82 -6.46
N ALA D 454 39.14 -10.52 -6.72
CA ALA D 454 39.50 -10.06 -8.07
C ALA D 454 40.98 -10.32 -8.37
N ILE D 455 41.84 -10.17 -7.35
CA ILE D 455 43.27 -10.43 -7.54
C ILE D 455 43.52 -11.91 -7.82
N MET D 456 42.95 -12.79 -6.99
CA MET D 456 43.15 -14.22 -7.20
C MET D 456 42.40 -14.70 -8.45
N LYS D 457 41.30 -14.06 -8.80
CA LYS D 457 40.57 -14.45 -10.01
C LYS D 457 41.36 -14.10 -11.27
N ASP D 458 41.85 -12.86 -11.37
CA ASP D 458 42.66 -12.47 -12.53
C ASP D 458 43.97 -13.24 -12.58
N LEU D 459 44.52 -13.58 -11.42
CA LEU D 459 45.73 -14.40 -11.36
C LEU D 459 45.48 -15.79 -11.92
N LEU D 460 44.43 -16.46 -11.44
CA LEU D 460 44.14 -17.82 -11.90
C LEU D 460 43.61 -17.85 -13.33
N ASP D 461 43.05 -16.73 -13.82
CA ASP D 461 42.64 -16.68 -15.22
C ASP D 461 43.84 -16.47 -16.14
N SER D 462 44.81 -15.68 -15.72
CA SER D 462 46.03 -15.52 -16.51
C SER D 462 46.84 -16.81 -16.53
N VAL D 463 47.00 -17.44 -15.36
CA VAL D 463 47.77 -18.67 -15.25
C VAL D 463 47.04 -19.82 -15.95
N LYS D 464 45.71 -19.87 -15.84
CA LYS D 464 44.96 -20.96 -16.46
C LYS D 464 44.87 -20.79 -17.98
N SER D 465 44.73 -19.54 -18.45
CA SER D 465 44.77 -19.30 -19.88
C SER D 465 46.14 -19.59 -20.48
N PHE D 466 47.20 -19.28 -19.73
CA PHE D 466 48.54 -19.69 -20.16
C PHE D 466 48.71 -21.20 -20.11
N GLU D 467 47.96 -21.86 -19.23
CA GLU D 467 47.98 -23.32 -19.18
C GLU D 467 47.29 -23.93 -20.39
N ASN D 468 46.19 -23.32 -20.85
CA ASN D 468 45.57 -23.74 -22.10
C ASN D 468 46.47 -23.47 -23.30
N TYR D 469 47.24 -22.40 -23.27
CA TYR D 469 48.19 -22.08 -24.34
C TYR D 469 49.36 -23.06 -24.39
N ILE D 470 49.94 -23.39 -23.24
CA ILE D 470 51.06 -24.33 -23.20
C ILE D 470 50.61 -25.77 -23.37
N LYS D 471 49.35 -26.11 -23.04
CA LYS D 471 48.87 -27.43 -23.43
C LYS D 471 48.44 -27.45 -24.88
N ALA D 472 48.29 -26.29 -25.51
CA ALA D 472 48.21 -26.22 -26.96
C ALA D 472 49.59 -26.22 -27.61
N PHE D 473 50.67 -26.11 -26.84
CA PHE D 473 52.01 -26.37 -27.37
C PHE D 473 52.48 -27.82 -27.23
N PHE D 474 51.58 -28.78 -27.04
CA PHE D 474 51.98 -30.17 -27.20
C PHE D 474 52.02 -30.58 -28.65
N GLY D 475 52.45 -31.81 -28.88
CA GLY D 475 52.41 -32.45 -30.18
C GLY D 475 51.47 -33.64 -30.18
N GLU D 476 51.85 -34.67 -30.93
CA GLU D 476 51.08 -35.91 -30.99
C GLU D 476 51.60 -36.98 -30.05
N GLY D 477 52.91 -37.03 -29.78
CA GLY D 477 53.46 -38.03 -28.87
C GLY D 477 53.72 -39.37 -29.53
N LYS D 478 54.78 -40.05 -29.07
CA LYS D 478 55.27 -41.33 -29.63
C LYS D 478 55.55 -41.20 -31.13
N GLU D 479 56.12 -40.07 -31.50
CA GLU D 479 56.39 -39.69 -32.88
C GLU D 479 57.88 -39.89 -33.19
N THR D 480 58.31 -39.34 -34.32
CA THR D 480 59.68 -39.45 -34.79
C THR D 480 60.64 -38.54 -34.02
N ASN D 481 61.83 -38.29 -34.58
CA ASN D 481 62.91 -37.54 -33.95
C ASN D 481 62.53 -36.16 -33.41
N ARG D 482 62.54 -36.05 -32.09
CA ARG D 482 62.01 -34.91 -31.36
C ARG D 482 63.06 -34.40 -30.39
N ASP D 483 62.92 -33.14 -29.97
CA ASP D 483 63.94 -32.45 -29.18
C ASP D 483 64.06 -33.07 -27.80
N GLU D 484 65.24 -32.94 -27.17
CA GLU D 484 65.56 -33.79 -26.04
C GLU D 484 65.74 -33.09 -24.71
N SER D 485 65.65 -31.76 -24.63
CA SER D 485 65.82 -31.08 -23.36
C SER D 485 64.68 -30.10 -23.11
N PHE D 486 63.97 -29.74 -24.18
CA PHE D 486 62.79 -28.88 -24.04
C PHE D 486 61.65 -29.63 -23.38
N TYR D 487 61.43 -30.87 -23.81
CA TYR D 487 60.24 -31.62 -23.40
C TYR D 487 60.30 -32.12 -21.96
N GLY D 488 61.49 -32.20 -21.36
CA GLY D 488 61.60 -32.61 -19.98
C GLY D 488 60.99 -31.61 -19.01
N ASP D 489 61.54 -30.39 -18.99
CA ASP D 489 60.98 -29.34 -18.15
C ASP D 489 59.63 -28.86 -18.68
N PHE D 490 59.36 -29.10 -19.98
CA PHE D 490 58.04 -28.83 -20.54
C PHE D 490 56.98 -29.70 -19.88
N VAL D 491 57.23 -31.02 -19.78
CA VAL D 491 56.25 -31.92 -19.19
C VAL D 491 56.21 -31.76 -17.67
N LEU D 492 57.37 -31.56 -17.02
CA LEU D 492 57.41 -31.43 -15.57
C LEU D 492 56.73 -30.13 -15.10
N ALA D 493 57.12 -29.00 -15.67
CA ALA D 493 56.45 -27.73 -15.38
C ALA D 493 55.01 -27.72 -15.84
N TYR D 494 54.68 -28.51 -16.88
CA TYR D 494 53.28 -28.72 -17.23
C TYR D 494 52.51 -29.43 -16.13
N ASP D 495 53.15 -30.40 -15.46
CA ASP D 495 52.47 -31.14 -14.40
C ASP D 495 52.32 -30.30 -13.13
N ILE D 496 53.32 -29.46 -12.84
CA ILE D 496 53.20 -28.49 -11.75
C ILE D 496 52.08 -27.49 -12.06
N LEU D 497 51.96 -27.10 -13.32
CA LEU D 497 50.89 -26.19 -13.72
C LEU D 497 49.53 -26.89 -13.69
N LEU D 498 49.52 -28.22 -13.83
CA LEU D 498 48.27 -28.94 -13.62
C LEU D 498 47.95 -29.04 -12.13
N LYS D 499 48.97 -29.02 -11.27
CA LYS D 499 48.72 -28.96 -9.84
C LYS D 499 48.10 -27.63 -9.43
N VAL D 500 48.55 -26.51 -10.01
CA VAL D 500 47.84 -25.27 -9.70
C VAL D 500 46.52 -25.17 -10.46
N ASP D 501 46.30 -25.99 -11.48
CA ASP D 501 44.95 -26.17 -12.00
C ASP D 501 44.05 -26.84 -10.96
N HIS D 502 44.60 -27.81 -10.19
CA HIS D 502 43.85 -28.35 -9.06
C HIS D 502 43.64 -27.31 -7.96
N ILE D 503 44.58 -26.36 -7.80
CA ILE D 503 44.36 -25.28 -6.84
C ILE D 503 43.23 -24.37 -7.29
N TYR D 504 43.15 -24.10 -8.60
CA TYR D 504 42.00 -23.39 -9.16
C TYR D 504 40.70 -24.16 -8.93
N ASP D 505 40.75 -25.48 -9.02
CA ASP D 505 39.56 -26.30 -8.76
C ASP D 505 39.12 -26.18 -7.30
N ALA D 506 40.08 -26.16 -6.37
CA ALA D 506 39.74 -26.11 -4.95
C ALA D 506 39.19 -24.75 -4.56
N ILE D 507 39.81 -23.67 -5.05
CA ILE D 507 39.36 -22.32 -4.70
C ILE D 507 38.02 -22.03 -5.36
N ARG D 508 37.87 -22.39 -6.64
CA ARG D 508 36.61 -22.13 -7.33
C ARG D 508 35.48 -22.99 -6.78
N ASN D 509 35.79 -24.18 -6.29
CA ASN D 509 34.77 -24.97 -5.60
C ASN D 509 34.54 -24.52 -4.17
N TYR D 510 35.42 -23.69 -3.60
CA TYR D 510 35.20 -23.20 -2.24
C TYR D 510 34.41 -21.89 -2.19
N VAL D 511 34.80 -20.90 -3.00
CA VAL D 511 34.30 -19.53 -2.85
C VAL D 511 32.80 -19.42 -3.14
N THR D 512 32.27 -20.25 -4.05
CA THR D 512 30.85 -20.20 -4.40
C THR D 512 30.00 -21.10 -3.51
N GLN D 513 30.42 -21.31 -2.26
CA GLN D 513 29.63 -22.11 -1.32
C GLN D 513 28.38 -21.35 -0.91
N LYS D 514 27.24 -22.04 -0.94
CA LYS D 514 26.00 -21.42 -0.52
C LYS D 514 25.94 -21.34 1.00
N PRO D 515 25.24 -20.34 1.57
CA PRO D 515 25.18 -20.21 3.02
C PRO D 515 24.24 -21.19 3.73
N TYR D 516 23.68 -22.16 3.01
CA TYR D 516 22.88 -23.23 3.61
C TYR D 516 23.37 -24.56 3.06
N SER D 517 23.59 -25.51 3.96
CA SER D 517 24.17 -26.79 3.61
C SER D 517 23.10 -27.88 3.55
N LYS D 518 23.29 -28.83 2.65
CA LYS D 518 22.34 -29.92 2.43
C LYS D 518 23.00 -31.24 2.85
N ASP D 519 22.52 -31.81 3.95
CA ASP D 519 23.00 -33.09 4.45
C ASP D 519 21.81 -34.01 4.66
N LYS D 520 21.66 -34.99 3.78
CA LYS D 520 20.62 -36.00 3.88
C LYS D 520 21.25 -37.35 4.15
N PHE D 521 20.53 -38.22 4.87
CA PHE D 521 21.01 -39.57 5.08
C PHE D 521 19.83 -40.51 5.29
N LYS D 522 19.91 -41.71 4.72
CA LYS D 522 18.84 -42.68 4.83
C LYS D 522 18.81 -43.32 6.21
N LEU D 523 17.61 -43.43 6.78
CA LEU D 523 17.37 -44.13 8.03
C LEU D 523 17.09 -45.59 7.77
N TYR D 524 17.31 -46.42 8.80
CA TYR D 524 17.07 -47.85 8.71
C TYR D 524 16.19 -48.39 9.82
N PHE D 525 16.25 -47.77 11.02
CA PHE D 525 15.56 -48.22 12.24
C PHE D 525 15.90 -49.67 12.59
N GLN D 526 17.20 -49.98 12.49
CA GLN D 526 17.81 -51.24 12.93
C GLN D 526 17.23 -52.46 12.22
N ASN D 527 16.78 -52.28 10.97
CA ASN D 527 16.33 -53.38 10.12
C ASN D 527 17.13 -53.32 8.83
N PRO D 528 17.96 -54.33 8.53
CA PRO D 528 18.52 -54.42 7.18
C PRO D 528 17.60 -55.12 6.19
N GLN D 529 16.29 -54.87 6.28
CA GLN D 529 15.29 -55.37 5.35
C GLN D 529 14.19 -54.33 5.10
N PHE D 530 14.53 -53.05 5.20
CA PHE D 530 13.53 -51.98 5.36
C PHE D 530 12.77 -51.75 4.06
N MET D 531 11.56 -52.32 4.00
CA MET D 531 10.53 -52.15 2.95
C MET D 531 11.10 -52.28 1.53
N GLY D 532 11.92 -53.31 1.32
CA GLY D 532 12.48 -53.58 0.01
C GLY D 532 11.46 -54.00 -1.04
N GLY D 533 10.32 -54.52 -0.61
CA GLY D 533 9.21 -54.77 -1.51
C GLY D 533 8.01 -53.94 -1.11
N TRP D 534 6.80 -54.40 -1.44
CA TRP D 534 5.58 -53.68 -1.06
C TRP D 534 4.58 -54.69 -0.50
N ASP D 535 4.72 -54.99 0.79
CA ASP D 535 3.91 -55.97 1.54
C ASP D 535 3.87 -57.33 0.82
N LYS D 536 5.05 -57.94 0.72
CA LYS D 536 5.17 -59.26 0.11
C LYS D 536 4.80 -60.36 1.09
N ASP D 537 5.14 -61.61 0.73
CA ASP D 537 4.82 -62.76 1.57
C ASP D 537 5.59 -62.80 2.89
N LYS D 538 6.64 -62.00 3.04
CA LYS D 538 7.34 -61.91 4.30
C LYS D 538 6.47 -61.23 5.36
N GLU D 539 6.06 -59.98 5.08
CA GLU D 539 5.02 -59.20 5.76
C GLU D 539 5.43 -58.73 7.17
N THR D 540 6.53 -59.27 7.71
CA THR D 540 7.05 -58.83 8.99
C THR D 540 8.53 -58.44 8.92
N ASP D 541 9.22 -58.71 7.82
CA ASP D 541 10.58 -58.26 7.63
C ASP D 541 10.66 -56.83 7.11
N TYR D 542 9.58 -56.34 6.49
CA TYR D 542 9.58 -54.99 5.94
C TYR D 542 9.17 -53.95 6.98
N ARG D 543 8.38 -54.37 7.99
CA ARG D 543 7.87 -53.62 9.14
C ARG D 543 7.35 -52.22 8.83
N ALA D 544 6.77 -52.03 7.64
CA ALA D 544 6.27 -50.73 7.22
C ALA D 544 5.21 -50.91 6.15
N THR D 545 4.16 -50.09 6.21
CA THR D 545 3.10 -50.11 5.22
C THR D 545 2.53 -48.71 5.07
N ILE D 546 1.81 -48.49 3.96
CA ILE D 546 1.27 -47.19 3.63
C ILE D 546 -0.14 -47.09 4.17
N LEU D 547 -0.34 -46.22 5.15
CA LEU D 547 -1.66 -45.88 5.64
C LEU D 547 -2.14 -44.59 4.97
N ARG D 548 -3.44 -44.46 4.79
CA ARG D 548 -4.02 -43.31 4.14
C ARG D 548 -5.15 -42.73 4.98
N TYR D 549 -5.27 -41.40 4.95
CA TYR D 549 -6.41 -40.73 5.58
C TYR D 549 -6.67 -39.43 4.82
N GLY D 550 -7.61 -39.51 3.87
CA GLY D 550 -8.04 -38.32 3.13
C GLY D 550 -6.94 -37.77 2.25
N SER D 551 -6.58 -36.52 2.50
CA SER D 551 -5.46 -35.86 1.82
C SER D 551 -4.17 -35.91 2.63
N LYS D 552 -4.10 -36.79 3.64
CA LYS D 552 -2.93 -36.91 4.48
C LYS D 552 -2.50 -38.37 4.51
N TYR D 553 -1.25 -38.65 4.14
CA TYR D 553 -0.80 -40.04 4.18
C TYR D 553 0.05 -40.27 5.42
N TYR D 554 0.10 -41.52 5.86
CA TYR D 554 0.71 -41.87 7.14
C TYR D 554 1.49 -43.17 6.97
N LEU D 555 2.82 -43.04 6.94
CA LEU D 555 3.70 -44.21 6.89
C LEU D 555 3.69 -44.92 8.24
N ALA D 556 3.50 -46.23 8.20
CA ALA D 556 3.45 -47.07 9.40
C ALA D 556 4.74 -47.87 9.47
N ILE D 557 5.64 -47.47 10.37
CA ILE D 557 6.85 -48.21 10.68
C ILE D 557 6.62 -48.93 12.00
N MET D 558 6.77 -50.26 11.98
CA MET D 558 6.51 -51.10 13.13
C MET D 558 7.82 -51.46 13.83
N ASP D 559 7.84 -51.35 15.15
CA ASP D 559 8.97 -51.84 15.92
C ASP D 559 8.87 -53.36 16.05
N LYS D 560 10.02 -54.04 15.95
CA LYS D 560 10.02 -55.49 15.84
C LYS D 560 9.68 -56.19 17.15
N LYS D 561 9.79 -55.48 18.27
CA LYS D 561 9.41 -56.07 19.55
C LYS D 561 7.89 -56.22 19.70
N TYR D 562 7.12 -55.49 18.91
CA TYR D 562 5.66 -55.59 18.94
C TYR D 562 5.04 -56.02 17.63
N ALA D 563 5.79 -55.97 16.52
CA ALA D 563 5.24 -56.32 15.21
C ALA D 563 4.96 -57.81 15.06
N LYS D 564 5.53 -58.65 15.92
CA LYS D 564 5.29 -60.09 15.86
C LYS D 564 3.87 -60.44 16.29
N CYS D 565 3.24 -59.57 17.08
CA CYS D 565 1.86 -59.77 17.54
C CYS D 565 1.06 -58.49 17.38
N LEU D 566 1.38 -57.71 16.34
CA LEU D 566 0.66 -56.47 16.08
C LEU D 566 -0.52 -56.67 15.15
N GLN D 567 -0.59 -57.80 14.44
CA GLN D 567 -1.63 -58.05 13.45
C GLN D 567 -2.95 -58.35 14.18
N LYS D 568 -3.59 -57.27 14.61
CA LYS D 568 -4.96 -57.29 15.16
C LYS D 568 -5.72 -56.15 14.48
N ILE D 569 -6.24 -56.43 13.30
CA ILE D 569 -6.80 -55.42 12.41
C ILE D 569 -8.31 -55.56 12.46
N ASP D 570 -8.97 -54.69 13.21
CA ASP D 570 -10.43 -54.66 13.28
C ASP D 570 -10.96 -53.48 12.48
N LYS D 571 -12.07 -53.70 11.78
CA LYS D 571 -12.71 -52.61 11.04
C LYS D 571 -13.36 -51.61 11.99
N ASP D 572 -13.99 -52.13 13.06
CA ASP D 572 -14.52 -51.44 14.24
C ASP D 572 -15.79 -50.64 13.95
N ASP D 573 -16.13 -50.46 12.67
CA ASP D 573 -17.42 -49.96 12.18
C ASP D 573 -17.80 -48.58 12.73
N VAL D 574 -16.85 -47.74 13.11
CA VAL D 574 -17.21 -46.43 13.65
C VAL D 574 -16.60 -45.31 12.81
N ASN D 575 -15.28 -45.22 12.78
CA ASN D 575 -14.58 -44.09 12.17
C ASN D 575 -13.11 -44.46 12.08
N GLY D 576 -12.39 -43.72 11.22
CA GLY D 576 -10.95 -43.88 11.09
C GLY D 576 -10.53 -45.15 10.38
N ASN D 577 -10.84 -45.23 9.09
CA ASN D 577 -10.46 -46.38 8.26
C ASN D 577 -9.10 -46.09 7.64
N TYR D 578 -8.05 -46.58 8.27
CA TYR D 578 -6.68 -46.46 7.76
C TYR D 578 -6.42 -47.68 6.88
N GLU D 579 -6.65 -47.52 5.58
CA GLU D 579 -6.55 -48.62 4.63
C GLU D 579 -5.09 -48.95 4.37
N LYS D 580 -4.67 -50.15 4.72
CA LYS D 580 -3.31 -50.60 4.44
C LYS D 580 -3.21 -51.18 3.04
N ILE D 581 -2.00 -51.12 2.48
CA ILE D 581 -1.75 -51.53 1.11
C ILE D 581 -1.32 -52.99 1.10
N ASN D 582 -1.75 -53.74 0.09
CA ASN D 582 -1.44 -55.15 -0.03
C ASN D 582 -1.61 -55.53 -1.51
N TYR D 583 -1.63 -56.85 -1.80
CA TYR D 583 -1.74 -57.44 -3.14
C TYR D 583 -0.62 -56.97 -4.06
N LYS D 584 0.60 -57.33 -3.67
CA LYS D 584 1.81 -56.99 -4.41
C LYS D 584 1.87 -57.66 -5.78
N VAL D 680 -2.38 -54.72 -6.00
CA VAL D 680 -2.40 -53.44 -5.31
C VAL D 680 -3.83 -53.14 -4.86
N SER D 681 -4.08 -53.33 -3.57
CA SER D 681 -5.40 -53.05 -3.02
C SER D 681 -5.26 -52.67 -1.55
N PHE D 682 -6.40 -52.49 -0.89
CA PHE D 682 -6.43 -51.92 0.46
C PHE D 682 -7.22 -52.83 1.40
N GLU D 683 -6.91 -52.70 2.69
CA GLU D 683 -7.63 -53.40 3.75
C GLU D 683 -7.90 -52.42 4.87
N SER D 684 -9.17 -52.28 5.25
CA SER D 684 -9.56 -51.29 6.24
C SER D 684 -9.09 -51.69 7.64
N ALA D 685 -9.09 -50.71 8.55
CA ALA D 685 -8.62 -50.91 9.91
C ALA D 685 -9.34 -49.92 10.82
N SER D 686 -8.86 -49.81 12.05
CA SER D 686 -9.45 -48.94 13.07
C SER D 686 -8.56 -47.72 13.30
N LYS D 687 -8.97 -46.87 14.24
CA LYS D 687 -8.29 -45.62 14.51
C LYS D 687 -7.68 -45.57 15.91
N LYS D 688 -8.47 -45.85 16.95
CA LYS D 688 -8.00 -45.68 18.32
C LYS D 688 -7.03 -46.77 18.77
N GLU D 689 -6.98 -47.90 18.05
CA GLU D 689 -5.99 -48.93 18.38
C GLU D 689 -4.58 -48.45 18.06
N VAL D 690 -4.36 -47.96 16.84
CA VAL D 690 -3.04 -47.46 16.47
C VAL D 690 -2.77 -46.11 17.14
N ASP D 691 -3.80 -45.39 17.57
CA ASP D 691 -3.58 -44.23 18.42
C ASP D 691 -3.07 -44.63 19.79
N LYS D 692 -3.56 -45.77 20.32
CA LYS D 692 -3.00 -46.33 21.54
C LYS D 692 -1.57 -46.81 21.33
N LEU D 693 -1.29 -47.36 20.15
CA LEU D 693 0.06 -47.85 19.85
C LEU D 693 1.06 -46.69 19.74
N VAL D 694 0.66 -45.59 19.10
CA VAL D 694 1.56 -44.44 18.97
C VAL D 694 1.70 -43.73 20.31
N GLU D 695 0.57 -43.49 20.99
CA GLU D 695 0.64 -42.75 22.26
C GLU D 695 1.23 -43.57 23.41
N GLU D 696 1.37 -44.89 23.26
CA GLU D 696 2.16 -45.66 24.21
C GLU D 696 3.57 -45.96 23.74
N GLY D 697 3.86 -45.82 22.45
CA GLY D 697 5.21 -46.01 21.97
C GLY D 697 5.44 -47.36 21.33
N LYS D 698 4.49 -47.80 20.51
CA LYS D 698 4.57 -49.11 19.87
C LYS D 698 4.51 -49.05 18.35
N LEU D 699 4.24 -47.88 17.77
CA LEU D 699 4.10 -47.74 16.33
C LEU D 699 4.58 -46.35 15.93
N TYR D 700 5.12 -46.24 14.72
CA TYR D 700 5.56 -44.96 14.17
C TYR D 700 4.73 -44.64 12.94
N MET D 701 4.27 -43.39 12.85
CA MET D 701 3.44 -42.93 11.73
C MET D 701 3.99 -41.59 11.25
N PHE D 702 4.67 -41.59 10.12
CA PHE D 702 5.28 -40.39 9.56
C PHE D 702 4.45 -39.90 8.38
N GLN D 703 3.98 -38.65 8.46
CA GLN D 703 3.04 -38.13 7.48
C GLN D 703 3.74 -37.85 6.15
N ILE D 704 3.21 -38.47 5.09
CA ILE D 704 3.54 -38.12 3.71
C ILE D 704 2.57 -37.04 3.26
N TYR D 705 3.13 -35.96 2.71
CA TYR D 705 2.50 -34.66 2.47
C TYR D 705 3.49 -33.80 1.69
N ASN D 706 2.95 -32.83 0.96
CA ASN D 706 3.76 -31.79 0.33
C ASN D 706 2.93 -30.51 0.27
N LYS D 707 3.33 -29.58 -0.61
CA LYS D 707 2.59 -28.33 -0.77
C LYS D 707 1.21 -28.58 -1.40
N ASP D 708 1.09 -29.62 -2.23
CA ASP D 708 -0.09 -29.80 -3.05
C ASP D 708 -1.21 -30.59 -2.40
N PHE D 709 -0.97 -31.22 -1.26
CA PHE D 709 -2.07 -31.81 -0.49
C PHE D 709 -2.69 -30.84 0.51
N SER D 710 -2.34 -29.56 0.42
CA SER D 710 -2.85 -28.58 1.38
C SER D 710 -4.30 -28.23 1.08
N ASP D 711 -5.07 -28.00 2.15
CA ASP D 711 -6.41 -27.47 1.98
C ASP D 711 -6.36 -26.01 1.55
N LYS D 712 -5.35 -25.27 2.00
CA LYS D 712 -5.17 -23.87 1.64
C LYS D 712 -4.44 -23.79 0.28
N SER D 713 -5.18 -24.15 -0.77
CA SER D 713 -4.64 -24.15 -2.11
C SER D 713 -5.79 -24.03 -3.10
N HIS D 714 -5.51 -23.39 -4.24
CA HIS D 714 -6.54 -23.19 -5.26
C HIS D 714 -6.03 -23.40 -6.68
N GLY D 715 -4.77 -23.84 -6.86
CA GLY D 715 -4.16 -23.91 -8.16
C GLY D 715 -3.85 -25.33 -8.59
N THR D 716 -3.22 -25.43 -9.76
CA THR D 716 -2.88 -26.71 -10.34
C THR D 716 -1.66 -27.29 -9.63
N PRO D 717 -1.68 -28.56 -9.20
CA PRO D 717 -0.53 -29.13 -8.48
C PRO D 717 0.67 -29.43 -9.38
N ASN D 718 1.69 -30.06 -8.80
CA ASN D 718 2.93 -30.35 -9.50
C ASN D 718 2.77 -31.58 -10.39
N LEU D 719 3.90 -32.14 -10.83
CA LEU D 719 3.89 -33.34 -11.66
C LEU D 719 4.08 -34.62 -10.86
N HIS D 720 4.91 -34.59 -9.82
CA HIS D 720 5.10 -35.76 -8.97
C HIS D 720 3.85 -36.06 -8.15
N THR D 721 3.12 -35.02 -7.76
CA THR D 721 1.86 -35.22 -7.03
C THR D 721 0.80 -35.85 -7.93
N MET D 722 0.75 -35.45 -9.20
CA MET D 722 -0.15 -36.11 -10.13
C MET D 722 0.34 -37.50 -10.53
N TYR D 723 1.64 -37.77 -10.39
CA TYR D 723 2.10 -39.16 -10.47
C TYR D 723 1.59 -39.97 -9.29
N PHE D 724 1.53 -39.35 -8.11
CA PHE D 724 1.20 -40.09 -6.90
C PHE D 724 -0.30 -40.27 -6.71
N LYS D 725 -1.12 -39.34 -7.24
CA LYS D 725 -2.57 -39.47 -7.10
C LYS D 725 -3.11 -40.54 -8.05
N LEU D 726 -2.56 -40.62 -9.26
CA LEU D 726 -2.97 -41.65 -10.21
C LEU D 726 -2.30 -43.00 -9.94
N LEU D 727 -1.44 -43.06 -8.92
CA LEU D 727 -0.84 -44.33 -8.52
C LEU D 727 -1.86 -45.24 -7.83
N PHE D 728 -2.56 -44.71 -6.82
CA PHE D 728 -3.51 -45.48 -6.05
C PHE D 728 -4.94 -45.35 -6.57
N ASP D 729 -5.12 -44.93 -7.82
CA ASP D 729 -6.44 -44.70 -8.37
C ASP D 729 -7.08 -46.04 -8.75
N GLU D 730 -8.41 -46.01 -8.99
CA GLU D 730 -9.18 -47.23 -9.23
C GLU D 730 -8.81 -47.88 -10.56
N ASN D 731 -8.94 -47.14 -11.66
CA ASN D 731 -8.72 -47.74 -12.98
C ASN D 731 -7.25 -47.66 -13.44
N ASN D 732 -6.37 -48.13 -12.57
CA ASN D 732 -4.94 -48.24 -12.87
C ASN D 732 -4.71 -49.63 -13.46
N HIS D 733 -4.68 -49.70 -14.79
CA HIS D 733 -4.57 -50.99 -15.47
C HIS D 733 -3.17 -51.60 -15.39
N GLY D 734 -2.18 -50.87 -14.89
CA GLY D 734 -0.83 -51.38 -14.83
C GLY D 734 0.17 -50.43 -15.47
N GLN D 735 -0.25 -49.18 -15.68
CA GLN D 735 0.62 -48.19 -16.30
C GLN D 735 1.70 -47.72 -15.34
N ILE D 736 1.29 -47.14 -14.22
CA ILE D 736 2.21 -46.65 -13.20
C ILE D 736 2.19 -47.64 -12.05
N ARG D 737 3.34 -48.26 -11.77
CA ARG D 737 3.43 -49.24 -10.71
C ARG D 737 4.59 -48.89 -9.79
N LEU D 738 4.58 -49.48 -8.60
CA LEU D 738 5.64 -49.25 -7.64
C LEU D 738 6.88 -50.08 -7.97
N SER D 739 7.92 -49.88 -7.19
CA SER D 739 9.18 -50.63 -7.33
C SER D 739 9.89 -50.60 -5.99
N GLY D 740 10.91 -51.44 -5.88
CA GLY D 740 11.65 -51.54 -4.64
C GLY D 740 12.60 -50.37 -4.44
N GLY D 741 13.19 -50.34 -3.25
CA GLY D 741 14.19 -49.32 -2.94
C GLY D 741 13.64 -47.97 -2.53
N ALA D 742 12.55 -47.95 -1.78
CA ALA D 742 12.06 -46.69 -1.23
C ALA D 742 12.99 -46.23 -0.11
N GLU D 743 13.41 -44.97 -0.16
CA GLU D 743 14.50 -44.50 0.68
C GLU D 743 14.08 -43.23 1.43
N LEU D 744 13.96 -43.33 2.75
CA LEU D 744 13.58 -42.20 3.58
C LEU D 744 14.84 -41.52 4.10
N PHE D 745 15.04 -40.28 3.68
CA PHE D 745 16.22 -39.49 4.03
C PHE D 745 15.85 -38.46 5.09
N MET D 746 16.49 -38.54 6.25
CA MET D 746 16.39 -37.50 7.25
C MET D 746 17.43 -36.43 6.95
N ARG D 747 17.03 -35.17 7.15
CA ARG D 747 17.86 -34.01 6.85
C ARG D 747 17.94 -33.10 8.07
N ARG D 748 19.17 -32.69 8.41
CA ARG D 748 19.48 -31.88 9.56
C ARG D 748 19.20 -30.40 9.26
N ALA D 749 19.54 -29.54 10.22
CA ALA D 749 19.35 -28.11 10.10
C ALA D 749 20.67 -27.41 9.78
N SER D 750 20.61 -26.39 8.93
CA SER D 750 21.78 -25.62 8.54
C SER D 750 21.71 -24.17 8.96
N LEU D 751 20.60 -23.48 8.68
CA LEU D 751 20.43 -22.09 9.09
C LEU D 751 20.07 -22.05 10.56
N LYS D 752 20.90 -21.40 11.37
CA LYS D 752 20.61 -21.30 12.79
C LYS D 752 19.60 -20.19 13.06
N LYS D 753 19.19 -20.08 14.33
CA LYS D 753 18.15 -19.14 14.73
C LYS D 753 18.63 -17.71 14.84
N GLU D 754 19.92 -17.44 14.60
CA GLU D 754 20.46 -16.10 14.72
C GLU D 754 20.37 -15.31 13.42
N GLU D 755 20.44 -15.98 12.27
CA GLU D 755 20.56 -15.30 10.98
C GLU D 755 19.29 -15.42 10.15
N LEU D 756 18.13 -15.43 10.81
CA LEU D 756 16.87 -15.46 10.09
C LEU D 756 16.39 -14.05 9.82
N VAL D 757 15.90 -13.83 8.59
CA VAL D 757 15.46 -12.52 8.12
C VAL D 757 14.07 -12.69 7.52
N VAL D 758 13.14 -11.78 7.86
CA VAL D 758 11.73 -12.00 7.60
C VAL D 758 11.18 -10.84 6.76
N HIS D 759 10.05 -11.08 6.12
CA HIS D 759 9.12 -10.03 5.70
C HIS D 759 8.04 -9.94 6.76
N PRO D 760 7.88 -8.81 7.45
CA PRO D 760 7.00 -8.76 8.62
C PRO D 760 5.54 -8.63 8.22
N ALA D 761 4.68 -8.53 9.23
CA ALA D 761 3.24 -8.44 9.02
C ALA D 761 2.82 -6.98 8.91
N ASN D 762 1.93 -6.69 7.95
CA ASN D 762 1.33 -5.36 7.72
C ASN D 762 2.39 -4.30 7.44
N SER D 763 3.20 -4.57 6.41
CA SER D 763 4.18 -3.61 5.93
C SER D 763 4.20 -3.69 4.41
N PRO D 764 3.86 -2.60 3.72
CA PRO D 764 3.83 -2.64 2.24
C PRO D 764 5.24 -2.62 1.66
N ILE D 765 5.67 -3.76 1.15
CA ILE D 765 6.99 -3.92 0.56
C ILE D 765 6.88 -3.74 -0.94
N ALA D 766 8.02 -3.47 -1.57
CA ALA D 766 8.06 -3.20 -3.01
C ALA D 766 7.95 -4.50 -3.79
N ASN D 767 7.97 -4.42 -5.11
CA ASN D 767 7.82 -5.58 -5.97
C ASN D 767 8.86 -5.56 -7.08
N LYS D 768 9.41 -6.73 -7.38
CA LYS D 768 10.59 -6.84 -8.23
C LYS D 768 10.26 -6.61 -9.70
N ASN D 769 9.26 -7.32 -10.20
CA ASN D 769 8.95 -7.35 -11.64
C ASN D 769 8.36 -6.01 -12.09
N PRO D 770 8.96 -5.34 -13.08
CA PRO D 770 8.34 -4.11 -13.61
C PRO D 770 7.08 -4.36 -14.43
N ASP D 771 6.80 -5.60 -14.83
CA ASP D 771 5.56 -5.92 -15.52
C ASP D 771 4.42 -6.24 -14.58
N ASN D 772 4.62 -6.05 -13.28
CA ASN D 772 3.56 -6.24 -12.29
C ASN D 772 2.55 -5.09 -12.44
N PRO D 773 1.27 -5.39 -12.64
CA PRO D 773 0.27 -4.31 -12.62
C PRO D 773 0.10 -3.66 -11.26
N LYS D 774 0.32 -4.41 -10.18
CA LYS D 774 0.42 -3.79 -8.87
C LYS D 774 1.84 -3.29 -8.64
N LYS D 775 2.03 -2.55 -7.56
N LYS D 775 2.03 -2.55 -7.55
CA LYS D 775 3.35 -1.99 -7.26
CA LYS D 775 3.35 -1.98 -7.26
C LYS D 775 3.79 -2.36 -5.85
C LYS D 775 3.79 -2.36 -5.85
N THR D 776 2.84 -2.52 -4.94
CA THR D 776 3.13 -2.92 -3.57
C THR D 776 2.27 -4.13 -3.22
N THR D 777 2.56 -4.73 -2.07
CA THR D 777 1.81 -5.86 -1.56
C THR D 777 1.93 -5.88 -0.04
N THR D 778 0.94 -6.48 0.61
CA THR D 778 0.87 -6.46 2.07
C THR D 778 0.20 -7.74 2.56
N LEU D 779 0.83 -8.42 3.49
CA LEU D 779 0.28 -9.60 4.15
C LEU D 779 0.08 -9.32 5.64
N SER D 780 -0.50 -10.30 6.33
CA SER D 780 -0.85 -10.16 7.73
C SER D 780 -0.07 -11.12 8.63
N TYR D 781 1.02 -11.69 8.12
CA TYR D 781 1.83 -12.62 8.89
C TYR D 781 3.27 -12.57 8.37
N ASP D 782 4.08 -13.53 8.80
CA ASP D 782 5.52 -13.52 8.55
C ASP D 782 5.87 -14.33 7.31
N VAL D 783 6.72 -13.75 6.46
CA VAL D 783 7.30 -14.45 5.32
C VAL D 783 8.81 -14.47 5.55
N TYR D 784 9.35 -15.64 5.86
CA TYR D 784 10.75 -15.78 6.24
C TYR D 784 11.65 -15.88 5.00
N LYS D 785 12.95 -16.05 5.26
CA LYS D 785 13.94 -16.33 4.24
C LYS D 785 14.50 -17.74 4.48
N ASP D 786 14.10 -18.67 3.62
CA ASP D 786 14.55 -20.08 3.63
C ASP D 786 14.25 -20.75 4.98
N LYS D 787 12.95 -20.88 5.24
CA LYS D 787 12.49 -21.56 6.44
C LYS D 787 12.72 -23.07 6.36
N ARG D 788 12.78 -23.62 5.15
CA ARG D 788 12.86 -25.06 4.93
C ARG D 788 14.24 -25.66 5.22
N PHE D 789 15.22 -24.85 5.61
CA PHE D 789 16.54 -25.37 5.95
C PHE D 789 16.90 -25.20 7.43
N SER D 790 16.17 -24.39 8.18
CA SER D 790 16.40 -24.24 9.61
C SER D 790 15.78 -25.36 10.43
N GLU D 791 14.99 -26.24 9.81
CA GLU D 791 14.28 -27.30 10.49
C GLU D 791 15.00 -28.63 10.29
N ASP D 792 14.41 -29.69 10.83
CA ASP D 792 14.84 -31.06 10.58
C ASP D 792 13.68 -31.77 9.91
N GLN D 793 13.95 -32.41 8.77
CA GLN D 793 12.85 -32.78 7.89
C GLN D 793 13.07 -34.18 7.35
N TYR D 794 11.97 -34.92 7.17
CA TYR D 794 12.06 -36.22 6.52
C TYR D 794 11.62 -36.07 5.08
N GLU D 795 12.32 -36.74 4.16
CA GLU D 795 12.01 -36.67 2.74
C GLU D 795 12.09 -38.08 2.16
N LEU D 796 10.98 -38.52 1.57
CA LEU D 796 10.85 -39.91 1.14
C LEU D 796 11.00 -40.03 -0.36
N HIS D 797 11.77 -41.04 -0.79
CA HIS D 797 11.91 -41.39 -2.19
C HIS D 797 11.10 -42.65 -2.46
N ILE D 798 10.14 -42.54 -3.39
CA ILE D 798 9.28 -43.65 -3.79
C ILE D 798 9.57 -43.94 -5.25
N PRO D 799 10.47 -44.87 -5.57
CA PRO D 799 10.79 -45.15 -6.98
C PRO D 799 9.65 -45.91 -7.65
N ILE D 800 9.08 -45.31 -8.69
CA ILE D 800 8.03 -45.96 -9.46
C ILE D 800 8.59 -46.38 -10.82
N ALA D 801 7.82 -47.19 -11.52
CA ALA D 801 8.16 -47.63 -12.87
C ALA D 801 6.91 -47.48 -13.73
N ILE D 802 7.11 -46.95 -14.93
CA ILE D 802 6.03 -46.69 -15.88
C ILE D 802 6.23 -47.56 -17.10
N ASN D 803 5.17 -48.30 -17.47
CA ASN D 803 5.12 -49.16 -18.67
C ASN D 803 6.16 -50.27 -18.61
N LYS D 804 6.20 -50.97 -17.46
CA LYS D 804 7.14 -52.08 -17.29
C LYS D 804 6.79 -53.25 -18.21
N CYS D 805 5.50 -53.42 -18.50
CA CYS D 805 5.07 -54.34 -19.54
C CYS D 805 4.69 -53.52 -20.77
N PRO D 806 5.52 -53.49 -21.82
CA PRO D 806 5.24 -52.62 -22.96
C PRO D 806 4.12 -53.16 -23.84
N LYS D 807 3.84 -52.43 -24.91
CA LYS D 807 2.81 -52.81 -25.87
C LYS D 807 3.35 -52.98 -27.28
N ASN D 808 4.19 -52.05 -27.75
CA ASN D 808 4.70 -52.06 -29.12
C ASN D 808 6.17 -51.65 -29.09
N ILE D 809 7.06 -52.61 -29.37
CA ILE D 809 8.49 -52.33 -29.47
C ILE D 809 8.85 -52.32 -30.96
N PHE D 810 9.19 -51.15 -31.48
CA PHE D 810 9.52 -51.02 -32.89
C PHE D 810 10.47 -49.85 -33.08
N LYS D 811 11.01 -49.75 -34.29
CA LYS D 811 11.94 -48.68 -34.62
C LYS D 811 11.18 -47.36 -34.79
N ILE D 812 11.58 -46.34 -34.04
CA ILE D 812 10.82 -45.09 -33.99
C ILE D 812 11.03 -44.29 -35.27
N ASN D 813 12.29 -44.10 -35.67
CA ASN D 813 12.62 -43.15 -36.73
C ASN D 813 12.14 -43.64 -38.09
N THR D 814 12.12 -44.95 -38.29
CA THR D 814 11.57 -45.52 -39.51
C THR D 814 10.07 -45.23 -39.62
N GLU D 815 9.35 -45.39 -38.51
CA GLU D 815 7.92 -45.10 -38.50
C GLU D 815 7.64 -43.61 -38.65
N VAL D 816 8.53 -42.77 -38.13
CA VAL D 816 8.45 -41.32 -38.38
C VAL D 816 8.62 -41.03 -39.87
N ARG D 817 9.57 -41.70 -40.53
CA ARG D 817 9.77 -41.46 -41.94
C ARG D 817 8.69 -42.07 -42.82
N VAL D 818 7.95 -43.07 -42.32
CA VAL D 818 6.83 -43.62 -43.08
C VAL D 818 5.59 -42.75 -42.93
N LEU D 819 5.29 -42.32 -41.71
CA LEU D 819 4.09 -41.53 -41.46
C LEU D 819 4.20 -40.13 -42.05
N LEU D 820 5.40 -39.56 -42.06
CA LEU D 820 5.60 -38.27 -42.73
C LEU D 820 5.73 -38.40 -44.23
N LYS D 821 5.90 -39.61 -44.76
CA LYS D 821 5.94 -39.79 -46.20
C LYS D 821 4.55 -39.64 -46.81
N HIS D 822 3.53 -40.14 -46.11
CA HIS D 822 2.15 -39.92 -46.53
C HIS D 822 1.58 -38.60 -46.04
N ASP D 823 2.25 -37.93 -45.11
CA ASP D 823 1.78 -36.66 -44.59
C ASP D 823 2.16 -35.53 -45.55
N ASP D 824 1.37 -34.46 -45.52
CA ASP D 824 1.59 -33.32 -46.40
C ASP D 824 1.96 -32.03 -45.68
N ASN D 825 1.75 -31.92 -44.36
CA ASN D 825 2.00 -30.68 -43.63
C ASN D 825 2.52 -30.98 -42.24
N PRO D 826 3.84 -31.07 -42.08
CA PRO D 826 4.44 -31.04 -40.74
C PRO D 826 4.74 -29.60 -40.32
N TYR D 827 5.42 -29.47 -39.17
CA TYR D 827 5.88 -28.17 -38.69
C TYR D 827 7.28 -28.34 -38.12
N VAL D 828 8.08 -27.26 -38.15
CA VAL D 828 9.52 -27.30 -37.84
C VAL D 828 9.84 -26.11 -36.92
N ILE D 829 10.67 -26.31 -35.87
CA ILE D 829 10.72 -25.34 -34.78
C ILE D 829 12.15 -24.88 -34.55
N GLY D 830 12.57 -23.87 -35.30
CA GLY D 830 13.91 -23.33 -35.22
C GLY D 830 14.15 -22.65 -33.88
N ILE D 831 15.11 -23.21 -33.14
CA ILE D 831 15.51 -22.73 -31.82
C ILE D 831 16.98 -22.35 -31.95
N ASP D 832 17.24 -21.06 -32.12
CA ASP D 832 18.57 -20.62 -32.54
C ASP D 832 19.10 -19.59 -31.56
N ARG D 833 20.37 -19.73 -31.21
CA ARG D 833 21.05 -18.74 -30.38
C ARG D 833 21.24 -17.45 -31.16
N GLY D 834 20.79 -16.34 -30.59
CA GLY D 834 20.74 -15.07 -31.28
C GLY D 834 21.63 -14.02 -30.66
N GLU D 835 21.88 -12.96 -31.43
CA GLU D 835 22.72 -11.86 -30.95
C GLU D 835 21.95 -10.95 -30.00
N ARG D 836 20.73 -10.57 -30.39
CA ARG D 836 19.90 -9.69 -29.58
C ARG D 836 18.73 -10.42 -28.94
N ASN D 837 17.91 -11.11 -29.74
CA ASN D 837 16.91 -12.03 -29.22
C ASN D 837 17.63 -13.32 -28.90
N LEU D 838 17.84 -13.60 -27.61
CA LEU D 838 18.73 -14.67 -27.17
C LEU D 838 18.21 -16.04 -27.57
N LEU D 839 16.91 -16.28 -27.42
CA LEU D 839 16.27 -17.45 -28.00
C LEU D 839 15.13 -16.99 -28.89
N TYR D 840 14.87 -17.77 -29.94
CA TYR D 840 13.83 -17.41 -30.88
C TYR D 840 13.16 -18.71 -31.32
N ILE D 841 11.88 -18.62 -31.68
CA ILE D 841 11.09 -19.77 -32.07
C ILE D 841 10.54 -19.53 -33.48
N VAL D 842 10.93 -20.40 -34.41
CA VAL D 842 10.30 -20.47 -35.72
C VAL D 842 9.48 -21.75 -35.79
N VAL D 843 8.24 -21.64 -36.25
CA VAL D 843 7.37 -22.80 -36.46
C VAL D 843 6.83 -22.65 -37.87
N VAL D 844 7.27 -23.53 -38.78
CA VAL D 844 6.93 -23.40 -40.18
C VAL D 844 6.19 -24.66 -40.61
N ASP D 845 5.42 -24.54 -41.70
CA ASP D 845 4.61 -25.61 -42.25
C ASP D 845 5.44 -26.54 -43.13
N GLY D 846 4.78 -27.40 -43.91
CA GLY D 846 5.48 -28.28 -44.81
C GLY D 846 5.78 -27.67 -46.16
N LYS D 847 5.15 -26.54 -46.48
CA LYS D 847 5.40 -25.91 -47.78
C LYS D 847 6.44 -24.80 -47.69
N GLY D 848 6.47 -24.05 -46.59
CA GLY D 848 7.45 -22.99 -46.43
C GLY D 848 6.88 -21.69 -45.91
N ASN D 849 5.55 -21.59 -45.84
CA ASN D 849 4.90 -20.39 -45.34
C ASN D 849 5.06 -20.31 -43.83
N ILE D 850 5.41 -19.11 -43.34
CA ILE D 850 5.66 -18.94 -41.91
C ILE D 850 4.35 -19.01 -41.15
N VAL D 851 4.25 -19.98 -40.24
CA VAL D 851 3.04 -20.19 -39.45
C VAL D 851 3.09 -19.40 -38.15
N GLU D 852 4.14 -19.60 -37.35
CA GLU D 852 4.25 -18.85 -36.11
C GLU D 852 5.71 -18.65 -35.75
N GLN D 853 6.16 -17.41 -35.79
CA GLN D 853 7.49 -17.05 -35.33
C GLN D 853 7.37 -15.99 -34.24
N TYR D 854 8.16 -16.16 -33.18
CA TYR D 854 8.11 -15.23 -32.05
C TYR D 854 9.41 -15.38 -31.27
N SER D 855 9.63 -14.49 -30.33
CA SER D 855 10.84 -14.48 -29.52
C SER D 855 10.57 -15.01 -28.13
N LEU D 856 11.65 -15.36 -27.44
CA LEU D 856 11.60 -15.81 -26.05
C LEU D 856 12.43 -14.89 -25.17
N ASN D 857 12.31 -13.58 -25.40
CA ASN D 857 12.87 -12.61 -24.47
C ASN D 857 12.05 -12.55 -23.18
N GLU D 858 10.77 -12.90 -23.26
CA GLU D 858 9.86 -12.85 -22.13
C GLU D 858 9.09 -14.17 -22.05
N ILE D 859 8.61 -14.49 -20.85
CA ILE D 859 7.85 -15.70 -20.59
C ILE D 859 6.48 -15.30 -20.04
N ILE D 860 5.43 -15.82 -20.66
CA ILE D 860 4.06 -15.52 -20.27
C ILE D 860 3.63 -16.51 -19.20
N ASN D 861 3.44 -16.02 -17.98
CA ASN D 861 3.01 -16.85 -16.86
C ASN D 861 1.49 -16.85 -16.78
N ASN D 862 0.91 -18.05 -16.69
CA ASN D 862 -0.53 -18.26 -16.71
C ASN D 862 -0.96 -18.85 -15.38
N PHE D 863 -1.77 -18.10 -14.63
CA PHE D 863 -2.31 -18.62 -13.38
C PHE D 863 -3.67 -18.00 -13.11
N ASN D 864 -4.66 -18.87 -12.87
CA ASN D 864 -6.05 -18.50 -12.55
C ASN D 864 -6.70 -17.63 -13.63
N GLY D 865 -6.31 -17.81 -14.90
CA GLY D 865 -6.77 -16.96 -15.97
C GLY D 865 -6.00 -15.66 -16.12
N ILE D 866 -5.24 -15.26 -15.11
CA ILE D 866 -4.41 -14.06 -15.17
C ILE D 866 -3.13 -14.40 -15.92
N ARG D 867 -2.79 -13.56 -16.91
CA ARG D 867 -1.62 -13.76 -17.75
C ARG D 867 -0.65 -12.62 -17.49
N ILE D 868 0.42 -12.90 -16.73
CA ILE D 868 1.42 -11.90 -16.39
C ILE D 868 2.75 -12.30 -17.02
N LYS D 869 3.31 -11.42 -17.84
CA LYS D 869 4.57 -11.66 -18.51
C LYS D 869 5.74 -11.31 -17.61
N THR D 870 6.89 -11.90 -17.90
CA THR D 870 8.12 -11.56 -17.20
C THR D 870 9.28 -11.65 -18.18
N ASP D 871 10.00 -10.54 -18.37
CA ASP D 871 11.04 -10.46 -19.38
C ASP D 871 12.37 -10.94 -18.81
N TYR D 872 13.08 -11.75 -19.60
CA TYR D 872 14.43 -12.16 -19.27
C TYR D 872 15.50 -11.46 -20.10
N HIS D 873 15.13 -10.71 -21.14
CA HIS D 873 16.14 -9.95 -21.87
C HIS D 873 16.65 -8.78 -21.04
N SER D 874 15.75 -8.06 -20.38
CA SER D 874 16.17 -6.96 -19.53
C SER D 874 16.76 -7.46 -18.22
N LEU D 875 16.27 -8.59 -17.72
CA LEU D 875 16.74 -9.11 -16.45
C LEU D 875 18.15 -9.67 -16.58
N LEU D 876 18.37 -10.55 -17.54
CA LEU D 876 19.71 -11.05 -17.80
C LEU D 876 20.60 -9.99 -18.45
N ASP D 877 20.00 -8.96 -19.05
CA ASP D 877 20.78 -7.79 -19.44
C ASP D 877 21.32 -7.06 -18.22
N LYS D 878 20.53 -6.96 -17.15
CA LYS D 878 21.04 -6.42 -15.90
C LYS D 878 21.98 -7.40 -15.19
N LYS D 879 21.87 -8.70 -15.48
CA LYS D 879 22.85 -9.64 -14.96
C LYS D 879 24.18 -9.51 -15.70
N GLU D 880 24.14 -9.15 -16.98
CA GLU D 880 25.35 -8.79 -17.69
C GLU D 880 25.86 -7.42 -17.31
N LYS D 881 24.99 -6.56 -16.77
CA LYS D 881 25.46 -5.37 -16.07
C LYS D 881 26.18 -5.73 -14.78
N GLU D 882 25.69 -6.76 -14.08
CA GLU D 882 26.37 -7.23 -12.87
C GLU D 882 27.71 -7.86 -13.20
N ARG D 883 27.78 -8.63 -14.30
CA ARG D 883 29.05 -9.16 -14.76
C ARG D 883 29.94 -8.05 -15.29
N PHE D 884 29.34 -6.96 -15.77
CA PHE D 884 30.10 -5.80 -16.21
C PHE D 884 30.64 -4.98 -15.04
N GLU D 885 29.97 -5.02 -13.89
CA GLU D 885 30.47 -4.30 -12.71
C GLU D 885 30.09 -5.06 -11.44
N ALA D 886 31.03 -5.88 -10.97
CA ALA D 886 30.98 -6.40 -9.61
C ALA D 886 32.34 -6.52 -8.93
N ARG D 887 33.45 -6.32 -9.65
CA ARG D 887 34.83 -6.65 -9.24
C ARG D 887 34.97 -8.12 -8.83
N GLN D 888 34.13 -8.98 -9.39
CA GLN D 888 34.00 -10.39 -9.05
C GLN D 888 33.04 -10.99 -10.07
N ASN D 889 33.33 -12.20 -10.51
CA ASN D 889 32.45 -12.81 -11.50
C ASN D 889 32.06 -14.25 -11.22
N TRP D 890 32.75 -14.98 -10.32
CA TRP D 890 32.47 -16.39 -10.08
C TRP D 890 31.05 -16.64 -9.60
N THR D 891 30.62 -15.89 -8.58
CA THR D 891 29.21 -15.96 -8.17
C THR D 891 28.30 -15.36 -9.25
N SER D 892 28.80 -14.36 -9.99
CA SER D 892 28.01 -13.77 -11.06
C SER D 892 27.83 -14.73 -12.22
N ILE D 893 28.91 -15.41 -12.64
CA ILE D 893 28.82 -16.38 -13.72
C ILE D 893 27.99 -17.58 -13.29
N GLU D 894 28.07 -17.99 -12.03
CA GLU D 894 27.19 -19.07 -11.57
C GLU D 894 25.73 -18.63 -11.50
N ASN D 895 25.47 -17.34 -11.24
CA ASN D 895 24.10 -16.83 -11.30
C ASN D 895 23.61 -16.77 -12.74
N ILE D 896 24.50 -16.51 -13.69
CA ILE D 896 24.11 -16.52 -15.10
C ILE D 896 23.86 -17.96 -15.56
N LYS D 897 24.68 -18.90 -15.11
CA LYS D 897 24.51 -20.31 -15.50
C LYS D 897 23.24 -20.90 -14.92
N GLU D 898 22.99 -20.68 -13.63
CA GLU D 898 21.81 -21.26 -13.02
C GLU D 898 20.55 -20.48 -13.38
N LEU D 899 20.68 -19.17 -13.60
CA LEU D 899 19.58 -18.39 -14.16
C LEU D 899 19.20 -18.88 -15.56
N LYS D 900 20.20 -19.17 -16.39
CA LYS D 900 19.92 -19.78 -17.67
C LYS D 900 19.45 -21.22 -17.54
N ALA D 901 19.73 -21.88 -16.42
CA ALA D 901 19.20 -23.24 -16.22
C ALA D 901 17.70 -23.20 -15.90
N GLY D 902 17.28 -22.26 -15.07
CA GLY D 902 15.85 -22.05 -14.88
C GLY D 902 15.19 -21.52 -16.14
N TYR D 903 15.91 -20.70 -16.89
CA TYR D 903 15.41 -20.18 -18.16
C TYR D 903 15.17 -21.29 -19.17
N ILE D 904 16.15 -22.19 -19.33
CA ILE D 904 15.95 -23.30 -20.27
C ILE D 904 14.99 -24.33 -19.73
N SER D 905 14.74 -24.36 -18.41
CA SER D 905 13.63 -25.20 -17.93
C SER D 905 12.29 -24.62 -18.36
N GLN D 906 12.17 -23.28 -18.31
CA GLN D 906 10.96 -22.63 -18.82
C GLN D 906 10.82 -22.85 -20.34
N VAL D 907 11.94 -22.85 -21.06
CA VAL D 907 11.92 -23.14 -22.48
C VAL D 907 11.52 -24.59 -22.73
N VAL D 908 11.94 -25.52 -21.86
CA VAL D 908 11.47 -26.90 -21.93
C VAL D 908 9.97 -26.99 -21.76
N HIS D 909 9.40 -26.16 -20.87
CA HIS D 909 7.94 -26.10 -20.76
C HIS D 909 7.30 -25.57 -22.05
N LYS D 910 7.92 -24.55 -22.66
CA LYS D 910 7.33 -23.99 -23.88
C LYS D 910 7.40 -24.96 -25.06
N ILE D 911 8.50 -25.71 -25.17
CA ILE D 911 8.64 -26.68 -26.25
C ILE D 911 7.72 -27.87 -26.02
N CYS D 912 7.54 -28.29 -24.76
CA CYS D 912 6.57 -29.34 -24.48
C CYS D 912 5.14 -28.89 -24.75
N GLU D 913 4.84 -27.60 -24.55
CA GLU D 913 3.53 -27.10 -24.97
C GLU D 913 3.42 -27.03 -26.48
N LEU D 914 4.53 -26.82 -27.20
CA LEU D 914 4.48 -26.85 -28.65
C LEU D 914 4.32 -28.26 -29.20
N VAL D 915 4.86 -29.28 -28.53
CA VAL D 915 4.67 -30.64 -28.99
C VAL D 915 3.28 -31.15 -28.62
N GLU D 916 2.80 -30.80 -27.43
CA GLU D 916 1.45 -31.18 -27.03
C GLU D 916 0.38 -30.38 -27.77
N LYS D 917 0.72 -29.23 -28.34
CA LYS D 917 -0.24 -28.41 -29.05
C LYS D 917 -0.20 -28.57 -30.57
N TYR D 918 0.99 -28.54 -31.16
CA TYR D 918 1.14 -28.58 -32.61
C TYR D 918 1.53 -29.94 -33.15
N ASP D 919 2.27 -30.73 -32.37
CA ASP D 919 2.80 -32.05 -32.74
C ASP D 919 3.67 -31.93 -34.00
N ALA D 920 4.78 -31.23 -33.82
CA ALA D 920 5.69 -30.90 -34.89
C ALA D 920 6.86 -31.89 -34.91
N VAL D 921 7.67 -31.80 -35.95
CA VAL D 921 8.97 -32.45 -35.96
C VAL D 921 9.98 -31.36 -35.61
N ILE D 922 11.01 -31.69 -34.84
CA ILE D 922 11.82 -30.63 -34.26
C ILE D 922 13.19 -30.59 -34.91
N ALA D 923 13.33 -29.77 -35.94
CA ALA D 923 14.63 -29.20 -36.22
C ALA D 923 14.76 -27.95 -35.40
N LEU D 924 15.81 -27.97 -34.56
CA LEU D 924 16.43 -26.91 -33.78
C LEU D 924 17.91 -26.83 -34.18
N GLU D 925 18.70 -26.06 -33.42
CA GLU D 925 20.12 -25.86 -33.71
C GLU D 925 20.95 -27.02 -33.15
N ASP D 926 22.06 -27.33 -33.84
CA ASP D 926 22.87 -28.52 -33.55
C ASP D 926 24.21 -28.14 -32.93
N LEU D 927 24.70 -28.98 -32.02
CA LEU D 927 25.95 -28.75 -31.33
C LEU D 927 27.16 -29.38 -32.00
N ASN D 928 26.97 -30.35 -32.89
CA ASN D 928 28.09 -31.09 -33.46
C ASN D 928 28.22 -30.83 -34.94
N SER D 929 28.13 -29.56 -35.34
CA SER D 929 28.36 -29.16 -36.71
C SER D 929 29.76 -28.59 -36.92
N GLY D 930 30.53 -28.44 -35.85
CA GLY D 930 31.83 -27.81 -35.95
C GLY D 930 31.81 -26.31 -36.09
N PHE D 931 30.69 -25.67 -35.77
CA PHE D 931 30.52 -24.24 -35.91
C PHE D 931 30.91 -23.54 -34.61
N LYS D 932 31.52 -22.36 -34.74
CA LYS D 932 31.93 -21.59 -33.57
C LYS D 932 31.96 -20.12 -33.97
N ASN D 933 31.07 -19.32 -33.37
CA ASN D 933 30.97 -17.90 -33.70
C ASN D 933 31.40 -16.97 -32.58
N SER D 934 31.04 -17.29 -31.32
CA SER D 934 31.39 -16.54 -30.12
C SER D 934 30.93 -15.08 -30.19
N ARG D 935 29.67 -14.90 -30.57
CA ARG D 935 29.08 -13.56 -30.64
C ARG D 935 27.78 -13.50 -29.84
N VAL D 936 27.10 -14.64 -29.70
CA VAL D 936 25.85 -14.71 -28.98
C VAL D 936 26.13 -14.70 -27.48
N LYS D 937 25.09 -14.44 -26.68
CA LYS D 937 25.26 -14.40 -25.23
C LYS D 937 25.02 -15.75 -24.56
N VAL D 938 24.60 -16.76 -25.33
CA VAL D 938 24.37 -18.11 -24.80
C VAL D 938 25.55 -18.99 -25.18
N GLU D 939 26.27 -19.49 -24.18
CA GLU D 939 27.46 -20.29 -24.42
C GLU D 939 27.06 -21.72 -24.78
N LYS D 940 28.06 -22.58 -24.99
CA LYS D 940 27.83 -23.92 -25.50
C LYS D 940 27.40 -24.90 -24.42
N GLN D 941 28.00 -24.82 -23.23
CA GLN D 941 27.74 -25.77 -22.16
C GLN D 941 26.32 -25.67 -21.63
N VAL D 942 25.77 -24.45 -21.58
CA VAL D 942 24.40 -24.25 -21.16
C VAL D 942 23.43 -24.87 -22.17
N TYR D 943 23.75 -24.78 -23.46
CA TYR D 943 22.88 -25.37 -24.47
C TYR D 943 23.04 -26.89 -24.52
N GLN D 944 24.21 -27.40 -24.10
CA GLN D 944 24.37 -28.81 -23.83
C GLN D 944 23.46 -29.26 -22.69
N LYS D 945 23.34 -28.43 -21.65
CA LYS D 945 22.38 -28.72 -20.59
C LYS D 945 20.94 -28.60 -21.09
N PHE D 946 20.70 -27.77 -22.11
CA PHE D 946 19.37 -27.68 -22.70
C PHE D 946 18.99 -28.97 -23.42
N GLU D 947 19.85 -29.45 -24.31
CA GLU D 947 19.53 -30.68 -25.02
C GLU D 947 19.63 -31.91 -24.10
N LYS D 948 20.42 -31.82 -23.03
CA LYS D 948 20.43 -32.85 -22.01
C LYS D 948 19.10 -32.92 -21.27
N MET D 949 18.52 -31.75 -20.96
CA MET D 949 17.17 -31.75 -20.39
C MET D 949 16.11 -32.10 -21.41
N LEU D 950 16.41 -31.98 -22.71
CA LEU D 950 15.51 -32.53 -23.72
C LEU D 950 15.53 -34.05 -23.71
N ILE D 951 16.71 -34.64 -23.53
CA ILE D 951 16.81 -36.10 -23.47
C ILE D 951 16.16 -36.62 -22.20
N ASP D 952 16.50 -36.04 -21.04
CA ASP D 952 15.92 -36.48 -19.79
C ASP D 952 14.47 -36.08 -19.60
N LYS D 953 13.98 -35.11 -20.37
CA LYS D 953 12.56 -34.73 -20.29
C LYS D 953 11.68 -35.51 -21.25
N LEU D 954 12.08 -35.61 -22.51
CA LEU D 954 11.22 -36.16 -23.56
C LEU D 954 11.20 -37.69 -23.59
N ASN D 955 11.71 -38.36 -22.56
CA ASN D 955 11.56 -39.82 -22.47
C ASN D 955 10.12 -40.20 -22.20
N TYR D 956 9.44 -39.48 -21.30
CA TYR D 956 8.03 -39.75 -21.01
C TYR D 956 7.39 -38.40 -20.67
N MET D 957 6.78 -37.77 -21.66
CA MET D 957 6.24 -36.42 -21.54
C MET D 957 4.79 -36.48 -21.09
N VAL D 958 4.47 -35.71 -20.04
CA VAL D 958 3.18 -35.76 -19.38
C VAL D 958 2.56 -34.36 -19.39
N ASP D 959 1.34 -34.27 -19.90
CA ASP D 959 0.58 -33.04 -19.78
C ASP D 959 -0.06 -32.96 -18.39
N LYS D 960 -0.20 -31.74 -17.89
CA LYS D 960 -0.67 -31.49 -16.53
C LYS D 960 -2.14 -31.10 -16.47
N LYS D 961 -2.68 -30.49 -17.53
CA LYS D 961 -4.06 -30.03 -17.51
C LYS D 961 -4.93 -30.81 -18.50
N SER D 962 -4.79 -32.13 -18.54
CA SER D 962 -5.54 -32.97 -19.46
C SER D 962 -6.32 -34.03 -18.69
N ASN D 963 -6.95 -34.92 -19.46
CA ASN D 963 -7.80 -35.97 -18.92
C ASN D 963 -6.94 -37.19 -18.61
N PRO D 964 -6.90 -37.69 -17.37
CA PRO D 964 -6.13 -38.91 -17.09
C PRO D 964 -6.70 -40.17 -17.73
N CYS D 965 -7.96 -40.18 -18.15
CA CYS D 965 -8.53 -41.37 -18.77
C CYS D 965 -7.99 -41.58 -20.19
N ALA D 966 -7.84 -40.50 -20.95
CA ALA D 966 -7.33 -40.58 -22.30
C ALA D 966 -5.80 -40.43 -22.28
N THR D 967 -5.19 -40.27 -23.44
CA THR D 967 -3.76 -40.12 -23.52
C THR D 967 -3.35 -38.69 -23.14
N GLY D 968 -2.04 -38.52 -22.90
CA GLY D 968 -1.48 -37.25 -22.53
C GLY D 968 -1.22 -37.06 -21.05
N GLY D 969 -1.94 -37.80 -20.20
CA GLY D 969 -1.79 -37.67 -18.77
C GLY D 969 -0.58 -38.44 -18.25
N ALA D 970 -0.60 -38.70 -16.93
CA ALA D 970 0.48 -39.45 -16.31
C ALA D 970 0.41 -40.93 -16.64
N LEU D 971 -0.78 -41.44 -16.94
CA LEU D 971 -0.94 -42.87 -17.22
C LEU D 971 -0.49 -43.21 -18.63
N LYS D 972 -0.80 -42.34 -19.60
CA LYS D 972 -0.55 -42.60 -21.00
C LYS D 972 0.25 -41.45 -21.63
N GLY D 973 1.33 -41.06 -20.97
CA GLY D 973 2.19 -40.02 -21.49
C GLY D 973 2.95 -40.45 -22.73
N TYR D 974 3.51 -39.47 -23.43
CA TYR D 974 4.11 -39.71 -24.74
C TYR D 974 5.58 -40.07 -24.59
N GLN D 975 6.01 -41.13 -25.30
CA GLN D 975 7.39 -41.59 -25.33
C GLN D 975 7.94 -41.30 -26.72
N ILE D 976 8.64 -40.17 -26.86
CA ILE D 976 9.03 -39.64 -28.15
C ILE D 976 10.54 -39.49 -28.30
N THR D 977 11.32 -39.92 -27.30
CA THR D 977 12.77 -39.79 -27.36
C THR D 977 13.41 -40.95 -26.63
N ASN D 978 14.43 -41.54 -27.25
CA ASN D 978 15.16 -42.65 -26.67
C ASN D 978 16.01 -42.21 -25.48
N LYS D 979 16.66 -43.18 -24.86
CA LYS D 979 17.36 -42.98 -23.58
C LYS D 979 18.64 -42.18 -23.78
N PHE D 980 19.35 -41.92 -22.67
CA PHE D 980 20.59 -41.15 -22.69
C PHE D 980 21.77 -42.10 -22.71
N GLU D 981 22.67 -41.91 -23.68
CA GLU D 981 23.86 -42.73 -23.80
C GLU D 981 25.14 -41.95 -23.55
N SER D 982 25.38 -40.88 -24.31
CA SER D 982 26.58 -40.08 -24.19
C SER D 982 26.32 -38.73 -24.84
N PHE D 983 27.34 -37.86 -24.79
CA PHE D 983 27.23 -36.56 -25.45
C PHE D 983 27.35 -36.68 -26.96
N LYS D 984 28.01 -37.73 -27.44
CA LYS D 984 28.19 -37.96 -28.87
C LYS D 984 26.99 -38.63 -29.52
N SER D 985 25.93 -38.91 -28.75
CA SER D 985 24.71 -39.53 -29.28
C SER D 985 23.75 -38.53 -29.89
N MET D 986 24.14 -37.27 -29.99
CA MET D 986 23.32 -36.23 -30.60
C MET D 986 23.64 -36.11 -32.09
N SER D 987 23.55 -37.23 -32.79
CA SER D 987 24.05 -37.36 -34.16
C SER D 987 22.87 -37.48 -35.10
N THR D 988 22.38 -36.31 -35.55
CA THR D 988 21.58 -36.09 -36.76
C THR D 988 20.13 -36.57 -36.62
N GLN D 989 19.85 -37.38 -35.60
CA GLN D 989 18.50 -37.94 -35.40
C GLN D 989 18.44 -38.57 -34.02
N ASN D 990 17.41 -38.19 -33.24
CA ASN D 990 17.11 -38.88 -31.98
C ASN D 990 15.60 -38.73 -31.75
N GLY D 991 14.84 -39.73 -32.21
CA GLY D 991 13.39 -39.66 -32.09
C GLY D 991 12.81 -38.59 -32.99
N PHE D 992 11.95 -37.75 -32.43
CA PHE D 992 11.46 -36.57 -33.15
C PHE D 992 12.41 -35.39 -33.08
N ILE D 993 13.51 -35.48 -32.34
CA ILE D 993 14.47 -34.40 -32.25
C ILE D 993 15.42 -34.53 -33.44
N PHE D 994 15.07 -33.87 -34.54
CA PHE D 994 15.87 -33.95 -35.77
C PHE D 994 17.04 -32.97 -35.69
N TYR D 995 18.18 -33.43 -35.20
CA TYR D 995 19.41 -32.63 -35.16
C TYR D 995 19.87 -32.28 -36.57
N ILE D 996 19.98 -30.99 -36.87
CA ILE D 996 20.34 -30.53 -38.21
C ILE D 996 21.56 -29.61 -38.13
N PRO D 997 22.68 -29.98 -38.75
CA PRO D 997 23.83 -29.06 -38.79
C PRO D 997 23.54 -27.85 -39.65
N ALA D 998 24.26 -26.75 -39.42
CA ALA D 998 23.90 -25.49 -40.06
C ALA D 998 25.16 -24.75 -40.47
N TRP D 999 25.35 -24.64 -41.78
CA TRP D 999 26.38 -23.79 -42.35
C TRP D 999 25.72 -22.73 -43.22
N LEU D 1000 26.09 -21.47 -42.98
CA LEU D 1000 25.71 -20.30 -43.77
C LEU D 1000 24.19 -20.11 -43.79
N THR D 1001 23.63 -19.91 -42.60
CA THR D 1001 22.20 -19.65 -42.43
C THR D 1001 21.88 -18.27 -41.90
N SER D 1002 22.74 -17.68 -41.07
CA SER D 1002 22.50 -16.34 -40.57
C SER D 1002 22.79 -15.29 -41.63
N LYS D 1003 23.97 -15.36 -42.24
CA LYS D 1003 24.41 -14.36 -43.22
C LYS D 1003 24.11 -14.84 -44.64
N ILE D 1004 22.81 -15.05 -44.90
CA ILE D 1004 22.34 -15.39 -46.24
C ILE D 1004 20.98 -14.72 -46.44
N ASP D 1005 20.70 -14.34 -47.68
CA ASP D 1005 19.47 -13.63 -48.03
C ASP D 1005 18.27 -14.56 -47.86
N PRO D 1006 17.30 -14.22 -47.02
CA PRO D 1006 16.09 -15.06 -46.92
C PRO D 1006 15.16 -14.93 -48.11
N SER D 1007 15.29 -13.89 -48.92
CA SER D 1007 14.42 -13.69 -50.08
C SER D 1007 14.96 -14.43 -51.31
N THR D 1008 16.21 -14.16 -51.68
CA THR D 1008 16.80 -14.78 -52.86
C THR D 1008 17.60 -16.03 -52.50
N GLY D 1009 18.61 -15.88 -51.66
CA GLY D 1009 19.43 -17.01 -51.27
C GLY D 1009 20.90 -16.82 -51.56
N PHE D 1010 21.32 -15.58 -51.82
CA PHE D 1010 22.72 -15.28 -52.06
C PHE D 1010 23.51 -15.32 -50.76
N VAL D 1011 24.67 -15.95 -50.81
CA VAL D 1011 25.57 -16.08 -49.66
C VAL D 1011 26.89 -15.41 -50.04
N ASN D 1012 27.66 -15.04 -49.03
CA ASN D 1012 28.93 -14.34 -49.22
C ASN D 1012 29.93 -15.31 -49.84
N LEU D 1013 30.10 -15.22 -51.16
CA LEU D 1013 31.09 -15.99 -51.89
C LEU D 1013 32.24 -15.16 -52.42
N LEU D 1014 32.03 -13.88 -52.69
CA LEU D 1014 33.08 -13.00 -53.19
C LEU D 1014 33.95 -12.58 -52.01
N LYS D 1015 35.20 -13.06 -51.99
CA LYS D 1015 36.13 -12.73 -50.91
C LYS D 1015 36.69 -11.35 -51.19
N THR D 1016 36.08 -10.34 -50.58
CA THR D 1016 36.40 -8.94 -50.85
C THR D 1016 37.49 -8.39 -49.93
N LYS D 1017 38.32 -9.26 -49.35
CA LYS D 1017 39.49 -8.78 -48.66
C LYS D 1017 40.52 -8.28 -49.67
N TYR D 1018 41.06 -7.09 -49.40
CA TYR D 1018 41.97 -6.45 -50.36
C TYR D 1018 43.33 -7.14 -50.31
N THR D 1019 43.71 -7.76 -51.44
CA THR D 1019 44.97 -8.48 -51.53
C THR D 1019 46.06 -7.65 -52.21
N SER D 1020 45.81 -7.22 -53.44
CA SER D 1020 46.78 -6.46 -54.21
C SER D 1020 46.02 -5.71 -55.30
N ILE D 1021 46.78 -4.99 -56.13
CA ILE D 1021 46.17 -4.26 -57.25
C ILE D 1021 46.02 -5.16 -58.47
N ALA D 1022 46.75 -6.28 -58.53
CA ALA D 1022 46.62 -7.20 -59.65
C ALA D 1022 45.29 -7.95 -59.59
N ASP D 1023 44.92 -8.42 -58.41
CA ASP D 1023 43.62 -9.05 -58.22
C ASP D 1023 42.48 -8.04 -58.11
N SER D 1024 42.81 -6.75 -58.00
CA SER D 1024 41.78 -5.72 -58.07
C SER D 1024 41.44 -5.40 -59.52
N LYS D 1025 42.45 -5.32 -60.39
CA LYS D 1025 42.20 -5.17 -61.81
C LYS D 1025 41.62 -6.45 -62.40
N LYS D 1026 42.02 -7.61 -61.88
CA LYS D 1026 41.37 -8.86 -62.26
C LYS D 1026 39.95 -8.93 -61.70
N PHE D 1027 39.73 -8.31 -60.54
CA PHE D 1027 38.40 -8.30 -59.93
C PHE D 1027 37.44 -7.45 -60.74
N ILE D 1028 37.86 -6.25 -61.14
CA ILE D 1028 37.00 -5.38 -61.94
C ILE D 1028 36.89 -5.92 -63.36
N SER D 1029 37.98 -6.46 -63.91
CA SER D 1029 37.94 -7.09 -65.23
C SER D 1029 37.13 -8.37 -65.27
N SER D 1030 36.84 -8.97 -64.12
CA SER D 1030 35.97 -10.14 -64.08
C SER D 1030 34.50 -9.78 -64.26
N PHE D 1031 34.11 -8.53 -63.97
CA PHE D 1031 32.76 -8.08 -64.24
C PHE D 1031 32.54 -7.96 -65.74
N ASP D 1032 31.50 -8.62 -66.25
CA ASP D 1032 31.23 -8.61 -67.68
C ASP D 1032 30.47 -7.37 -68.14
N ARG D 1033 29.80 -6.67 -67.22
CA ARG D 1033 29.00 -5.50 -67.60
C ARG D 1033 28.91 -4.57 -66.40
N ILE D 1034 29.69 -3.50 -66.42
CA ILE D 1034 29.58 -2.41 -65.46
C ILE D 1034 28.94 -1.24 -66.21
N MET D 1035 27.65 -1.01 -65.95
CA MET D 1035 26.91 0.04 -66.63
C MET D 1035 26.16 0.88 -65.60
N TYR D 1036 25.86 2.12 -65.99
CA TYR D 1036 25.13 3.06 -65.16
C TYR D 1036 23.97 3.65 -65.94
N VAL D 1037 22.82 3.77 -65.28
CA VAL D 1037 21.67 4.46 -65.85
C VAL D 1037 21.33 5.66 -64.97
N PRO D 1038 20.89 6.79 -65.54
CA PRO D 1038 20.55 7.95 -64.71
C PRO D 1038 19.15 7.90 -64.12
N GLU D 1039 18.25 7.08 -64.67
CA GLU D 1039 16.88 7.04 -64.18
C GLU D 1039 16.79 6.33 -62.85
N GLU D 1040 17.46 5.18 -62.72
CA GLU D 1040 17.44 4.45 -61.46
C GLU D 1040 18.32 5.09 -60.41
N ASP D 1041 19.37 5.80 -60.85
CA ASP D 1041 20.43 6.37 -60.00
C ASP D 1041 21.06 5.28 -59.13
N LEU D 1042 21.25 4.09 -59.72
CA LEU D 1042 21.82 2.95 -59.04
C LEU D 1042 22.94 2.38 -59.91
N PHE D 1043 23.72 1.48 -59.33
CA PHE D 1043 24.92 0.97 -59.98
C PHE D 1043 24.75 -0.53 -60.24
N GLU D 1044 24.52 -0.86 -61.51
CA GLU D 1044 24.23 -2.21 -61.94
C GLU D 1044 25.52 -3.03 -62.06
N PHE D 1045 25.43 -4.31 -61.68
CA PHE D 1045 26.58 -5.23 -61.73
C PHE D 1045 26.10 -6.57 -62.30
N ALA D 1046 26.23 -6.74 -63.61
CA ALA D 1046 25.96 -8.01 -64.26
C ALA D 1046 27.27 -8.78 -64.35
N LEU D 1047 27.36 -9.91 -63.64
CA LEU D 1047 28.65 -10.58 -63.51
C LEU D 1047 28.48 -12.10 -63.63
N ASP D 1048 29.63 -12.76 -63.77
CA ASP D 1048 29.74 -14.20 -63.99
C ASP D 1048 30.51 -14.80 -62.83
N TYR D 1049 29.99 -15.89 -62.26
CA TYR D 1049 30.62 -16.56 -61.14
C TYR D 1049 31.56 -17.69 -61.58
N LYS D 1050 31.99 -17.68 -62.83
CA LYS D 1050 33.02 -18.60 -63.29
C LYS D 1050 34.41 -18.01 -63.13
N ASN D 1051 34.53 -16.70 -63.07
CA ASN D 1051 35.81 -16.01 -63.02
C ASN D 1051 36.31 -15.78 -61.61
N PHE D 1052 35.59 -16.24 -60.59
CA PHE D 1052 35.93 -15.98 -59.20
C PHE D 1052 36.27 -17.28 -58.48
N SER D 1053 37.07 -17.16 -57.43
CA SER D 1053 37.45 -18.33 -56.64
C SER D 1053 36.31 -18.75 -55.73
N ARG D 1054 36.06 -20.07 -55.68
CA ARG D 1054 35.08 -20.72 -54.80
C ARG D 1054 33.66 -20.21 -55.04
N THR D 1055 33.31 -20.07 -56.32
CA THR D 1055 31.95 -19.70 -56.72
C THR D 1055 31.35 -20.74 -57.66
N ASP D 1056 31.84 -21.98 -57.60
CA ASP D 1056 31.32 -23.05 -58.45
C ASP D 1056 30.02 -23.64 -57.93
N ALA D 1057 29.63 -23.32 -56.69
CA ALA D 1057 28.45 -23.89 -56.07
C ALA D 1057 27.15 -23.20 -56.50
N ASP D 1058 27.18 -22.30 -57.47
CA ASP D 1058 25.98 -21.66 -57.98
C ASP D 1058 25.45 -22.44 -59.18
N TYR D 1059 24.13 -22.38 -59.38
CA TYR D 1059 23.50 -23.14 -60.45
C TYR D 1059 23.44 -22.39 -61.77
N ILE D 1060 23.36 -21.05 -61.74
CA ILE D 1060 23.18 -20.26 -62.96
C ILE D 1060 24.53 -19.76 -63.44
N LYS D 1061 25.38 -19.36 -62.47
CA LYS D 1061 26.73 -18.80 -62.57
C LYS D 1061 26.76 -17.36 -63.08
N LYS D 1062 25.63 -16.84 -63.56
CA LYS D 1062 25.58 -15.50 -64.14
C LYS D 1062 24.41 -14.75 -63.51
N TRP D 1063 24.69 -13.60 -62.91
CA TRP D 1063 23.69 -12.91 -62.12
C TRP D 1063 23.70 -11.41 -62.35
N LYS D 1064 22.55 -10.81 -62.03
CA LYS D 1064 22.31 -9.39 -62.10
C LYS D 1064 22.18 -8.86 -60.68
N LEU D 1065 23.10 -7.98 -60.29
CA LEU D 1065 23.12 -7.40 -58.96
C LEU D 1065 23.00 -5.89 -59.04
N TYR D 1066 22.68 -5.29 -57.90
CA TYR D 1066 22.47 -3.86 -57.79
C TYR D 1066 22.96 -3.41 -56.42
N SER D 1067 22.55 -2.20 -56.02
CA SER D 1067 22.82 -1.68 -54.69
C SER D 1067 21.61 -0.88 -54.26
N TYR D 1068 20.93 -1.33 -53.21
CA TYR D 1068 19.68 -0.73 -52.77
C TYR D 1068 19.80 -0.31 -51.31
N GLY D 1069 19.23 0.85 -50.98
CA GLY D 1069 19.19 1.33 -49.62
C GLY D 1069 20.42 2.10 -49.19
N ASN D 1070 20.93 1.80 -47.99
CA ASN D 1070 22.15 2.40 -47.47
C ASN D 1070 22.81 1.41 -46.52
N ARG D 1071 24.03 1.74 -46.09
CA ARG D 1071 24.78 0.84 -45.22
C ARG D 1071 25.34 1.60 -44.02
N ILE D 1072 25.76 0.84 -43.03
CA ILE D 1072 26.40 1.36 -41.83
C ILE D 1072 27.82 0.79 -41.82
N ARG D 1073 28.78 1.60 -42.26
CA ARG D 1073 30.19 1.26 -42.19
C ARG D 1073 30.62 1.46 -40.74
N ILE D 1074 30.96 0.36 -40.06
CA ILE D 1074 30.94 0.37 -38.60
C ILE D 1074 32.17 1.08 -38.03
N PHE D 1075 33.29 1.12 -38.76
CA PHE D 1075 34.50 1.75 -38.25
C PHE D 1075 35.32 2.32 -39.39
N ARG D 1076 35.65 3.60 -39.28
CA ARG D 1076 36.46 4.27 -40.30
C ARG D 1076 37.94 3.96 -40.11
N PHE D 1084 33.26 2.02 -31.55
CA PHE D 1084 33.21 2.30 -32.98
C PHE D 1084 32.92 3.76 -33.28
N ASP D 1085 32.56 4.05 -34.53
CA ASP D 1085 32.34 5.42 -34.99
C ASP D 1085 31.00 5.65 -35.66
N TRP D 1086 30.31 4.59 -36.11
CA TRP D 1086 29.00 4.65 -36.79
C TRP D 1086 29.07 5.53 -38.04
N GLU D 1087 29.85 5.07 -39.01
CA GLU D 1087 30.05 5.79 -40.27
C GLU D 1087 29.00 5.32 -41.28
N GLU D 1088 27.81 5.92 -41.20
CA GLU D 1088 26.71 5.56 -42.08
C GLU D 1088 27.00 6.07 -43.49
N VAL D 1089 27.10 5.14 -44.45
CA VAL D 1089 27.52 5.45 -45.80
C VAL D 1089 26.39 5.05 -46.76
N CYS D 1090 26.02 5.98 -47.65
CA CYS D 1090 25.02 5.72 -48.67
C CYS D 1090 25.67 5.04 -49.87
N LEU D 1091 24.96 4.96 -50.99
CA LEU D 1091 25.42 4.18 -52.14
C LEU D 1091 25.81 5.05 -53.33
N THR D 1092 24.89 5.90 -53.82
CA THR D 1092 25.23 6.71 -54.98
C THR D 1092 26.14 7.88 -54.61
N SER D 1093 26.12 8.31 -53.36
CA SER D 1093 26.97 9.41 -52.90
C SER D 1093 28.41 9.00 -52.74
N ALA D 1094 28.69 7.70 -52.59
CA ALA D 1094 30.06 7.22 -52.43
C ALA D 1094 30.73 6.97 -53.79
N TYR D 1095 30.02 6.32 -54.72
CA TYR D 1095 30.55 6.15 -56.06
C TYR D 1095 30.61 7.48 -56.81
N LYS D 1096 29.58 8.32 -56.66
CA LYS D 1096 29.68 9.67 -57.21
C LYS D 1096 30.63 10.56 -56.41
N GLU D 1097 30.89 10.21 -55.15
CA GLU D 1097 31.94 10.89 -54.40
C GLU D 1097 33.32 10.56 -54.96
N LEU D 1098 33.52 9.32 -55.40
CA LEU D 1098 34.80 8.90 -55.94
C LEU D 1098 35.04 9.23 -57.42
N PHE D 1099 33.94 9.31 -58.19
CA PHE D 1099 33.86 9.59 -59.64
C PHE D 1099 33.76 11.09 -59.94
N ASN D 1100 32.99 11.82 -59.13
CA ASN D 1100 33.15 13.27 -59.07
C ASN D 1100 34.48 13.64 -58.42
N LYS D 1101 34.92 12.87 -57.44
CA LYS D 1101 36.33 12.84 -57.10
C LYS D 1101 37.07 12.03 -58.17
N TYR D 1102 38.33 12.28 -58.36
CA TYR D 1102 39.18 11.75 -59.43
C TYR D 1102 38.67 11.98 -60.88
N GLY D 1103 37.45 12.50 -61.09
CA GLY D 1103 37.05 13.11 -62.35
C GLY D 1103 36.98 12.21 -63.55
N ILE D 1104 36.53 10.97 -63.39
CA ILE D 1104 36.41 10.06 -64.52
C ILE D 1104 34.96 10.04 -64.97
N ASN D 1105 34.75 9.59 -66.21
CA ASN D 1105 33.43 9.62 -66.82
C ASN D 1105 32.55 8.52 -66.25
N TYR D 1106 31.30 8.88 -65.90
CA TYR D 1106 30.36 7.91 -65.39
C TYR D 1106 28.95 8.11 -65.95
N GLN D 1107 28.77 8.98 -66.94
CA GLN D 1107 27.48 9.19 -67.59
C GLN D 1107 27.30 8.34 -68.83
N GLN D 1108 28.06 7.25 -68.96
CA GLN D 1108 28.02 6.40 -70.14
C GLN D 1108 27.90 4.94 -69.72
N GLY D 1109 27.38 4.12 -70.64
CA GLY D 1109 27.29 2.71 -70.39
C GLY D 1109 28.55 1.97 -70.81
N ASP D 1110 28.69 0.75 -70.26
CA ASP D 1110 29.81 -0.16 -70.50
C ASP D 1110 31.15 0.51 -70.17
N ILE D 1111 31.31 0.84 -68.89
CA ILE D 1111 32.51 1.51 -68.41
C ILE D 1111 33.36 0.56 -67.61
N ARG D 1112 33.24 -0.75 -67.89
CA ARG D 1112 34.06 -1.74 -67.21
C ARG D 1112 35.53 -1.67 -67.63
N ALA D 1113 35.82 -1.08 -68.79
CA ALA D 1113 37.20 -0.86 -69.21
C ALA D 1113 37.71 0.51 -68.83
N LEU D 1114 36.83 1.48 -68.60
CA LEU D 1114 37.25 2.80 -68.16
C LEU D 1114 37.69 2.78 -66.71
N LEU D 1115 37.16 1.85 -65.90
CA LEU D 1115 37.55 1.76 -64.51
C LEU D 1115 38.93 1.13 -64.35
N CYS D 1116 39.35 0.31 -65.31
CA CYS D 1116 40.66 -0.32 -65.26
C CYS D 1116 41.75 0.57 -65.82
N GLU D 1117 41.42 1.76 -66.33
CA GLU D 1117 42.42 2.66 -66.90
C GLU D 1117 43.28 3.33 -65.84
N GLN D 1118 42.82 3.38 -64.60
CA GLN D 1118 43.56 4.07 -63.55
C GLN D 1118 44.74 3.23 -63.08
N SER D 1119 45.80 3.92 -62.67
CA SER D 1119 46.99 3.28 -62.13
C SER D 1119 47.21 3.55 -60.65
N ASP D 1120 46.48 4.51 -60.07
CA ASP D 1120 46.56 4.74 -58.64
C ASP D 1120 45.93 3.59 -57.86
N LYS D 1121 46.33 3.47 -56.59
CA LYS D 1121 45.96 2.33 -55.78
C LYS D 1121 44.73 2.58 -54.90
N ALA D 1122 44.53 3.82 -54.46
CA ALA D 1122 43.40 4.14 -53.58
C ALA D 1122 42.05 4.07 -54.30
N PHE D 1123 42.06 4.15 -55.64
CA PHE D 1123 40.84 3.90 -56.40
C PHE D 1123 40.40 2.45 -56.27
N TYR D 1124 41.36 1.52 -56.42
CA TYR D 1124 41.04 0.11 -56.32
C TYR D 1124 40.75 -0.29 -54.87
N SER D 1125 41.45 0.31 -53.91
CA SER D 1125 41.20 0.02 -52.50
C SER D 1125 39.85 0.56 -52.05
N SER D 1126 39.48 1.75 -52.53
CA SER D 1126 38.17 2.29 -52.20
C SER D 1126 37.06 1.55 -52.92
N PHE D 1127 37.33 1.01 -54.11
CA PHE D 1127 36.31 0.22 -54.80
C PHE D 1127 36.12 -1.14 -54.12
N MET D 1128 37.21 -1.74 -53.63
CA MET D 1128 37.07 -2.96 -52.82
C MET D 1128 36.38 -2.66 -51.49
N ALA D 1129 36.56 -1.44 -50.97
CA ALA D 1129 35.82 -1.04 -49.77
C ALA D 1129 34.33 -0.94 -50.05
N LEU D 1130 33.95 -0.35 -51.19
CA LEU D 1130 32.53 -0.24 -51.53
C LEU D 1130 31.93 -1.60 -51.90
N MET D 1131 32.74 -2.52 -52.42
CA MET D 1131 32.27 -3.89 -52.56
C MET D 1131 32.10 -4.58 -51.21
N SER D 1132 32.95 -4.25 -50.24
CA SER D 1132 32.80 -4.84 -48.91
C SER D 1132 31.55 -4.32 -48.21
N LEU D 1133 31.26 -3.02 -48.35
CA LEU D 1133 30.02 -2.49 -47.80
C LEU D 1133 28.80 -2.98 -48.58
N MET D 1134 28.93 -3.19 -49.89
CA MET D 1134 27.78 -3.64 -50.66
C MET D 1134 27.45 -5.10 -50.35
N LEU D 1135 28.47 -5.91 -50.06
CA LEU D 1135 28.23 -7.31 -49.71
C LEU D 1135 28.14 -7.57 -48.22
N GLN D 1136 28.32 -6.55 -47.38
CA GLN D 1136 28.06 -6.70 -45.94
C GLN D 1136 26.57 -6.77 -45.73
N MET D 1137 26.06 -7.97 -45.49
CA MET D 1137 24.62 -8.14 -45.32
C MET D 1137 24.15 -7.79 -43.92
N ARG D 1138 25.00 -7.95 -42.90
CA ARG D 1138 24.65 -7.59 -41.53
C ARG D 1138 24.63 -6.08 -41.41
N ASN D 1139 23.46 -5.49 -41.66
CA ASN D 1139 23.28 -4.04 -41.59
C ASN D 1139 22.68 -3.63 -40.25
N SER D 1140 23.42 -3.92 -39.19
CA SER D 1140 23.00 -3.65 -37.83
C SER D 1140 23.55 -2.31 -37.36
N ILE D 1141 23.40 -2.01 -36.07
CA ILE D 1141 23.88 -0.78 -35.47
C ILE D 1141 24.97 -1.05 -34.43
N THR D 1142 24.78 -2.09 -33.59
CA THR D 1142 25.58 -2.46 -32.42
C THR D 1142 25.65 -1.34 -31.38
N GLY D 1143 24.68 -0.44 -31.38
CA GLY D 1143 24.53 0.55 -30.33
C GLY D 1143 23.22 0.38 -29.61
N ARG D 1144 22.25 1.22 -29.95
CA ARG D 1144 20.90 1.08 -29.43
C ARG D 1144 20.09 0.11 -30.28
N THR D 1145 19.00 -0.39 -29.71
CA THR D 1145 18.14 -1.35 -30.39
C THR D 1145 17.01 -0.62 -31.14
N ASP D 1146 17.41 0.30 -32.01
CA ASP D 1146 16.42 1.07 -32.77
C ASP D 1146 15.94 0.29 -33.98
N VAL D 1147 16.84 0.01 -34.93
CA VAL D 1147 16.54 -0.77 -36.12
C VAL D 1147 17.66 -1.78 -36.35
N ASP D 1148 17.44 -3.01 -35.91
CA ASP D 1148 18.35 -4.11 -36.22
C ASP D 1148 17.84 -4.84 -37.47
N PHE D 1149 18.00 -4.15 -38.60
CA PHE D 1149 17.38 -4.56 -39.85
C PHE D 1149 18.35 -5.37 -40.71
N LEU D 1150 17.79 -5.98 -41.75
CA LEU D 1150 18.52 -6.86 -42.66
C LEU D 1150 18.02 -6.57 -44.07
N ILE D 1151 18.70 -5.65 -44.76
CA ILE D 1151 18.34 -5.29 -46.13
C ILE D 1151 19.36 -5.93 -47.08
N SER D 1152 18.88 -6.41 -48.22
CA SER D 1152 19.69 -7.19 -49.14
C SER D 1152 19.97 -6.45 -50.44
N PRO D 1153 21.17 -6.57 -51.00
CA PRO D 1153 21.46 -5.92 -52.29
C PRO D 1153 20.96 -6.68 -53.51
N VAL D 1154 20.34 -7.84 -53.34
CA VAL D 1154 19.92 -8.69 -54.45
C VAL D 1154 18.40 -8.80 -54.43
N LYS D 1155 17.77 -8.43 -55.54
CA LYS D 1155 16.32 -8.58 -55.65
C LYS D 1155 15.99 -9.96 -56.23
N ASN D 1156 14.74 -10.38 -56.02
CA ASN D 1156 14.25 -11.64 -56.55
C ASN D 1156 13.75 -11.45 -57.98
N SER D 1157 13.04 -12.44 -58.51
CA SER D 1157 12.46 -12.32 -59.84
C SER D 1157 11.22 -11.43 -59.86
N ASP D 1158 10.67 -11.09 -58.69
CA ASP D 1158 9.55 -10.17 -58.64
C ASP D 1158 9.97 -8.73 -58.88
N GLY D 1159 11.24 -8.40 -58.68
CA GLY D 1159 11.76 -7.08 -58.93
C GLY D 1159 11.91 -6.18 -57.72
N ILE D 1160 11.50 -6.65 -56.54
CA ILE D 1160 11.57 -5.84 -55.32
C ILE D 1160 12.74 -6.34 -54.47
N PHE D 1161 13.41 -5.42 -53.78
CA PHE D 1161 14.47 -5.78 -52.86
C PHE D 1161 13.89 -6.07 -51.47
N TYR D 1162 14.61 -6.91 -50.73
CA TYR D 1162 14.20 -7.32 -49.39
C TYR D 1162 14.64 -6.26 -48.39
N ASP D 1163 13.68 -5.47 -47.91
CA ASP D 1163 13.91 -4.53 -46.80
C ASP D 1163 13.15 -5.07 -45.60
N SER D 1164 13.89 -5.45 -44.55
CA SER D 1164 13.29 -6.12 -43.40
C SER D 1164 12.52 -5.16 -42.50
N ARG D 1165 12.68 -3.85 -42.67
CA ARG D 1165 11.88 -2.90 -41.90
C ARG D 1165 10.43 -2.91 -42.34
N ASN D 1166 10.16 -3.26 -43.60
CA ASN D 1166 8.78 -3.35 -44.07
C ASN D 1166 8.12 -4.63 -43.60
N TYR D 1167 8.88 -5.72 -43.51
CA TYR D 1167 8.34 -7.03 -43.16
C TYR D 1167 8.51 -7.36 -41.68
N GLU D 1168 8.78 -6.37 -40.83
CA GLU D 1168 8.89 -6.62 -39.40
C GLU D 1168 7.58 -6.31 -38.67
N ALA D 1169 7.08 -5.09 -38.81
CA ALA D 1169 5.86 -4.66 -38.11
C ALA D 1169 4.63 -5.03 -38.94
N GLN D 1170 4.36 -6.34 -38.98
CA GLN D 1170 3.24 -6.88 -39.72
C GLN D 1170 2.50 -7.89 -38.85
N GLU D 1171 1.23 -8.13 -39.20
CA GLU D 1171 0.43 -9.10 -38.49
C GLU D 1171 0.60 -10.52 -39.03
N ASN D 1172 1.02 -10.67 -40.29
CA ASN D 1172 1.25 -11.96 -40.92
C ASN D 1172 2.55 -11.85 -41.70
N ALA D 1173 3.67 -12.18 -41.05
CA ALA D 1173 4.98 -12.04 -41.65
C ALA D 1173 5.23 -13.19 -42.61
N ILE D 1174 5.16 -12.91 -43.91
CA ILE D 1174 5.49 -13.92 -44.92
C ILE D 1174 7.00 -14.08 -45.07
N LEU D 1175 7.77 -13.12 -44.59
CA LEU D 1175 9.23 -13.13 -44.63
C LEU D 1175 9.77 -13.04 -43.21
N PRO D 1176 11.01 -13.51 -42.98
CA PRO D 1176 11.60 -13.39 -41.64
C PRO D 1176 11.84 -11.94 -41.23
N LYS D 1177 11.93 -11.73 -39.92
CA LYS D 1177 12.00 -10.39 -39.34
C LYS D 1177 13.42 -9.91 -39.09
N ASN D 1178 14.34 -10.80 -38.74
CA ASN D 1178 15.72 -10.42 -38.48
C ASN D 1178 16.63 -11.57 -38.88
N ALA D 1179 17.89 -11.50 -38.42
CA ALA D 1179 18.88 -12.52 -38.79
C ALA D 1179 18.64 -13.83 -38.07
N ASP D 1180 18.02 -13.79 -36.89
CA ASP D 1180 17.76 -15.02 -36.15
C ASP D 1180 16.63 -15.81 -36.79
N ALA D 1181 15.56 -15.13 -37.21
CA ALA D 1181 14.50 -15.78 -37.98
C ALA D 1181 15.00 -16.19 -39.37
N ASN D 1182 15.99 -15.47 -39.89
CA ASN D 1182 16.64 -15.88 -41.13
C ASN D 1182 17.35 -17.22 -40.96
N GLY D 1183 18.19 -17.34 -39.93
CA GLY D 1183 18.93 -18.56 -39.67
C GLY D 1183 18.09 -19.76 -39.32
N ALA D 1184 17.20 -19.59 -38.34
CA ALA D 1184 16.34 -20.70 -37.93
C ALA D 1184 15.31 -21.04 -39.00
N TYR D 1185 14.85 -20.04 -39.76
CA TYR D 1185 13.96 -20.30 -40.89
C TYR D 1185 14.68 -21.05 -42.01
N ASN D 1186 15.99 -20.82 -42.16
CA ASN D 1186 16.74 -21.56 -43.17
C ASN D 1186 17.05 -22.98 -42.72
N ILE D 1187 17.26 -23.20 -41.41
CA ILE D 1187 17.35 -24.58 -40.90
C ILE D 1187 16.02 -25.29 -41.10
N ALA D 1188 14.92 -24.56 -40.92
CA ALA D 1188 13.60 -25.08 -41.19
C ALA D 1188 13.43 -25.47 -42.66
N ARG D 1189 13.95 -24.63 -43.57
CA ARG D 1189 13.92 -25.00 -44.97
C ARG D 1189 14.90 -26.12 -45.30
N LYS D 1190 15.89 -26.36 -44.46
CA LYS D 1190 16.73 -27.54 -44.64
C LYS D 1190 15.96 -28.83 -44.32
N VAL D 1191 15.10 -28.80 -43.30
CA VAL D 1191 14.25 -29.97 -43.08
C VAL D 1191 13.14 -30.06 -44.13
N LEU D 1192 12.72 -28.91 -44.69
CA LEU D 1192 11.85 -28.97 -45.86
C LEU D 1192 12.55 -29.65 -47.04
N TRP D 1193 13.86 -29.43 -47.20
CA TRP D 1193 14.63 -30.19 -48.17
C TRP D 1193 14.72 -31.66 -47.80
N ALA D 1194 14.82 -31.97 -46.50
CA ALA D 1194 14.99 -33.36 -46.08
C ALA D 1194 13.71 -34.15 -46.26
N ILE D 1195 12.55 -33.50 -46.10
CA ILE D 1195 11.29 -34.13 -46.41
C ILE D 1195 11.10 -34.20 -47.92
N GLY D 1196 11.73 -33.28 -48.66
CA GLY D 1196 11.88 -33.49 -50.09
C GLY D 1196 12.66 -34.74 -50.44
N GLN D 1197 13.71 -35.03 -49.66
CA GLN D 1197 14.44 -36.28 -49.82
C GLN D 1197 13.60 -37.48 -49.38
N PHE D 1198 12.66 -37.28 -48.45
CA PHE D 1198 11.71 -38.33 -48.13
C PHE D 1198 10.73 -38.57 -49.26
N LYS D 1199 10.43 -37.52 -50.05
CA LYS D 1199 9.60 -37.68 -51.23
C LYS D 1199 10.36 -38.31 -52.40
N LYS D 1200 11.68 -38.14 -52.45
CA LYS D 1200 12.46 -38.73 -53.54
C LYS D 1200 12.73 -40.22 -53.31
N ALA D 1201 12.99 -40.60 -52.07
CA ALA D 1201 13.49 -41.94 -51.77
C ALA D 1201 12.36 -42.97 -51.80
N GLU D 1202 12.71 -44.24 -51.59
CA GLU D 1202 11.79 -45.36 -51.57
C GLU D 1202 11.34 -45.66 -50.15
N ASP D 1203 10.68 -46.81 -49.96
CA ASP D 1203 10.15 -47.18 -48.66
C ASP D 1203 11.26 -47.64 -47.71
N GLU D 1204 11.99 -48.69 -48.08
CA GLU D 1204 13.10 -49.17 -47.27
C GLU D 1204 14.35 -48.31 -47.42
N LYS D 1205 14.43 -47.48 -48.47
CA LYS D 1205 15.51 -46.53 -48.66
C LYS D 1205 15.55 -45.48 -47.56
N LEU D 1206 14.42 -45.26 -46.86
CA LEU D 1206 14.32 -44.46 -45.65
C LEU D 1206 15.17 -44.98 -44.49
N ASP D 1207 15.71 -46.20 -44.57
CA ASP D 1207 16.66 -46.65 -43.57
C ASP D 1207 17.98 -45.88 -43.64
N LYS D 1208 18.37 -45.44 -44.85
CA LYS D 1208 19.68 -44.81 -45.05
C LYS D 1208 19.58 -43.52 -45.87
N VAL D 1209 18.59 -42.68 -45.61
CA VAL D 1209 18.54 -41.37 -46.24
C VAL D 1209 19.53 -40.43 -45.55
N LYS D 1210 20.38 -39.79 -46.33
CA LYS D 1210 21.32 -38.80 -45.80
C LYS D 1210 20.54 -37.57 -45.32
N ILE D 1211 20.79 -37.17 -44.09
CA ILE D 1211 20.05 -36.07 -43.47
C ILE D 1211 21.01 -34.90 -43.27
N ALA D 1212 22.30 -35.21 -43.10
CA ALA D 1212 23.34 -34.18 -43.01
C ALA D 1212 23.47 -33.44 -44.34
N ILE D 1213 23.01 -32.20 -44.37
CA ILE D 1213 22.88 -31.45 -45.61
C ILE D 1213 24.23 -30.87 -46.02
N SER D 1214 24.45 -30.76 -47.33
CA SER D 1214 25.59 -30.05 -47.89
C SER D 1214 25.21 -28.59 -48.08
N ASN D 1215 26.04 -27.84 -48.81
CA ASN D 1215 25.79 -26.43 -49.09
C ASN D 1215 25.59 -26.14 -50.57
N LYS D 1216 26.11 -26.99 -51.47
CA LYS D 1216 25.93 -26.77 -52.90
C LYS D 1216 24.48 -26.99 -53.30
N GLU D 1217 23.90 -28.12 -52.89
CA GLU D 1217 22.48 -28.35 -53.10
C GLU D 1217 21.62 -27.50 -52.16
N TRP D 1218 22.21 -26.94 -51.11
CA TRP D 1218 21.50 -25.93 -50.33
C TRP D 1218 21.47 -24.57 -51.04
N LEU D 1219 22.48 -24.27 -51.85
CA LEU D 1219 22.35 -23.10 -52.72
C LEU D 1219 21.42 -23.39 -53.89
N GLU D 1220 21.38 -24.65 -54.35
CA GLU D 1220 20.45 -25.02 -55.42
C GLU D 1220 19.00 -24.95 -54.94
N TYR D 1221 18.70 -25.54 -53.79
CA TYR D 1221 17.36 -25.46 -53.23
C TYR D 1221 17.05 -24.04 -52.74
N ALA D 1222 18.08 -23.32 -52.28
CA ALA D 1222 17.88 -21.97 -51.77
C ALA D 1222 17.56 -20.99 -52.88
N GLN D 1223 18.08 -21.21 -54.09
CA GLN D 1223 17.80 -20.32 -55.20
C GLN D 1223 16.60 -20.78 -56.03
N THR D 1224 16.49 -22.07 -56.31
CA THR D 1224 15.50 -22.57 -57.25
C THR D 1224 14.15 -22.89 -56.61
N SER D 1225 13.99 -22.69 -55.30
CA SER D 1225 12.72 -22.95 -54.63
C SER D 1225 12.31 -21.78 -53.75
N VAL D 1226 12.45 -20.56 -54.28
CA VAL D 1226 11.98 -19.38 -53.54
C VAL D 1226 10.48 -19.18 -53.68
N LYS D 1227 9.86 -19.78 -54.70
CA LYS D 1227 8.43 -19.61 -54.94
C LYS D 1227 7.84 -20.80 -55.69
MG MG G . -18.13 17.54 -7.67
MG MG H . 1.58 -24.82 -6.94
MG MG I . 14.25 -17.99 -4.93
MG MG J . -13.01 19.18 7.17
#